data_1DPP
#
_entry.id   1DPP
#
_cell.length_a   182.570
_cell.length_b   182.570
_cell.length_c   211.880
_cell.angle_alpha   90.00
_cell.angle_beta   90.00
_cell.angle_gamma   120.00
#
_symmetry.space_group_name_H-M   'P 61'
#
loop_
_entity.id
_entity.type
_entity.pdbx_description
1 polymer 'DIPEPTIDE BINDING PROTEIN'
2 non-polymer GLYCINE
3 non-polymer LEUCINE
#
_entity_poly.entity_id   1
_entity_poly.type   'polypeptide(L)'
_entity_poly.pdbx_seq_one_letter_code
;KTLVYCSEGSPEGFNPQLFTSGTTYDASSVPLYNRLVEFKIGTTEVIPGLAEKWEVSEDGKTYTFHLRKGVKWHDNKEFK
PTRELNADDVVFSFDRQKNAQNPYHKVSGGSYEYFEGMGLPELISEVKKVDDNTVQFVLTRPEAPFLADLAMDFASILSK
EYADAMMKAGTPEKLDLNPIGTGPFQLQQYQKDSRIRYKAFDGYWGTKPQIDTLVFSITPDASVRYAKLQKNECQVMPYP
NPADIARMKQDKSINLMEMPGLNVGYLSYNVQKKPLDDVKVRQALTYAVNKDAIIKAVYQGAGVSAKNLIPPTMWGYNDD
VQDYTYDPEKAKALLKEAGLEKGFSIDLWAMPVQRPYNPNARRMAEMIQADWAKVGVQAKIVTYEWGEYLKRAKDGEHQT
VMMGWTGDNGDPDNFFATLFSCAASEQGSNYSKWCYKPFEDLIQPARATDDHNKRVELYKQAQVVMHDQAPALIIAHSTV
FEPVRKEVKGYVVDPLGKHHFENVSIE
;
_entity_poly.pdbx_strand_id   A,C,E,G
#
# COMPACT_ATOMS: atom_id res chain seq x y z
N LYS A 1 -23.56 40.12 33.72
CA LYS A 1 -24.43 38.96 33.35
C LYS A 1 -23.79 37.96 32.40
N THR A 2 -23.92 36.66 32.69
CA THR A 2 -23.31 35.62 31.86
C THR A 2 -24.30 34.88 30.96
N LEU A 3 -23.92 34.65 29.70
CA LEU A 3 -24.74 33.90 28.74
C LEU A 3 -23.93 32.69 28.28
N VAL A 4 -24.58 31.54 28.18
CA VAL A 4 -23.91 30.31 27.77
C VAL A 4 -24.53 29.71 26.51
N TYR A 5 -23.71 29.58 25.49
CA TYR A 5 -24.11 29.03 24.19
C TYR A 5 -23.57 27.61 24.08
N CYS A 6 -24.41 26.69 23.64
CA CYS A 6 -24.02 25.29 23.46
C CYS A 6 -23.56 25.13 22.00
N SER A 7 -22.25 25.23 21.74
CA SER A 7 -21.76 25.11 20.37
C SER A 7 -21.71 23.67 19.87
N GLU A 8 -21.86 23.50 18.57
CA GLU A 8 -21.87 22.18 17.94
C GLU A 8 -20.53 21.46 17.83
N GLY A 9 -19.43 22.18 17.99
CA GLY A 9 -18.12 21.56 17.87
C GLY A 9 -17.02 22.52 18.30
N SER A 10 -15.77 22.15 18.05
CA SER A 10 -14.65 23.00 18.45
C SER A 10 -14.14 23.85 17.31
N PRO A 11 -13.75 25.09 17.61
CA PRO A 11 -13.23 25.98 16.57
C PRO A 11 -11.89 25.47 16.09
N GLU A 12 -11.66 25.61 14.79
CA GLU A 12 -10.43 25.15 14.17
C GLU A 12 -9.23 25.99 14.59
N GLY A 13 -9.49 27.23 15.00
CA GLY A 13 -8.42 28.12 15.41
C GLY A 13 -8.99 29.51 15.61
N PHE A 14 -8.15 30.50 15.85
CA PHE A 14 -8.67 31.84 16.07
C PHE A 14 -8.38 32.95 15.06
N ASN A 15 -7.91 32.59 13.87
CA ASN A 15 -7.67 33.59 12.82
C ASN A 15 -8.59 33.18 11.69
N PRO A 16 -9.71 33.89 11.51
CA PRO A 16 -10.68 33.59 10.46
C PRO A 16 -10.13 33.53 9.04
N GLN A 17 -8.96 34.12 8.81
CA GLN A 17 -8.38 34.09 7.48
C GLN A 17 -8.07 32.69 7.02
N LEU A 18 -7.64 31.87 7.98
CA LEU A 18 -7.22 30.51 7.71
C LEU A 18 -8.28 29.42 7.60
N PHE A 19 -9.51 29.71 8.01
CA PHE A 19 -10.54 28.68 7.99
C PHE A 19 -11.79 29.00 7.21
N THR A 20 -12.70 28.03 7.14
CA THR A 20 -13.93 28.20 6.38
C THR A 20 -15.20 27.80 7.11
N SER A 21 -15.11 27.02 8.18
CA SER A 21 -16.32 26.58 8.86
C SER A 21 -16.96 27.63 9.76
N GLY A 22 -18.28 27.54 9.88
CA GLY A 22 -19.00 28.46 10.72
C GLY A 22 -18.62 28.21 12.16
N THR A 23 -18.39 26.95 12.49
CA THR A 23 -18.01 26.56 13.84
C THR A 23 -16.91 27.48 14.36
N THR A 24 -15.86 27.65 13.56
CA THR A 24 -14.77 28.51 13.97
C THR A 24 -15.15 30.00 13.93
N TYR A 25 -15.82 30.42 12.87
CA TYR A 25 -16.25 31.81 12.75
C TYR A 25 -17.04 32.31 13.97
N ASP A 26 -17.99 31.51 14.44
CA ASP A 26 -18.80 31.87 15.60
C ASP A 26 -17.94 32.12 16.84
N ALA A 27 -16.78 31.47 16.88
CA ALA A 27 -15.90 31.59 18.03
C ALA A 27 -14.71 32.49 17.78
N SER A 28 -14.49 32.88 16.54
CA SER A 28 -13.34 33.72 16.25
C SER A 28 -13.74 35.08 15.70
N SER A 29 -14.01 35.13 14.40
CA SER A 29 -14.39 36.34 13.73
C SER A 29 -15.55 37.08 14.38
N VAL A 30 -16.69 36.41 14.53
CA VAL A 30 -17.86 37.05 15.11
C VAL A 30 -17.68 37.71 16.48
N PRO A 31 -17.12 36.99 17.46
CA PRO A 31 -16.97 37.67 18.75
C PRO A 31 -15.76 38.55 18.93
N LEU A 32 -14.66 38.27 18.24
CA LEU A 32 -13.40 38.99 18.53
C LEU A 32 -12.93 40.04 17.49
N TYR A 33 -13.39 39.97 16.25
CA TYR A 33 -12.86 40.91 15.24
C TYR A 33 -13.90 41.79 14.58
N ASN A 34 -13.44 42.57 13.60
CA ASN A 34 -14.30 43.47 12.83
C ASN A 34 -13.79 43.56 11.41
N ARG A 35 -14.61 44.08 10.51
CA ARG A 35 -14.22 44.24 9.12
C ARG A 35 -14.43 45.70 8.78
N LEU A 36 -13.81 46.15 7.70
CA LEU A 36 -13.96 47.54 7.28
C LEU A 36 -15.44 47.89 7.21
N VAL A 37 -16.23 46.99 6.63
CA VAL A 37 -17.66 47.20 6.53
C VAL A 37 -18.31 45.97 7.19
N GLU A 38 -19.59 46.07 7.59
CA GLU A 38 -20.28 44.97 8.27
C GLU A 38 -21.70 44.77 7.76
N PHE A 39 -22.38 43.72 8.23
CA PHE A 39 -23.75 43.46 7.83
C PHE A 39 -24.65 43.73 9.03
N LYS A 40 -25.79 44.39 8.81
CA LYS A 40 -26.72 44.64 9.91
C LYS A 40 -27.23 43.27 10.31
N ILE A 41 -27.09 42.93 11.58
CA ILE A 41 -27.52 41.62 12.07
C ILE A 41 -28.90 41.23 11.60
N GLY A 42 -28.98 40.07 10.94
CA GLY A 42 -30.26 39.58 10.45
C GLY A 42 -30.57 39.94 9.01
N THR A 43 -29.74 40.79 8.43
CA THR A 43 -29.93 41.24 7.06
C THR A 43 -28.63 41.03 6.29
N THR A 44 -28.64 41.41 5.02
CA THR A 44 -27.45 41.30 4.16
C THR A 44 -27.12 42.71 3.69
N GLU A 45 -27.35 43.69 4.55
CA GLU A 45 -27.13 45.09 4.22
C GLU A 45 -25.81 45.60 4.80
N VAL A 46 -24.95 46.20 3.97
CA VAL A 46 -23.68 46.70 4.50
C VAL A 46 -23.88 47.94 5.34
N ILE A 47 -23.14 48.00 6.43
CA ILE A 47 -23.19 49.06 7.42
C ILE A 47 -21.74 49.36 7.72
N PRO A 48 -21.38 50.64 7.91
CA PRO A 48 -19.97 50.94 8.21
C PRO A 48 -19.47 50.16 9.43
N GLY A 49 -18.25 49.66 9.32
CA GLY A 49 -17.67 48.91 10.41
C GLY A 49 -16.45 49.68 10.84
N LEU A 50 -15.28 49.09 10.69
CA LEU A 50 -14.06 49.78 11.06
C LEU A 50 -13.85 50.98 10.14
N ALA A 51 -14.47 50.93 8.97
CA ALA A 51 -14.39 52.03 8.03
C ALA A 51 -15.62 52.86 8.25
N GLU A 52 -15.40 54.14 8.56
CA GLU A 52 -16.48 55.09 8.82
C GLU A 52 -17.27 55.38 7.55
N LYS A 53 -16.56 55.53 6.44
CA LYS A 53 -17.20 55.80 5.15
C LYS A 53 -16.24 55.41 4.03
N TRP A 54 -16.77 55.28 2.81
CA TRP A 54 -15.96 54.87 1.69
C TRP A 54 -16.48 55.44 0.38
N GLU A 55 -15.62 55.47 -0.63
CA GLU A 55 -16.00 55.96 -1.96
C GLU A 55 -15.53 54.96 -3.01
N VAL A 56 -16.26 54.87 -4.11
CA VAL A 56 -15.89 53.96 -5.19
C VAL A 56 -15.67 54.81 -6.43
N SER A 57 -14.56 54.58 -7.12
CA SER A 57 -14.24 55.33 -8.33
C SER A 57 -15.28 55.13 -9.44
N GLU A 58 -15.33 56.05 -10.39
CA GLU A 58 -16.29 55.92 -11.49
C GLU A 58 -16.04 54.64 -12.27
N ASP A 59 -14.77 54.30 -12.47
CA ASP A 59 -14.42 53.07 -13.20
C ASP A 59 -14.72 51.83 -12.36
N GLY A 60 -15.00 52.04 -11.09
CA GLY A 60 -15.33 50.94 -10.20
C GLY A 60 -14.15 50.06 -9.87
N LYS A 61 -12.94 50.58 -10.08
CA LYS A 61 -11.74 49.81 -9.79
C LYS A 61 -10.95 50.30 -8.57
N THR A 62 -11.44 51.33 -7.90
CA THR A 62 -10.74 51.86 -6.73
C THR A 62 -11.67 52.11 -5.56
N TYR A 63 -11.51 51.36 -4.49
CA TYR A 63 -12.32 51.54 -3.30
C TYR A 63 -11.46 52.27 -2.29
N THR A 64 -11.99 53.36 -1.75
CA THR A 64 -11.27 54.16 -0.77
C THR A 64 -12.02 54.12 0.55
N PHE A 65 -11.36 53.62 1.59
CA PHE A 65 -11.98 53.52 2.91
C PHE A 65 -11.36 54.45 3.91
N HIS A 66 -12.22 55.12 4.67
CA HIS A 66 -11.80 56.06 5.71
C HIS A 66 -11.99 55.39 7.05
N LEU A 67 -10.90 54.97 7.66
CA LEU A 67 -10.95 54.32 8.95
C LEU A 67 -11.44 55.29 10.01
N ARG A 68 -12.25 54.80 10.94
CA ARG A 68 -12.75 55.66 12.02
C ARG A 68 -11.66 55.71 13.09
N LYS A 69 -11.65 56.78 13.88
CA LYS A 69 -10.64 56.94 14.92
C LYS A 69 -11.08 56.49 16.31
N GLY A 70 -10.10 56.24 17.18
CA GLY A 70 -10.40 55.84 18.53
C GLY A 70 -10.87 54.41 18.68
N VAL A 71 -10.37 53.55 17.82
CA VAL A 71 -10.72 52.14 17.86
C VAL A 71 -9.62 51.43 18.64
N LYS A 72 -9.97 50.91 19.81
CA LYS A 72 -8.99 50.22 20.64
C LYS A 72 -8.91 48.72 20.35
N TRP A 73 -7.73 48.16 20.58
CA TRP A 73 -7.44 46.74 20.39
C TRP A 73 -7.45 46.05 21.76
N HIS A 74 -7.67 44.74 21.78
CA HIS A 74 -7.69 43.98 23.04
C HIS A 74 -6.30 43.92 23.64
N ASP A 75 -6.21 43.48 24.90
CA ASP A 75 -4.95 43.34 25.60
C ASP A 75 -4.81 41.87 26.00
N ASN A 76 -3.61 41.34 25.84
CA ASN A 76 -3.30 39.95 26.14
C ASN A 76 -2.23 39.96 27.23
N LYS A 77 -2.01 38.81 27.85
CA LYS A 77 -0.98 38.68 28.89
C LYS A 77 0.37 39.03 28.31
N GLU A 78 0.58 38.65 27.05
CA GLU A 78 1.84 38.91 26.37
C GLU A 78 1.83 40.17 25.51
N PHE A 79 0.74 40.94 25.53
CA PHE A 79 0.68 42.12 24.67
C PHE A 79 -0.30 43.20 25.08
N LYS A 80 0.14 44.45 25.00
CA LYS A 80 -0.70 45.59 25.31
C LYS A 80 -0.47 46.64 24.21
N PRO A 81 -1.53 47.00 23.49
CA PRO A 81 -1.47 47.98 22.40
C PRO A 81 -1.04 49.37 22.84
N THR A 82 -0.20 50.02 22.03
CA THR A 82 0.28 51.36 22.33
C THR A 82 -0.46 52.40 21.48
N ARG A 83 -0.92 51.98 20.31
CA ARG A 83 -1.65 52.86 19.41
C ARG A 83 -3.01 52.27 19.08
N GLU A 84 -3.84 53.06 18.42
CA GLU A 84 -5.17 52.62 18.05
C GLU A 84 -5.15 52.12 16.60
N LEU A 85 -6.32 51.80 16.06
CA LEU A 85 -6.39 51.32 14.68
C LEU A 85 -5.86 52.35 13.70
N ASN A 86 -5.15 51.89 12.68
CA ASN A 86 -4.61 52.75 11.64
C ASN A 86 -4.50 51.97 10.33
N ALA A 87 -4.27 52.67 9.23
CA ALA A 87 -4.17 52.04 7.92
C ALA A 87 -3.17 50.91 7.86
N ASP A 88 -2.15 50.95 8.70
CA ASP A 88 -1.13 49.91 8.73
C ASP A 88 -1.70 48.56 9.06
N ASP A 89 -2.72 48.54 9.91
CA ASP A 89 -3.36 47.29 10.28
C ASP A 89 -4.06 46.68 9.06
N VAL A 90 -4.93 47.47 8.45
CA VAL A 90 -5.68 47.03 7.28
C VAL A 90 -4.76 46.53 6.17
N VAL A 91 -3.72 47.29 5.86
CA VAL A 91 -2.81 46.88 4.80
C VAL A 91 -2.15 45.56 5.17
N PHE A 92 -1.74 45.43 6.43
CA PHE A 92 -1.12 44.19 6.86
C PHE A 92 -2.05 43.00 6.66
N SER A 93 -3.26 43.12 7.20
CA SER A 93 -4.27 42.07 7.12
C SER A 93 -4.41 41.50 5.72
N PHE A 94 -4.48 42.38 4.73
CA PHE A 94 -4.63 41.93 3.36
C PHE A 94 -3.34 41.53 2.69
N ASP A 95 -2.24 42.21 3.03
CA ASP A 95 -0.98 41.88 2.41
C ASP A 95 -0.56 40.47 2.81
N ARG A 96 -0.77 40.14 4.09
CA ARG A 96 -0.41 38.82 4.59
C ARG A 96 -0.97 37.75 3.68
N GLN A 97 -2.18 37.96 3.22
CA GLN A 97 -2.83 36.98 2.37
C GLN A 97 -2.35 37.02 0.94
N LYS A 98 -2.28 38.21 0.37
CA LYS A 98 -1.86 38.36 -1.01
C LYS A 98 -0.37 38.18 -1.31
N ASN A 99 0.47 38.88 -0.57
CA ASN A 99 1.91 38.88 -0.77
C ASN A 99 2.67 37.71 -0.17
N ALA A 100 3.24 36.90 -1.04
CA ALA A 100 4.02 35.74 -0.61
C ALA A 100 5.30 36.15 0.11
N GLN A 101 5.69 37.41 -0.01
CA GLN A 101 6.90 37.90 0.63
C GLN A 101 6.71 38.36 2.07
N ASN A 102 5.45 38.59 2.45
CA ASN A 102 5.15 39.02 3.82
C ASN A 102 5.62 37.91 4.76
N PRO A 103 6.32 38.28 5.83
CA PRO A 103 6.84 37.32 6.82
C PRO A 103 5.77 36.36 7.34
N TYR A 104 4.57 36.91 7.57
CA TYR A 104 3.45 36.14 8.08
C TYR A 104 2.73 35.28 7.07
N HIS A 105 3.02 35.49 5.79
CA HIS A 105 2.32 34.74 4.75
C HIS A 105 2.34 33.23 4.94
N LYS A 106 3.47 32.66 5.32
CA LYS A 106 3.55 31.21 5.48
C LYS A 106 3.25 30.74 6.90
N VAL A 107 3.07 31.69 7.82
CA VAL A 107 2.80 31.36 9.21
C VAL A 107 1.49 30.59 9.32
N SER A 108 1.49 29.55 10.14
CA SER A 108 0.32 28.70 10.34
C SER A 108 -0.12 28.00 9.07
N GLY A 109 0.82 27.66 8.20
CA GLY A 109 0.47 26.95 6.98
C GLY A 109 0.22 27.82 5.78
N GLY A 110 -0.21 29.06 5.99
CA GLY A 110 -0.47 29.95 4.87
C GLY A 110 -1.56 29.47 3.93
N SER A 111 -2.64 28.96 4.51
CA SER A 111 -3.78 28.46 3.74
C SER A 111 -4.89 29.50 3.73
N TYR A 112 -4.74 30.53 2.92
CA TYR A 112 -5.75 31.57 2.82
C TYR A 112 -6.82 31.09 1.85
N GLU A 113 -7.55 30.07 2.28
CA GLU A 113 -8.60 29.43 1.48
C GLU A 113 -9.58 30.38 0.78
N TYR A 114 -10.30 31.21 1.54
CA TYR A 114 -11.26 32.12 0.92
C TYR A 114 -10.58 33.09 -0.05
N PHE A 115 -9.58 33.82 0.44
CA PHE A 115 -8.85 34.80 -0.35
C PHE A 115 -8.48 34.20 -1.69
N GLU A 116 -7.77 33.09 -1.67
CA GLU A 116 -7.35 32.43 -2.89
C GLU A 116 -8.53 31.89 -3.70
N GLY A 117 -9.44 31.20 -3.04
CA GLY A 117 -10.61 30.66 -3.72
C GLY A 117 -11.44 31.70 -4.42
N MET A 118 -11.51 32.90 -3.86
CA MET A 118 -12.30 33.96 -4.45
C MET A 118 -11.52 34.67 -5.55
N GLY A 119 -10.31 34.20 -5.80
CA GLY A 119 -9.49 34.80 -6.84
C GLY A 119 -9.05 36.20 -6.49
N LEU A 120 -8.94 36.50 -5.20
CA LEU A 120 -8.52 37.82 -4.81
C LEU A 120 -7.10 38.21 -5.22
N PRO A 121 -6.15 37.26 -5.26
CA PRO A 121 -4.78 37.64 -5.65
C PRO A 121 -4.71 38.28 -7.03
N GLU A 122 -5.58 37.85 -7.93
CA GLU A 122 -5.59 38.42 -9.27
C GLU A 122 -6.46 39.69 -9.31
N LEU A 123 -7.51 39.72 -8.50
CA LEU A 123 -8.43 40.85 -8.48
C LEU A 123 -7.82 42.08 -7.85
N ILE A 124 -7.28 41.92 -6.65
CA ILE A 124 -6.67 43.05 -5.96
C ILE A 124 -5.30 43.30 -6.57
N SER A 125 -5.09 44.49 -7.11
CA SER A 125 -3.81 44.86 -7.71
C SER A 125 -2.90 45.38 -6.62
N GLU A 126 -3.45 46.22 -5.74
CA GLU A 126 -2.67 46.76 -4.63
C GLU A 126 -3.53 47.32 -3.53
N VAL A 127 -3.02 47.26 -2.31
CA VAL A 127 -3.69 47.76 -1.13
C VAL A 127 -2.86 48.95 -0.62
N LYS A 128 -3.19 50.13 -1.13
CA LYS A 128 -2.50 51.37 -0.80
C LYS A 128 -2.88 51.91 0.58
N LYS A 129 -1.97 52.69 1.13
CA LYS A 129 -2.16 53.37 2.40
C LYS A 129 -2.07 54.84 2.01
N VAL A 130 -3.21 55.49 1.80
CA VAL A 130 -3.19 56.91 1.42
C VAL A 130 -2.67 57.74 2.59
N ASP A 131 -3.16 57.46 3.79
CA ASP A 131 -2.70 58.12 5.00
C ASP A 131 -3.15 57.29 6.19
N ASP A 132 -2.60 57.57 7.36
CA ASP A 132 -2.93 56.83 8.58
C ASP A 132 -4.39 56.43 8.81
N ASN A 133 -5.34 57.13 8.18
CA ASN A 133 -6.75 56.79 8.38
C ASN A 133 -7.48 56.59 7.06
N THR A 134 -6.74 56.29 6.00
CA THR A 134 -7.36 56.10 4.70
C THR A 134 -6.62 55.00 3.93
N VAL A 135 -7.34 53.92 3.61
CA VAL A 135 -6.79 52.79 2.88
C VAL A 135 -7.41 52.77 1.50
N GLN A 136 -6.69 52.25 0.51
CA GLN A 136 -7.20 52.23 -0.84
C GLN A 136 -6.98 50.89 -1.51
N PHE A 137 -8.05 50.32 -2.07
CA PHE A 137 -7.98 49.05 -2.77
C PHE A 137 -8.06 49.36 -4.25
N VAL A 138 -7.08 48.90 -5.01
CA VAL A 138 -7.07 49.14 -6.45
C VAL A 138 -7.21 47.79 -7.12
N LEU A 139 -8.36 47.54 -7.73
CA LEU A 139 -8.63 46.26 -8.40
C LEU A 139 -8.23 46.27 -9.86
N THR A 140 -8.06 45.09 -10.43
CA THR A 140 -7.68 44.97 -11.84
C THR A 140 -8.89 45.08 -12.75
N ARG A 141 -10.08 44.99 -12.17
CA ARG A 141 -11.33 45.08 -12.91
C ARG A 141 -12.41 45.30 -11.86
N PRO A 142 -13.59 45.79 -12.27
CA PRO A 142 -14.64 46.00 -11.28
C PRO A 142 -15.23 44.66 -10.79
N GLU A 143 -15.49 44.57 -9.49
CA GLU A 143 -16.06 43.35 -8.90
C GLU A 143 -17.36 43.77 -8.24
N ALA A 144 -18.49 43.43 -8.84
CA ALA A 144 -19.78 43.80 -8.28
C ALA A 144 -19.94 43.56 -6.78
N PRO A 145 -19.72 42.32 -6.31
CA PRO A 145 -19.88 42.08 -4.87
C PRO A 145 -18.67 42.42 -3.98
N PHE A 146 -17.74 43.23 -4.45
CA PHE A 146 -16.57 43.54 -3.65
C PHE A 146 -16.86 44.15 -2.29
N LEU A 147 -17.72 45.15 -2.24
CA LEU A 147 -18.04 45.81 -0.99
C LEU A 147 -18.51 44.73 -0.02
N ALA A 148 -19.44 43.90 -0.48
CA ALA A 148 -19.96 42.83 0.35
C ALA A 148 -18.82 41.93 0.78
N ASP A 149 -17.99 41.51 -0.18
CA ASP A 149 -16.87 40.63 0.10
C ASP A 149 -16.07 41.08 1.34
N LEU A 150 -15.86 42.38 1.45
CA LEU A 150 -15.09 42.92 2.56
C LEU A 150 -15.74 42.79 3.93
N ALA A 151 -17.04 42.55 3.95
CA ALA A 151 -17.77 42.40 5.20
C ALA A 151 -17.68 40.96 5.72
N MET A 152 -17.13 40.07 4.90
CA MET A 152 -17.00 38.67 5.27
C MET A 152 -15.93 38.40 6.31
N ASP A 153 -16.04 37.25 6.97
CA ASP A 153 -15.12 36.87 8.03
C ASP A 153 -13.64 36.84 7.70
N PHE A 154 -13.28 36.44 6.48
CA PHE A 154 -11.88 36.40 6.12
C PHE A 154 -11.29 37.81 6.05
N ALA A 155 -12.15 38.79 5.79
CA ALA A 155 -11.72 40.18 5.66
C ALA A 155 -11.59 40.90 7.00
N SER A 156 -11.46 40.11 8.07
CA SER A 156 -11.29 40.64 9.42
C SER A 156 -9.93 41.28 9.53
N ILE A 157 -9.87 42.42 10.20
CA ILE A 157 -8.61 43.14 10.38
C ILE A 157 -7.84 42.65 11.62
N LEU A 158 -6.60 42.22 11.40
CA LEU A 158 -5.72 41.75 12.45
C LEU A 158 -4.79 42.90 12.83
N SER A 159 -4.14 42.83 13.99
CA SER A 159 -3.24 43.91 14.43
C SER A 159 -1.80 43.82 13.94
N LYS A 160 -1.39 44.83 13.17
CA LYS A 160 -0.03 44.89 12.66
C LYS A 160 0.97 45.00 13.81
N GLU A 161 0.59 45.76 14.84
CA GLU A 161 1.46 45.93 15.99
C GLU A 161 1.71 44.59 16.69
N TYR A 162 0.63 43.91 17.06
CA TYR A 162 0.72 42.61 17.73
C TYR A 162 1.52 41.66 16.85
N ALA A 163 1.30 41.76 15.54
CA ALA A 163 2.00 40.91 14.59
C ALA A 163 3.49 41.17 14.69
N ASP A 164 3.88 42.44 14.75
CA ASP A 164 5.28 42.78 14.88
C ASP A 164 5.85 42.26 16.20
N ALA A 165 5.09 42.46 17.27
CA ALA A 165 5.51 42.00 18.59
C ALA A 165 5.88 40.53 18.57
N MET A 166 4.98 39.67 18.11
CA MET A 166 5.24 38.25 18.06
C MET A 166 6.38 37.92 17.11
N MET A 167 6.57 38.77 16.10
CA MET A 167 7.63 38.58 15.13
C MET A 167 8.98 38.71 15.83
N LYS A 168 9.11 39.75 16.65
CA LYS A 168 10.34 40.02 17.38
C LYS A 168 10.57 38.94 18.44
N ALA A 169 9.50 38.59 19.14
CA ALA A 169 9.58 37.57 20.19
C ALA A 169 9.87 36.18 19.61
N GLY A 170 9.88 36.05 18.29
CA GLY A 170 10.16 34.78 17.66
C GLY A 170 9.04 33.75 17.73
N THR A 171 7.82 34.22 18.00
CA THR A 171 6.67 33.35 18.09
C THR A 171 5.44 33.89 17.35
N PRO A 172 5.56 34.05 16.02
CA PRO A 172 4.48 34.57 15.17
C PRO A 172 3.18 33.77 15.21
N GLU A 173 3.28 32.48 15.50
CA GLU A 173 2.10 31.61 15.57
C GLU A 173 1.08 32.16 16.54
N LYS A 174 1.57 32.77 17.62
CA LYS A 174 0.68 33.31 18.65
C LYS A 174 -0.33 34.32 18.11
N LEU A 175 0.00 34.97 17.00
CA LEU A 175 -0.90 35.93 16.38
C LEU A 175 -2.18 35.21 15.97
N ASP A 176 -2.01 33.98 15.50
CA ASP A 176 -3.11 33.15 15.03
C ASP A 176 -3.73 32.33 16.13
N LEU A 177 -2.98 32.11 17.21
CA LEU A 177 -3.49 31.28 18.28
C LEU A 177 -4.04 32.02 19.48
N ASN A 178 -3.45 33.17 19.79
CA ASN A 178 -3.88 33.99 20.91
C ASN A 178 -4.34 35.30 20.26
N PRO A 179 -5.63 35.36 19.89
CA PRO A 179 -6.30 36.48 19.23
C PRO A 179 -6.41 37.81 19.95
N ILE A 180 -6.07 38.86 19.21
CA ILE A 180 -6.18 40.23 19.68
C ILE A 180 -6.93 40.92 18.54
N GLY A 181 -8.16 41.34 18.81
CA GLY A 181 -8.95 41.99 17.79
C GLY A 181 -9.54 43.27 18.34
N THR A 182 -10.48 43.88 17.62
CA THR A 182 -11.12 45.12 18.05
C THR A 182 -12.57 44.85 18.39
N GLY A 183 -12.98 43.59 18.26
CA GLY A 183 -14.36 43.20 18.50
C GLY A 183 -14.91 43.40 19.89
N PRO A 184 -16.24 43.28 20.02
CA PRO A 184 -16.99 43.45 21.26
C PRO A 184 -16.58 42.51 22.39
N PHE A 185 -16.09 41.32 22.06
CA PHE A 185 -15.66 40.39 23.11
C PHE A 185 -14.18 40.12 23.01
N GLN A 186 -13.60 39.57 24.07
CA GLN A 186 -12.19 39.23 24.04
C GLN A 186 -11.96 37.89 24.72
N LEU A 187 -11.26 37.01 24.02
CA LEU A 187 -10.98 35.67 24.51
C LEU A 187 -10.31 35.77 25.87
N GLN A 188 -10.86 35.07 26.84
CA GLN A 188 -10.29 35.05 28.17
C GLN A 188 -9.60 33.71 28.40
N GLN A 189 -10.30 32.63 28.08
CA GLN A 189 -9.74 31.30 28.27
C GLN A 189 -10.35 30.30 27.31
N TYR A 190 -9.53 29.38 26.81
CA TYR A 190 -9.99 28.34 25.90
C TYR A 190 -9.49 26.96 26.30
N GLN A 191 -10.44 26.09 26.66
CA GLN A 191 -10.10 24.73 27.05
C GLN A 191 -10.53 23.84 25.87
N LYS A 192 -9.52 23.31 25.18
CA LYS A 192 -9.72 22.47 23.99
C LYS A 192 -10.89 21.51 24.06
N ASP A 193 -11.74 21.59 23.04
CA ASP A 193 -12.92 20.75 22.90
C ASP A 193 -13.81 20.73 24.15
N SER A 194 -13.83 21.81 24.92
CA SER A 194 -14.66 21.84 26.11
C SER A 194 -15.40 23.17 26.34
N ARG A 195 -14.68 24.23 26.71
CA ARG A 195 -15.31 25.51 26.96
C ARG A 195 -14.46 26.67 26.48
N ILE A 196 -15.11 27.74 26.06
CA ILE A 196 -14.42 28.94 25.62
C ILE A 196 -15.09 30.05 26.41
N ARG A 197 -14.29 30.89 27.06
CA ARG A 197 -14.82 31.99 27.85
C ARG A 197 -14.38 33.31 27.26
N TYR A 198 -15.31 34.23 27.09
CA TYR A 198 -15.00 35.55 26.56
C TYR A 198 -15.51 36.58 27.56
N LYS A 199 -14.84 37.71 27.63
CA LYS A 199 -15.26 38.81 28.50
C LYS A 199 -15.63 39.94 27.55
N ALA A 200 -16.61 40.75 27.95
CA ALA A 200 -17.01 41.87 27.12
C ALA A 200 -15.86 42.86 27.12
N PHE A 201 -15.56 43.43 25.97
CA PHE A 201 -14.48 44.40 25.85
C PHE A 201 -14.99 45.77 26.27
N ASP A 202 -14.33 46.37 27.25
CA ASP A 202 -14.73 47.69 27.75
C ASP A 202 -14.39 48.80 26.79
N GLY A 203 -13.24 48.68 26.12
CA GLY A 203 -12.83 49.70 25.17
C GLY A 203 -13.36 49.53 23.77
N TYR A 204 -14.41 48.73 23.61
CA TYR A 204 -15.01 48.49 22.30
C TYR A 204 -15.48 49.80 21.70
N TRP A 205 -15.19 49.98 20.42
CA TRP A 205 -15.57 51.21 19.72
C TRP A 205 -17.08 51.40 19.57
N GLY A 206 -17.83 50.32 19.53
CA GLY A 206 -19.27 50.43 19.36
C GLY A 206 -20.06 50.26 20.64
N THR A 207 -21.31 49.80 20.51
CA THR A 207 -22.19 49.58 21.65
C THR A 207 -21.74 48.34 22.44
N LYS A 208 -21.30 48.55 23.68
CA LYS A 208 -20.87 47.43 24.50
C LYS A 208 -21.98 46.39 24.70
N PRO A 209 -21.63 45.11 24.66
CA PRO A 209 -22.61 44.04 24.85
C PRO A 209 -23.13 44.02 26.29
N GLN A 210 -24.41 43.76 26.44
CA GLN A 210 -25.01 43.73 27.77
C GLN A 210 -24.66 42.48 28.56
N ILE A 211 -23.99 41.55 27.89
CA ILE A 211 -23.54 40.30 28.50
C ILE A 211 -22.13 40.56 29.00
N ASP A 212 -21.91 40.38 30.29
CA ASP A 212 -20.58 40.60 30.84
C ASP A 212 -19.65 39.44 30.50
N THR A 213 -20.20 38.23 30.44
CA THR A 213 -19.41 37.04 30.14
C THR A 213 -20.12 36.11 29.15
N LEU A 214 -19.39 35.70 28.13
CA LEU A 214 -19.94 34.81 27.10
C LEU A 214 -19.18 33.51 27.18
N VAL A 215 -19.92 32.40 27.26
CA VAL A 215 -19.30 31.11 27.36
C VAL A 215 -19.84 30.12 26.33
N PHE A 216 -18.94 29.48 25.62
CA PHE A 216 -19.32 28.48 24.63
C PHE A 216 -19.07 27.14 25.30
N SER A 217 -20.12 26.37 25.51
CA SER A 217 -19.97 25.04 26.10
C SER A 217 -20.06 24.11 24.89
N ILE A 218 -18.92 23.59 24.45
CA ILE A 218 -18.88 22.71 23.29
C ILE A 218 -19.63 21.43 23.54
N THR A 219 -20.84 21.35 22.98
CA THR A 219 -21.70 20.19 23.13
C THR A 219 -22.08 19.67 21.75
N PRO A 220 -21.29 18.73 21.20
CA PRO A 220 -21.51 18.14 19.88
C PRO A 220 -22.76 17.30 19.66
N ASP A 221 -23.38 16.84 20.74
CA ASP A 221 -24.59 16.02 20.61
C ASP A 221 -25.87 16.87 20.65
N ALA A 222 -26.59 16.90 19.54
CA ALA A 222 -27.82 17.67 19.43
C ALA A 222 -28.82 17.37 20.55
N SER A 223 -28.97 16.09 20.90
CA SER A 223 -29.90 15.69 21.95
C SER A 223 -29.48 16.25 23.30
N VAL A 224 -28.17 16.26 23.54
CA VAL A 224 -27.62 16.79 24.78
C VAL A 224 -27.79 18.31 24.80
N ARG A 225 -27.57 18.96 23.66
CA ARG A 225 -27.74 20.40 23.61
C ARG A 225 -29.14 20.73 24.08
N TYR A 226 -30.12 19.98 23.57
CA TYR A 226 -31.51 20.20 23.95
C TYR A 226 -31.66 19.95 25.44
N ALA A 227 -31.05 18.86 25.92
CA ALA A 227 -31.13 18.55 27.33
C ALA A 227 -30.70 19.77 28.14
N LYS A 228 -29.49 20.26 27.85
CA LYS A 228 -28.96 21.40 28.55
C LYS A 228 -29.85 22.63 28.44
N LEU A 229 -30.50 22.81 27.30
CA LEU A 229 -31.37 23.96 27.09
C LEU A 229 -32.52 23.93 28.09
N GLN A 230 -33.13 22.77 28.25
CA GLN A 230 -34.24 22.60 29.17
C GLN A 230 -33.82 22.94 30.59
N LYS A 231 -32.70 22.37 31.02
CA LYS A 231 -32.19 22.61 32.35
C LYS A 231 -31.55 23.99 32.47
N ASN A 232 -31.75 24.82 31.46
CA ASN A 232 -31.19 26.17 31.42
C ASN A 232 -29.69 26.23 31.66
N GLU A 233 -29.00 25.13 31.37
CA GLU A 233 -27.56 25.10 31.53
C GLU A 233 -26.94 25.80 30.32
N CYS A 234 -27.78 26.03 29.31
CA CYS A 234 -27.44 26.70 28.05
C CYS A 234 -28.65 27.54 27.66
N GLN A 235 -28.45 28.77 27.20
CA GLN A 235 -29.59 29.57 26.80
C GLN A 235 -29.85 29.51 25.31
N VAL A 236 -28.81 29.20 24.53
CA VAL A 236 -28.95 29.11 23.08
C VAL A 236 -28.17 27.92 22.55
N MET A 237 -28.70 27.28 21.52
CA MET A 237 -28.04 26.12 20.92
C MET A 237 -28.39 26.13 19.44
N PRO A 238 -27.47 25.65 18.58
CA PRO A 238 -27.78 25.64 17.16
C PRO A 238 -28.11 24.25 16.65
N TYR A 239 -28.62 24.20 15.42
CA TYR A 239 -28.90 22.94 14.75
C TYR A 239 -29.62 21.89 15.58
N PRO A 240 -30.87 22.17 15.94
CA PRO A 240 -31.66 21.24 16.74
C PRO A 240 -31.97 19.98 15.93
N ASN A 241 -32.06 18.87 16.62
CA ASN A 241 -32.37 17.60 15.99
C ASN A 241 -33.80 17.72 15.41
N PRO A 242 -33.99 17.42 14.12
CA PRO A 242 -35.32 17.54 13.52
C PRO A 242 -36.45 16.86 14.29
N ALA A 243 -36.20 15.68 14.86
CA ALA A 243 -37.24 15.00 15.63
C ALA A 243 -37.70 15.91 16.78
N ASP A 244 -36.74 16.53 17.45
CA ASP A 244 -37.02 17.41 18.58
C ASP A 244 -37.75 18.70 18.26
N ILE A 245 -37.91 19.07 16.98
CA ILE A 245 -38.59 20.32 16.67
C ILE A 245 -39.96 20.36 17.34
N ALA A 246 -40.75 19.30 17.10
CA ALA A 246 -42.09 19.17 17.66
C ALA A 246 -42.13 19.60 19.12
N ARG A 247 -41.37 18.89 19.94
CA ARG A 247 -41.30 19.18 21.37
C ARG A 247 -40.96 20.64 21.64
N MET A 248 -39.88 21.14 21.04
CA MET A 248 -39.45 22.51 21.24
C MET A 248 -40.53 23.54 20.96
N LYS A 249 -41.37 23.26 19.96
CA LYS A 249 -42.45 24.19 19.63
C LYS A 249 -43.37 24.21 20.85
N GLN A 250 -43.75 23.01 21.29
CA GLN A 250 -44.63 22.82 22.45
C GLN A 250 -44.04 23.40 23.74
N ASP A 251 -42.73 23.28 23.91
CA ASP A 251 -42.07 23.77 25.11
C ASP A 251 -42.26 25.28 25.26
N LYS A 252 -42.87 25.68 26.36
CA LYS A 252 -43.15 27.08 26.65
C LYS A 252 -41.94 27.88 27.13
N SER A 253 -40.94 27.20 27.68
CA SER A 253 -39.74 27.88 28.16
C SER A 253 -38.77 28.11 27.00
N ILE A 254 -39.07 27.49 25.85
CA ILE A 254 -38.23 27.60 24.66
C ILE A 254 -38.94 28.39 23.57
N ASN A 255 -38.21 29.35 23.04
CA ASN A 255 -38.73 30.15 21.95
C ASN A 255 -38.01 29.64 20.71
N LEU A 256 -38.65 28.71 20.02
CA LEU A 256 -38.09 28.11 18.82
C LEU A 256 -38.20 29.12 17.70
N MET A 257 -37.10 29.77 17.37
CA MET A 257 -37.09 30.75 16.29
C MET A 257 -36.85 30.04 14.98
N GLU A 258 -37.64 30.37 13.96
CA GLU A 258 -37.48 29.73 12.66
C GLU A 258 -37.42 30.75 11.53
N MET A 259 -36.71 30.41 10.47
CA MET A 259 -36.53 31.30 9.31
C MET A 259 -36.04 30.43 8.16
N PRO A 260 -36.46 30.72 6.91
CA PRO A 260 -36.02 29.92 5.77
C PRO A 260 -34.51 30.09 5.53
N GLY A 261 -33.84 28.99 5.22
CA GLY A 261 -32.42 29.06 5.03
C GLY A 261 -31.87 29.55 3.71
N LEU A 262 -30.58 29.89 3.76
CA LEU A 262 -29.82 30.36 2.62
C LEU A 262 -28.64 29.37 2.56
N ASN A 263 -28.98 28.08 2.49
CA ASN A 263 -27.95 27.03 2.51
C ASN A 263 -28.19 25.89 1.52
N VAL A 264 -27.20 25.03 1.39
CA VAL A 264 -27.26 23.88 0.49
C VAL A 264 -26.47 22.78 1.14
N GLY A 265 -26.80 21.54 0.79
CA GLY A 265 -26.08 20.40 1.31
C GLY A 265 -25.86 19.55 0.10
N TYR A 266 -24.65 19.06 -0.12
CA TYR A 266 -24.39 18.24 -1.30
C TYR A 266 -23.19 17.34 -1.11
N LEU A 267 -23.04 16.38 -2.02
CA LEU A 267 -21.92 15.44 -1.99
C LEU A 267 -21.01 15.82 -3.14
N SER A 268 -19.75 16.12 -2.88
CA SER A 268 -18.85 16.49 -3.95
C SER A 268 -18.15 15.27 -4.51
N TYR A 269 -18.12 15.17 -5.82
CA TYR A 269 -17.45 14.07 -6.49
C TYR A 269 -16.06 14.62 -6.80
N ASN A 270 -15.01 13.99 -6.29
CA ASN A 270 -13.67 14.48 -6.58
C ASN A 270 -13.38 14.15 -8.03
N VAL A 271 -13.75 15.08 -8.88
CA VAL A 271 -13.62 14.98 -10.33
C VAL A 271 -12.27 14.57 -10.94
N GLN A 272 -11.21 14.50 -10.12
CA GLN A 272 -9.93 14.09 -10.70
C GLN A 272 -9.37 12.86 -10.01
N LYS A 273 -10.31 12.05 -9.57
CA LYS A 273 -10.05 10.76 -8.96
C LYS A 273 -10.92 9.75 -9.68
N LYS A 274 -10.34 9.22 -10.75
CA LYS A 274 -11.05 8.28 -11.60
C LYS A 274 -11.73 7.20 -10.76
N PRO A 275 -12.88 6.67 -11.22
CA PRO A 275 -13.61 6.97 -12.45
C PRO A 275 -14.51 8.20 -12.37
N LEU A 276 -14.37 8.98 -11.31
CA LEU A 276 -15.21 10.16 -11.14
C LEU A 276 -14.96 11.25 -12.17
N ASP A 277 -13.95 11.06 -13.00
CA ASP A 277 -13.64 12.04 -14.03
C ASP A 277 -14.60 11.95 -15.19
N ASP A 278 -15.41 10.89 -15.19
CA ASP A 278 -16.37 10.64 -16.25
C ASP A 278 -17.78 11.13 -15.92
N VAL A 279 -18.27 12.10 -16.68
CA VAL A 279 -19.60 12.65 -16.46
C VAL A 279 -20.60 11.52 -16.30
N LYS A 280 -20.51 10.55 -17.20
CA LYS A 280 -21.42 9.42 -17.14
C LYS A 280 -21.44 8.77 -15.75
N VAL A 281 -20.25 8.59 -15.16
CA VAL A 281 -20.18 7.99 -13.84
C VAL A 281 -20.80 8.89 -12.79
N ARG A 282 -20.52 10.18 -12.86
CA ARG A 282 -21.08 11.11 -11.89
C ARG A 282 -22.59 11.09 -11.97
N GLN A 283 -23.12 11.10 -13.20
CA GLN A 283 -24.56 11.08 -13.39
C GLN A 283 -25.13 9.77 -12.87
N ALA A 284 -24.43 8.67 -13.13
CA ALA A 284 -24.87 7.36 -12.68
C ALA A 284 -25.01 7.36 -11.17
N LEU A 285 -23.99 7.83 -10.48
CA LEU A 285 -24.02 7.86 -9.03
C LEU A 285 -25.17 8.71 -8.52
N THR A 286 -25.50 9.76 -9.26
CA THR A 286 -26.60 10.62 -8.88
C THR A 286 -27.93 9.89 -9.05
N TYR A 287 -28.17 9.33 -10.24
CA TYR A 287 -29.41 8.61 -10.49
C TYR A 287 -29.62 7.47 -9.49
N ALA A 288 -28.55 6.82 -9.09
CA ALA A 288 -28.68 5.70 -8.19
C ALA A 288 -29.15 6.04 -6.78
N VAL A 289 -29.08 7.31 -6.42
CA VAL A 289 -29.49 7.74 -5.07
C VAL A 289 -30.95 8.17 -4.95
N ASN A 290 -31.68 7.49 -4.08
CA ASN A 290 -33.08 7.86 -3.85
C ASN A 290 -33.11 9.07 -2.91
N LYS A 291 -33.06 10.24 -3.53
CA LYS A 291 -33.02 11.49 -2.78
C LYS A 291 -34.21 11.70 -1.85
N ASP A 292 -35.41 11.41 -2.33
CA ASP A 292 -36.60 11.61 -1.52
C ASP A 292 -36.54 10.84 -0.22
N ALA A 293 -36.07 9.59 -0.29
CA ALA A 293 -35.97 8.77 0.91
C ALA A 293 -35.14 9.50 1.95
N ILE A 294 -34.04 10.10 1.50
CA ILE A 294 -33.13 10.84 2.37
C ILE A 294 -33.83 12.03 3.03
N ILE A 295 -34.42 12.90 2.22
CA ILE A 295 -35.12 14.08 2.72
C ILE A 295 -36.13 13.70 3.82
N LYS A 296 -36.85 12.62 3.56
CA LYS A 296 -37.87 12.10 4.47
C LYS A 296 -37.29 11.55 5.77
N ALA A 297 -36.27 10.72 5.65
CA ALA A 297 -35.65 10.08 6.80
C ALA A 297 -34.73 10.95 7.65
N VAL A 298 -33.92 11.74 6.97
CA VAL A 298 -32.94 12.59 7.64
C VAL A 298 -33.45 13.96 8.03
N TYR A 299 -33.90 14.74 7.05
CA TYR A 299 -34.39 16.09 7.32
C TYR A 299 -35.73 16.11 8.04
N GLN A 300 -36.59 15.15 7.71
CA GLN A 300 -37.89 15.04 8.35
C GLN A 300 -38.68 16.33 8.29
N GLY A 301 -38.91 16.84 7.09
CA GLY A 301 -39.69 18.06 6.96
C GLY A 301 -38.97 19.36 7.29
N ALA A 302 -37.77 19.28 7.85
CA ALA A 302 -36.99 20.47 8.16
C ALA A 302 -36.24 21.00 6.92
N GLY A 303 -36.22 20.19 5.86
CA GLY A 303 -35.54 20.59 4.64
C GLY A 303 -36.28 20.05 3.44
N VAL A 304 -35.87 20.45 2.24
CA VAL A 304 -36.52 20.00 1.02
C VAL A 304 -35.50 19.62 -0.02
N SER A 305 -35.92 18.78 -0.96
CA SER A 305 -35.07 18.31 -2.04
C SER A 305 -34.53 19.53 -2.78
N ALA A 306 -33.25 19.49 -3.10
CA ALA A 306 -32.59 20.58 -3.80
C ALA A 306 -32.11 20.14 -5.18
N LYS A 307 -32.16 21.03 -6.16
CA LYS A 307 -31.72 20.70 -7.51
C LYS A 307 -30.71 21.69 -8.03
N ASN A 308 -30.57 22.81 -7.34
CA ASN A 308 -29.63 23.84 -7.74
C ASN A 308 -28.73 24.17 -6.57
N LEU A 309 -27.56 24.72 -6.87
CA LEU A 309 -26.62 25.08 -5.83
C LEU A 309 -27.20 26.21 -4.99
N ILE A 310 -27.92 27.09 -5.65
CA ILE A 310 -28.54 28.25 -5.05
C ILE A 310 -29.95 27.90 -4.57
N PRO A 311 -30.30 28.32 -3.34
CA PRO A 311 -31.64 28.06 -2.78
C PRO A 311 -32.66 29.02 -3.38
N PRO A 312 -33.95 28.62 -3.45
CA PRO A 312 -35.02 29.44 -4.01
C PRO A 312 -35.07 30.87 -3.46
N THR A 313 -34.55 31.03 -2.24
CA THR A 313 -34.52 32.32 -1.58
C THR A 313 -33.42 33.23 -2.14
N MET A 314 -32.69 32.76 -3.16
CA MET A 314 -31.61 33.53 -3.76
C MET A 314 -32.11 34.13 -5.08
N TRP A 315 -31.56 35.27 -5.47
CA TRP A 315 -32.05 36.02 -6.66
C TRP A 315 -31.45 35.59 -8.00
N GLY A 316 -31.28 34.31 -8.22
CA GLY A 316 -30.72 33.82 -9.51
C GLY A 316 -31.29 32.47 -9.86
N TYR A 317 -32.01 31.88 -8.92
CA TYR A 317 -32.60 30.56 -9.05
C TYR A 317 -33.24 30.30 -10.39
N ASN A 318 -32.73 29.30 -11.09
CA ASN A 318 -33.27 28.92 -12.39
C ASN A 318 -34.21 27.77 -12.12
N ASP A 319 -35.50 28.04 -12.06
CA ASP A 319 -36.45 26.97 -11.77
C ASP A 319 -36.73 26.07 -12.97
N ASP A 320 -36.25 26.43 -14.14
CA ASP A 320 -36.48 25.62 -15.34
C ASP A 320 -35.69 24.32 -15.29
N VAL A 321 -34.58 24.33 -14.56
CA VAL A 321 -33.72 23.16 -14.42
C VAL A 321 -34.48 21.98 -13.82
N GLN A 322 -34.43 20.83 -14.47
CA GLN A 322 -35.14 19.67 -13.95
C GLN A 322 -34.17 18.70 -13.29
N ASP A 323 -34.45 18.39 -12.02
CA ASP A 323 -33.61 17.50 -11.21
C ASP A 323 -33.50 16.10 -11.78
N TYR A 324 -32.46 15.38 -11.37
CA TYR A 324 -32.28 14.01 -11.81
C TYR A 324 -33.30 13.18 -11.04
N THR A 325 -33.73 12.07 -11.61
CA THR A 325 -34.69 11.24 -10.92
C THR A 325 -34.01 10.02 -10.34
N TYR A 326 -34.66 9.36 -9.39
CA TYR A 326 -34.11 8.15 -8.81
C TYR A 326 -34.39 7.10 -9.86
N ASP A 327 -33.36 6.62 -10.55
CA ASP A 327 -33.58 5.63 -11.58
C ASP A 327 -32.42 4.65 -11.62
N PRO A 328 -32.41 3.69 -10.69
CA PRO A 328 -31.36 2.68 -10.58
C PRO A 328 -31.01 2.09 -11.94
N GLU A 329 -32.02 1.74 -12.72
CA GLU A 329 -31.80 1.16 -14.03
C GLU A 329 -30.93 2.04 -14.91
N LYS A 330 -31.26 3.33 -15.00
CA LYS A 330 -30.47 4.23 -15.83
C LYS A 330 -29.05 4.29 -15.29
N ALA A 331 -28.92 4.18 -13.96
CA ALA A 331 -27.61 4.21 -13.34
C ALA A 331 -26.79 3.04 -13.87
N LYS A 332 -27.40 1.86 -13.81
CA LYS A 332 -26.75 0.65 -14.27
C LYS A 332 -26.33 0.79 -15.74
N ALA A 333 -27.23 1.37 -16.53
CA ALA A 333 -26.99 1.57 -17.96
C ALA A 333 -25.76 2.42 -18.22
N LEU A 334 -25.70 3.59 -17.59
CA LEU A 334 -24.58 4.51 -17.76
C LEU A 334 -23.29 3.84 -17.30
N LEU A 335 -23.37 3.11 -16.20
CA LEU A 335 -22.20 2.43 -15.69
C LEU A 335 -21.71 1.44 -16.74
N LYS A 336 -22.65 0.83 -17.45
CA LYS A 336 -22.30 -0.12 -18.50
C LYS A 336 -21.59 0.66 -19.60
N GLU A 337 -22.23 1.70 -20.10
CA GLU A 337 -21.63 2.50 -21.16
C GLU A 337 -20.19 2.92 -20.83
N ALA A 338 -19.94 3.28 -19.58
CA ALA A 338 -18.60 3.71 -19.17
C ALA A 338 -17.61 2.56 -19.03
N GLY A 339 -18.10 1.33 -19.15
CA GLY A 339 -17.22 0.18 -19.05
C GLY A 339 -17.03 -0.29 -17.62
N LEU A 340 -17.99 0.03 -16.77
CA LEU A 340 -17.91 -0.36 -15.37
C LEU A 340 -19.10 -1.21 -14.93
N GLU A 341 -19.45 -2.23 -15.73
CA GLU A 341 -20.58 -3.12 -15.41
C GLU A 341 -20.38 -3.79 -14.07
N LYS A 342 -19.16 -4.26 -13.83
CA LYS A 342 -18.83 -4.96 -12.59
C LYS A 342 -18.78 -4.06 -11.37
N GLY A 343 -18.86 -2.74 -11.59
CA GLY A 343 -18.81 -1.81 -10.49
C GLY A 343 -17.40 -1.41 -10.07
N PHE A 344 -17.31 -0.70 -8.95
CA PHE A 344 -16.03 -0.24 -8.44
C PHE A 344 -16.19 0.21 -7.00
N SER A 345 -15.13 0.75 -6.42
CA SER A 345 -15.19 1.19 -5.04
C SER A 345 -14.78 2.64 -4.87
N ILE A 346 -15.36 3.30 -3.87
CA ILE A 346 -15.06 4.69 -3.59
C ILE A 346 -15.31 4.95 -2.13
N ASP A 347 -14.70 6.00 -1.59
CA ASP A 347 -14.95 6.33 -0.21
C ASP A 347 -16.02 7.42 -0.14
N LEU A 348 -16.67 7.52 1.00
CA LEU A 348 -17.71 8.51 1.17
C LEU A 348 -17.41 9.15 2.50
N TRP A 349 -16.97 10.41 2.44
CA TRP A 349 -16.65 11.14 3.64
C TRP A 349 -17.89 11.82 4.19
N ALA A 350 -18.07 11.73 5.50
CA ALA A 350 -19.19 12.33 6.19
C ALA A 350 -18.66 12.98 7.44
N MET A 351 -19.07 14.21 7.74
CA MET A 351 -18.58 14.87 8.93
C MET A 351 -19.30 14.39 10.17
N PRO A 352 -18.62 14.41 11.33
CA PRO A 352 -19.18 13.98 12.60
C PRO A 352 -19.94 15.06 13.38
N VAL A 353 -20.12 16.23 12.81
CA VAL A 353 -20.84 17.29 13.50
C VAL A 353 -22.11 17.62 12.75
N GLN A 354 -23.08 18.20 13.43
CA GLN A 354 -24.32 18.56 12.75
C GLN A 354 -24.03 19.87 12.03
N ARG A 355 -24.63 20.04 10.86
CA ARG A 355 -24.43 21.26 10.11
C ARG A 355 -25.80 21.78 9.73
N PRO A 356 -25.91 23.10 9.56
CA PRO A 356 -27.17 23.74 9.19
C PRO A 356 -27.82 23.10 7.97
N TYR A 357 -26.99 22.58 7.07
CA TYR A 357 -27.50 21.95 5.85
C TYR A 357 -27.56 20.43 5.91
N ASN A 358 -27.03 19.83 6.97
CA ASN A 358 -27.06 18.38 7.07
C ASN A 358 -27.16 17.96 8.53
N PRO A 359 -28.38 17.66 9.00
CA PRO A 359 -28.72 17.25 10.36
C PRO A 359 -27.97 16.04 10.86
N ASN A 360 -27.66 15.10 9.97
CA ASN A 360 -26.97 13.87 10.37
C ASN A 360 -26.31 13.23 9.16
N ALA A 361 -25.13 13.74 8.81
CA ALA A 361 -24.41 13.22 7.65
C ALA A 361 -24.10 11.75 7.82
N ARG A 362 -23.93 11.34 9.05
CA ARG A 362 -23.62 9.95 9.37
C ARG A 362 -24.67 9.01 8.82
N ARG A 363 -25.92 9.27 9.16
CA ARG A 363 -27.01 8.41 8.69
C ARG A 363 -27.19 8.57 7.19
N MET A 364 -27.05 9.80 6.71
CA MET A 364 -27.22 10.04 5.29
C MET A 364 -26.21 9.20 4.51
N ALA A 365 -25.01 9.07 5.06
CA ALA A 365 -23.97 8.30 4.39
C ALA A 365 -24.37 6.85 4.22
N GLU A 366 -24.93 6.28 5.27
CA GLU A 366 -25.36 4.88 5.24
C GLU A 366 -26.39 4.63 4.17
N MET A 367 -27.32 5.58 4.01
CA MET A 367 -28.36 5.44 3.02
C MET A 367 -27.78 5.51 1.61
N ILE A 368 -26.85 6.43 1.38
CA ILE A 368 -26.24 6.56 0.06
C ILE A 368 -25.42 5.32 -0.23
N GLN A 369 -24.75 4.83 0.81
CA GLN A 369 -23.94 3.63 0.68
C GLN A 369 -24.83 2.48 0.20
N ALA A 370 -25.93 2.26 0.90
CA ALA A 370 -26.87 1.21 0.57
C ALA A 370 -27.39 1.36 -0.84
N ASP A 371 -27.74 2.58 -1.22
CA ASP A 371 -28.26 2.82 -2.55
C ASP A 371 -27.24 2.46 -3.60
N TRP A 372 -26.01 2.94 -3.42
CA TRP A 372 -24.95 2.67 -4.37
C TRP A 372 -24.63 1.20 -4.48
N ALA A 373 -24.74 0.48 -3.36
CA ALA A 373 -24.48 -0.94 -3.35
C ALA A 373 -25.42 -1.65 -4.32
N LYS A 374 -26.63 -1.13 -4.46
CA LYS A 374 -27.62 -1.74 -5.35
C LYS A 374 -27.24 -1.68 -6.82
N VAL A 375 -26.30 -0.82 -7.19
CA VAL A 375 -25.85 -0.78 -8.58
C VAL A 375 -24.41 -1.25 -8.70
N GLY A 376 -23.94 -1.94 -7.67
CA GLY A 376 -22.60 -2.47 -7.69
C GLY A 376 -21.44 -1.55 -7.34
N VAL A 377 -21.71 -0.47 -6.64
CA VAL A 377 -20.63 0.42 -6.25
C VAL A 377 -20.43 0.23 -4.75
N GLN A 378 -19.28 -0.28 -4.36
CA GLN A 378 -19.02 -0.52 -2.95
C GLN A 378 -18.43 0.71 -2.32
N ALA A 379 -19.13 1.31 -1.37
CA ALA A 379 -18.64 2.53 -0.72
C ALA A 379 -18.13 2.35 0.70
N LYS A 380 -17.01 2.99 1.00
CA LYS A 380 -16.43 2.94 2.34
C LYS A 380 -16.67 4.29 2.97
N ILE A 381 -17.48 4.34 4.02
CA ILE A 381 -17.77 5.61 4.67
C ILE A 381 -16.61 5.95 5.59
N VAL A 382 -16.07 7.16 5.43
CA VAL A 382 -14.94 7.59 6.23
C VAL A 382 -15.20 8.91 6.91
N THR A 383 -14.91 9.00 8.21
CA THR A 383 -15.12 10.26 8.92
C THR A 383 -13.97 10.57 9.86
N TYR A 384 -13.50 11.81 9.79
CA TYR A 384 -12.43 12.33 10.62
C TYR A 384 -13.04 13.43 11.49
N GLU A 385 -12.31 13.89 12.50
CA GLU A 385 -12.80 14.99 13.35
C GLU A 385 -13.09 16.15 12.42
N TRP A 386 -14.11 16.94 12.73
CA TRP A 386 -14.53 18.09 11.93
C TRP A 386 -13.37 18.90 11.31
N GLY A 387 -12.42 19.32 12.14
CA GLY A 387 -11.31 20.10 11.64
C GLY A 387 -10.44 19.40 10.64
N GLU A 388 -10.00 18.20 11.01
CA GLU A 388 -9.15 17.38 10.17
C GLU A 388 -9.87 17.07 8.87
N TYR A 389 -11.16 16.80 8.99
CA TYR A 389 -12.03 16.49 7.87
C TYR A 389 -11.90 17.55 6.80
N LEU A 390 -12.04 18.81 7.20
CA LEU A 390 -11.92 19.91 6.27
C LEU A 390 -10.51 20.03 5.71
N LYS A 391 -9.51 19.96 6.58
CA LYS A 391 -8.13 20.06 6.14
C LYS A 391 -7.84 19.09 5.00
N ARG A 392 -8.11 17.81 5.23
CA ARG A 392 -7.85 16.80 4.23
C ARG A 392 -8.70 16.94 2.98
N ALA A 393 -9.96 17.31 3.15
CA ALA A 393 -10.85 17.47 2.01
C ALA A 393 -10.23 18.47 1.05
N LYS A 394 -9.73 19.56 1.60
CA LYS A 394 -9.08 20.61 0.81
C LYS A 394 -7.89 20.05 0.05
N ASP A 395 -7.09 19.23 0.72
CA ASP A 395 -5.92 18.62 0.09
C ASP A 395 -6.28 17.57 -0.95
N GLY A 396 -7.57 17.28 -1.09
CA GLY A 396 -8.01 16.32 -2.07
C GLY A 396 -7.80 14.86 -1.78
N GLU A 397 -7.76 14.50 -0.51
CA GLU A 397 -7.58 13.10 -0.12
C GLU A 397 -8.78 12.20 -0.38
N HIS A 398 -9.94 12.80 -0.51
CA HIS A 398 -11.19 12.08 -0.70
C HIS A 398 -11.50 11.79 -2.14
N GLN A 399 -12.50 10.95 -2.33
CA GLN A 399 -13.01 10.64 -3.66
C GLN A 399 -14.42 11.22 -3.68
N THR A 400 -15.07 11.23 -2.51
CA THR A 400 -16.43 11.73 -2.35
C THR A 400 -16.56 12.33 -0.95
N VAL A 401 -17.13 13.54 -0.84
CA VAL A 401 -17.29 14.21 0.46
C VAL A 401 -18.64 14.87 0.69
N MET A 402 -19.12 14.78 1.92
CA MET A 402 -20.38 15.42 2.28
C MET A 402 -19.99 16.83 2.55
N MET A 403 -20.68 17.78 1.94
CA MET A 403 -20.36 19.18 2.16
C MET A 403 -21.61 20.03 2.09
N GLY A 404 -21.46 21.34 2.31
CA GLY A 404 -22.61 22.23 2.25
C GLY A 404 -22.18 23.67 2.39
N TRP A 405 -23.11 24.60 2.36
CA TRP A 405 -22.75 26.00 2.44
C TRP A 405 -23.90 26.84 2.96
N THR A 406 -23.57 28.01 3.47
CA THR A 406 -24.52 28.98 3.97
C THR A 406 -23.98 30.27 3.39
N GLY A 407 -24.81 31.01 2.65
CA GLY A 407 -24.34 32.24 2.06
C GLY A 407 -23.56 33.11 3.02
N ASP A 408 -22.58 33.84 2.51
CA ASP A 408 -21.78 34.70 3.35
C ASP A 408 -22.09 36.18 3.15
N ASN A 409 -22.61 36.52 1.97
CA ASN A 409 -22.90 37.91 1.64
C ASN A 409 -24.17 38.09 0.80
N GLY A 410 -24.98 37.05 0.70
CA GLY A 410 -26.20 37.16 -0.08
C GLY A 410 -26.04 37.36 -1.58
N ASP A 411 -24.87 37.05 -2.14
CA ASP A 411 -24.63 37.21 -3.59
C ASP A 411 -24.33 35.86 -4.23
N PRO A 412 -24.98 35.54 -5.35
CA PRO A 412 -24.76 34.26 -6.04
C PRO A 412 -23.30 33.93 -6.25
N ASP A 413 -22.47 34.95 -6.40
CA ASP A 413 -21.05 34.72 -6.59
C ASP A 413 -20.49 33.88 -5.48
N ASN A 414 -20.85 34.22 -4.25
CA ASN A 414 -20.37 33.52 -3.07
C ASN A 414 -20.70 32.03 -3.10
N PHE A 415 -21.59 31.64 -3.98
CA PHE A 415 -21.98 30.25 -4.12
C PHE A 415 -21.29 29.59 -5.29
N PHE A 416 -21.60 30.03 -6.51
CA PHE A 416 -21.01 29.47 -7.72
C PHE A 416 -19.52 29.59 -7.80
N ALA A 417 -19.01 30.82 -7.69
CA ALA A 417 -17.57 31.05 -7.79
C ALA A 417 -16.78 30.47 -6.63
N THR A 418 -17.03 30.98 -5.44
CA THR A 418 -16.32 30.53 -4.26
C THR A 418 -16.30 29.01 -4.09
N LEU A 419 -17.32 28.33 -4.60
CA LEU A 419 -17.41 26.88 -4.45
C LEU A 419 -17.09 26.00 -5.64
N PHE A 420 -17.25 26.51 -6.86
CA PHE A 420 -16.99 25.67 -8.02
C PHE A 420 -16.15 26.31 -9.13
N SER A 421 -15.32 27.29 -8.80
CA SER A 421 -14.49 27.94 -9.80
C SER A 421 -13.16 27.22 -9.91
N CYS A 422 -12.38 27.53 -10.93
CA CYS A 422 -11.08 26.91 -11.09
C CYS A 422 -10.17 27.42 -9.99
N ALA A 423 -10.25 28.73 -9.75
CA ALA A 423 -9.42 29.31 -8.71
C ALA A 423 -9.70 28.57 -7.41
N ALA A 424 -10.97 28.24 -7.20
CA ALA A 424 -11.35 27.54 -5.99
C ALA A 424 -10.94 26.07 -6.01
N SER A 425 -10.76 25.49 -7.19
CA SER A 425 -10.37 24.08 -7.27
C SER A 425 -8.92 23.90 -6.90
N GLU A 426 -8.13 24.96 -7.06
CA GLU A 426 -6.71 24.89 -6.74
C GLU A 426 -6.40 25.14 -5.27
N GLN A 427 -6.82 26.28 -4.73
CA GLN A 427 -6.55 26.57 -3.33
C GLN A 427 -7.79 26.91 -2.50
N GLY A 428 -8.98 26.63 -3.03
CA GLY A 428 -10.20 26.99 -2.33
C GLY A 428 -11.08 25.87 -1.82
N SER A 429 -12.36 26.16 -1.67
CA SER A 429 -13.33 25.21 -1.14
C SER A 429 -14.00 24.33 -2.20
N ASN A 430 -13.51 24.37 -3.42
CA ASN A 430 -14.06 23.55 -4.50
C ASN A 430 -13.55 22.14 -4.27
N TYR A 431 -14.14 21.44 -3.31
CA TYR A 431 -13.70 20.09 -2.99
C TYR A 431 -13.99 19.06 -4.08
N SER A 432 -14.66 19.49 -5.15
CA SER A 432 -14.95 18.60 -6.26
C SER A 432 -13.78 18.71 -7.24
N LYS A 433 -12.88 19.66 -7.00
CA LYS A 433 -11.72 19.90 -7.86
C LYS A 433 -12.16 19.98 -9.32
N TRP A 434 -13.34 20.57 -9.52
CA TRP A 434 -13.94 20.73 -10.84
C TRP A 434 -13.60 22.09 -11.41
N CYS A 435 -13.06 22.11 -12.62
CA CYS A 435 -12.70 23.36 -13.30
C CYS A 435 -13.12 23.16 -14.74
N TYR A 436 -14.13 23.90 -15.17
CA TYR A 436 -14.71 23.73 -16.51
C TYR A 436 -14.91 25.06 -17.22
N LYS A 437 -14.24 25.26 -18.36
CA LYS A 437 -14.33 26.50 -19.11
C LYS A 437 -15.75 27.07 -19.35
N PRO A 438 -16.66 26.27 -19.94
CA PRO A 438 -18.02 26.76 -20.20
C PRO A 438 -18.66 27.38 -18.97
N PHE A 439 -18.30 26.88 -17.78
CA PHE A 439 -18.84 27.40 -16.54
C PHE A 439 -18.15 28.72 -16.27
N GLU A 440 -16.83 28.71 -16.27
CA GLU A 440 -16.05 29.93 -16.03
C GLU A 440 -16.56 31.06 -16.91
N ASP A 441 -16.84 30.75 -18.17
CA ASP A 441 -17.31 31.75 -19.12
C ASP A 441 -18.61 32.45 -18.73
N LEU A 442 -19.35 31.86 -17.81
CA LEU A 442 -20.59 32.46 -17.34
C LEU A 442 -20.31 33.15 -16.01
N ILE A 443 -19.80 32.38 -15.07
CA ILE A 443 -19.51 32.85 -13.73
C ILE A 443 -18.59 34.08 -13.64
N GLN A 444 -17.53 34.13 -14.43
CA GLN A 444 -16.60 35.26 -14.38
C GLN A 444 -17.19 36.59 -14.84
N PRO A 445 -17.78 36.64 -16.04
CA PRO A 445 -18.38 37.90 -16.51
C PRO A 445 -19.46 38.37 -15.54
N ALA A 446 -20.23 37.43 -15.01
CA ALA A 446 -21.29 37.76 -14.08
C ALA A 446 -20.79 38.55 -12.88
N ARG A 447 -19.49 38.49 -12.61
CA ARG A 447 -18.92 39.20 -11.47
C ARG A 447 -18.55 40.64 -11.79
N ALA A 448 -18.25 40.92 -13.05
CA ALA A 448 -17.83 42.26 -13.45
C ALA A 448 -18.92 43.29 -13.74
N THR A 449 -20.05 42.89 -14.33
CA THR A 449 -21.11 43.84 -14.65
C THR A 449 -21.89 44.36 -13.47
N ASP A 450 -22.40 45.58 -13.62
CA ASP A 450 -23.24 46.20 -12.60
C ASP A 450 -24.70 46.05 -13.05
N ASP A 451 -24.87 45.50 -14.25
CA ASP A 451 -26.19 45.27 -14.84
C ASP A 451 -26.83 44.02 -14.22
N HIS A 452 -27.48 44.22 -13.08
CA HIS A 452 -28.11 43.13 -12.36
C HIS A 452 -28.84 42.11 -13.22
N ASN A 453 -29.40 42.53 -14.35
CA ASN A 453 -30.13 41.59 -15.19
C ASN A 453 -29.22 40.66 -15.96
N LYS A 454 -28.07 41.15 -16.41
CA LYS A 454 -27.14 40.29 -17.12
C LYS A 454 -26.65 39.27 -16.11
N ARG A 455 -26.44 39.71 -14.87
CA ARG A 455 -26.00 38.81 -13.82
C ARG A 455 -27.02 37.68 -13.64
N VAL A 456 -28.30 38.04 -13.60
CA VAL A 456 -29.33 37.04 -13.45
C VAL A 456 -29.31 36.03 -14.60
N GLU A 457 -29.22 36.51 -15.83
CA GLU A 457 -29.22 35.62 -16.96
C GLU A 457 -28.02 34.67 -16.92
N LEU A 458 -26.86 35.21 -16.56
CA LEU A 458 -25.64 34.43 -16.48
C LEU A 458 -25.75 33.35 -15.41
N TYR A 459 -26.03 33.74 -14.17
CA TYR A 459 -26.15 32.74 -13.12
C TYR A 459 -27.20 31.67 -13.42
N LYS A 460 -28.23 32.02 -14.18
CA LYS A 460 -29.24 31.03 -14.50
C LYS A 460 -28.65 29.99 -15.45
N GLN A 461 -27.90 30.44 -16.43
CA GLN A 461 -27.27 29.53 -17.38
C GLN A 461 -26.31 28.63 -16.64
N ALA A 462 -25.59 29.20 -15.67
CA ALA A 462 -24.62 28.47 -14.88
C ALA A 462 -25.24 27.25 -14.24
N GLN A 463 -26.43 27.43 -13.69
CA GLN A 463 -27.12 26.32 -13.04
C GLN A 463 -27.39 25.18 -14.01
N VAL A 464 -27.57 25.51 -15.28
CA VAL A 464 -27.81 24.47 -16.28
C VAL A 464 -26.52 23.68 -16.47
N VAL A 465 -25.46 24.41 -16.81
CA VAL A 465 -24.14 23.83 -17.03
C VAL A 465 -23.77 22.91 -15.88
N MET A 466 -23.94 23.43 -14.67
CA MET A 466 -23.61 22.67 -13.49
C MET A 466 -24.44 21.39 -13.44
N HIS A 467 -25.72 21.51 -13.75
CA HIS A 467 -26.58 20.35 -13.73
C HIS A 467 -26.07 19.27 -14.67
N ASP A 468 -25.82 19.67 -15.91
CA ASP A 468 -25.36 18.73 -16.92
C ASP A 468 -24.05 18.08 -16.57
N GLN A 469 -23.15 18.84 -15.95
CA GLN A 469 -21.85 18.30 -15.61
C GLN A 469 -21.80 17.47 -14.33
N ALA A 470 -22.81 17.59 -13.49
CA ALA A 470 -22.85 16.80 -12.26
C ALA A 470 -21.56 16.81 -11.43
N PRO A 471 -21.00 17.99 -11.15
CA PRO A 471 -19.79 17.94 -10.35
C PRO A 471 -20.07 17.58 -8.90
N ALA A 472 -21.33 17.58 -8.52
CA ALA A 472 -21.71 17.26 -7.16
C ALA A 472 -23.14 16.79 -7.14
N LEU A 473 -23.50 16.06 -6.09
CA LEU A 473 -24.86 15.56 -5.95
C LEU A 473 -25.56 16.53 -5.01
N ILE A 474 -26.31 17.48 -5.58
CA ILE A 474 -27.02 18.46 -4.76
C ILE A 474 -28.13 17.74 -4.00
N ILE A 475 -28.08 17.80 -2.68
CA ILE A 475 -29.06 17.11 -1.85
C ILE A 475 -30.24 17.91 -1.33
N ALA A 476 -30.01 18.88 -0.45
CA ALA A 476 -31.13 19.63 0.10
C ALA A 476 -30.76 21.00 0.66
N HIS A 477 -31.82 21.79 0.72
CA HIS A 477 -31.86 23.12 1.33
C HIS A 477 -32.61 22.95 2.64
N SER A 478 -32.06 23.47 3.70
CA SER A 478 -32.66 23.26 5.02
C SER A 478 -33.24 24.53 5.63
N THR A 479 -34.25 24.37 6.47
CA THR A 479 -34.88 25.50 7.14
C THR A 479 -34.13 25.72 8.44
N VAL A 480 -33.97 26.99 8.81
CA VAL A 480 -33.25 27.35 10.02
C VAL A 480 -34.12 27.38 11.27
N PHE A 481 -33.73 26.65 12.30
CA PHE A 481 -34.47 26.63 13.56
C PHE A 481 -33.45 26.91 14.66
N GLU A 482 -33.59 28.02 15.36
CA GLU A 482 -32.67 28.34 16.44
C GLU A 482 -33.44 28.36 17.75
N PRO A 483 -33.28 27.34 18.59
CA PRO A 483 -33.98 27.28 19.87
C PRO A 483 -33.35 28.33 20.79
N VAL A 484 -34.16 29.17 21.41
CA VAL A 484 -33.62 30.17 22.32
C VAL A 484 -34.43 30.24 23.61
N ARG A 485 -33.76 30.23 24.75
CA ARG A 485 -34.45 30.32 26.02
C ARG A 485 -35.22 31.64 26.06
N LYS A 486 -36.42 31.61 26.64
CA LYS A 486 -37.27 32.80 26.73
C LYS A 486 -36.63 33.94 27.51
N GLU A 487 -35.73 33.59 28.42
CA GLU A 487 -35.03 34.59 29.22
C GLU A 487 -34.11 35.47 28.36
N VAL A 488 -33.81 35.03 27.16
CA VAL A 488 -32.90 35.78 26.30
C VAL A 488 -33.63 36.77 25.43
N LYS A 489 -33.28 38.04 25.59
CA LYS A 489 -33.91 39.11 24.84
C LYS A 489 -33.03 39.68 23.73
N GLY A 490 -33.67 39.94 22.60
CA GLY A 490 -32.98 40.54 21.46
C GLY A 490 -32.18 39.67 20.52
N TYR A 491 -32.47 38.37 20.48
CA TYR A 491 -31.74 37.49 19.58
C TYR A 491 -32.32 37.62 18.20
N VAL A 492 -31.44 37.65 17.20
CA VAL A 492 -31.84 37.77 15.81
C VAL A 492 -31.22 36.63 15.03
N VAL A 493 -32.04 35.86 14.33
CA VAL A 493 -31.56 34.74 13.54
C VAL A 493 -30.88 35.30 12.31
N ASP A 494 -29.59 35.05 12.18
CA ASP A 494 -28.80 35.55 11.06
C ASP A 494 -28.88 34.66 9.84
N PRO A 495 -29.41 35.19 8.72
CA PRO A 495 -29.52 34.39 7.49
C PRO A 495 -28.15 33.91 7.02
N LEU A 496 -27.11 34.68 7.35
CA LEU A 496 -25.76 34.34 6.96
C LEU A 496 -25.17 33.25 7.85
N GLY A 497 -26.00 32.68 8.72
CA GLY A 497 -25.56 31.60 9.57
C GLY A 497 -24.71 31.84 10.80
N LYS A 498 -24.52 33.09 11.20
CA LYS A 498 -23.73 33.37 12.39
C LYS A 498 -24.63 33.40 13.63
N HIS A 499 -24.01 33.32 14.80
CA HIS A 499 -24.75 33.38 16.05
C HIS A 499 -24.18 34.57 16.82
N HIS A 500 -24.86 35.72 16.68
CA HIS A 500 -24.44 36.97 17.31
C HIS A 500 -24.93 37.16 18.75
N PHE A 501 -24.02 37.49 19.65
CA PHE A 501 -24.40 37.69 21.04
C PHE A 501 -24.12 39.08 21.61
N GLU A 502 -23.66 40.01 20.78
CA GLU A 502 -23.38 41.37 21.26
C GLU A 502 -24.70 42.04 21.63
N ASN A 503 -25.61 42.08 20.66
CA ASN A 503 -26.92 42.68 20.79
C ASN A 503 -27.83 42.03 21.82
N VAL A 504 -27.52 40.80 22.21
CA VAL A 504 -28.34 40.06 23.15
C VAL A 504 -28.21 40.49 24.61
N SER A 505 -29.28 40.26 25.37
CA SER A 505 -29.34 40.58 26.79
C SER A 505 -30.22 39.58 27.52
N ILE A 506 -29.62 38.77 28.38
CA ILE A 506 -30.36 37.81 29.17
C ILE A 506 -30.55 38.53 30.50
N GLU A 507 -31.61 38.21 31.23
CA GLU A 507 -31.82 38.86 32.52
C GLU A 507 -32.61 37.98 33.49
N LYS B 1 -51.36 -18.97 3.53
CA LYS B 1 -51.17 -17.69 4.26
C LYS B 1 -49.75 -17.13 4.20
N THR B 2 -49.61 -15.84 3.94
CA THR B 2 -48.29 -15.20 3.82
C THR B 2 -47.89 -14.37 5.04
N LEU B 3 -46.64 -14.51 5.49
CA LEU B 3 -46.09 -13.72 6.60
C LEU B 3 -44.89 -12.94 6.08
N VAL B 4 -44.77 -11.67 6.47
CA VAL B 4 -43.69 -10.83 6.03
C VAL B 4 -42.87 -10.30 7.20
N TYR B 5 -41.57 -10.62 7.17
CA TYR B 5 -40.61 -10.22 8.19
C TYR B 5 -39.76 -9.09 7.63
N CYS B 6 -39.56 -8.05 8.43
CA CYS B 6 -38.75 -6.90 8.03
C CYS B 6 -37.32 -7.16 8.53
N SER B 7 -36.45 -7.72 7.70
CA SER B 7 -35.08 -8.02 8.13
C SER B 7 -34.19 -6.78 8.19
N GLU B 8 -33.21 -6.81 9.08
CA GLU B 8 -32.29 -5.70 9.29
C GLU B 8 -31.23 -5.46 8.21
N GLY B 9 -31.00 -6.46 7.37
CA GLY B 9 -29.99 -6.31 6.33
C GLY B 9 -30.04 -7.48 5.35
N SER B 10 -29.05 -7.56 4.47
CA SER B 10 -29.03 -8.63 3.48
C SER B 10 -28.17 -9.80 3.90
N PRO B 11 -28.60 -11.03 3.58
CA PRO B 11 -27.82 -12.20 3.96
C PRO B 11 -26.55 -12.24 3.13
N GLU B 12 -25.46 -12.67 3.77
CA GLU B 12 -24.17 -12.75 3.12
C GLU B 12 -24.13 -13.83 2.04
N GLY B 13 -24.99 -14.83 2.18
CA GLY B 13 -25.03 -15.92 1.22
C GLY B 13 -25.96 -16.99 1.74
N PHE B 14 -26.02 -18.15 1.09
CA PHE B 14 -26.92 -19.19 1.55
C PHE B 14 -26.36 -20.50 2.10
N ASN B 15 -25.06 -20.54 2.40
CA ASN B 15 -24.47 -21.73 3.00
C ASN B 15 -23.94 -21.27 4.36
N PRO B 16 -24.65 -21.60 5.44
CA PRO B 16 -24.28 -21.22 6.79
C PRO B 16 -22.86 -21.60 7.22
N GLN B 17 -22.25 -22.55 6.54
CA GLN B 17 -20.91 -22.96 6.90
C GLN B 17 -19.91 -21.82 6.73
N LEU B 18 -20.14 -21.03 5.70
CA LEU B 18 -19.25 -19.95 5.34
C LEU B 18 -19.37 -18.62 6.07
N PHE B 19 -20.44 -18.42 6.83
CA PHE B 19 -20.65 -17.14 7.49
C PHE B 19 -20.83 -17.19 8.99
N THR B 20 -20.96 -16.01 9.59
CA THR B 20 -21.10 -15.91 11.04
C THR B 20 -22.21 -15.01 11.54
N SER B 21 -22.73 -14.12 10.70
CA SER B 21 -23.76 -13.21 11.15
C SER B 21 -25.15 -13.81 11.25
N GLY B 22 -25.92 -13.30 12.19
CA GLY B 22 -27.28 -13.77 12.37
C GLY B 22 -28.10 -13.39 11.15
N THR B 23 -27.81 -12.22 10.60
CA THR B 23 -28.51 -11.74 9.43
C THR B 23 -28.62 -12.86 8.39
N THR B 24 -27.49 -13.47 8.08
CA THR B 24 -27.50 -14.56 7.10
C THR B 24 -28.17 -15.82 7.63
N TYR B 25 -27.86 -16.20 8.87
CA TYR B 25 -28.47 -17.39 9.47
C TYR B 25 -30.01 -17.38 9.41
N ASP B 26 -30.61 -16.24 9.75
CA ASP B 26 -32.07 -16.11 9.72
C ASP B 26 -32.64 -16.39 8.33
N ALA B 27 -31.83 -16.14 7.31
CA ALA B 27 -32.28 -16.33 5.94
C ALA B 27 -31.74 -17.59 5.30
N SER B 28 -30.78 -18.24 5.93
CA SER B 28 -30.23 -19.44 5.34
C SER B 28 -30.47 -20.68 6.18
N SER B 29 -29.64 -20.87 7.20
CA SER B 29 -29.73 -22.01 8.07
C SER B 29 -31.11 -22.21 8.68
N VAL B 30 -31.61 -21.20 9.38
CA VAL B 30 -32.91 -21.33 10.03
C VAL B 30 -34.09 -21.74 9.15
N PRO B 31 -34.31 -21.08 8.00
CA PRO B 31 -35.44 -21.51 7.20
C PRO B 31 -35.22 -22.68 6.26
N LEU B 32 -34.00 -22.89 5.80
CA LEU B 32 -33.77 -23.91 4.74
C LEU B 32 -33.08 -25.22 5.17
N TYR B 33 -32.36 -25.25 6.27
CA TYR B 33 -31.59 -26.47 6.61
C TYR B 33 -31.94 -27.07 7.96
N ASN B 34 -31.22 -28.14 8.31
CA ASN B 34 -31.39 -28.84 9.58
C ASN B 34 -30.04 -29.35 10.05
N ARG B 35 -29.97 -29.73 11.32
CA ARG B 35 -28.74 -30.26 11.89
C ARG B 35 -29.08 -31.62 12.47
N LEU B 36 -28.06 -32.43 12.71
CA LEU B 36 -28.28 -33.75 13.28
C LEU B 36 -29.15 -33.63 14.53
N VAL B 37 -28.84 -32.64 15.37
CA VAL B 37 -29.61 -32.41 16.57
C VAL B 37 -30.05 -30.94 16.52
N GLU B 38 -31.09 -30.56 17.26
CA GLU B 38 -31.62 -29.18 17.23
C GLU B 38 -31.94 -28.64 18.62
N PHE B 39 -32.32 -27.37 18.69
CA PHE B 39 -32.67 -26.76 19.98
C PHE B 39 -34.17 -26.51 20.00
N LYS B 40 -34.84 -26.80 21.11
CA LYS B 40 -36.27 -26.56 21.19
C LYS B 40 -36.40 -25.04 21.15
N ILE B 41 -37.20 -24.53 20.21
CA ILE B 41 -37.36 -23.09 20.06
C ILE B 41 -37.61 -22.37 21.37
N GLY B 42 -36.76 -21.39 21.67
CA GLY B 42 -36.91 -20.61 22.89
C GLY B 42 -36.09 -21.13 24.06
N THR B 43 -35.48 -22.28 23.89
CA THR B 43 -34.68 -22.89 24.95
C THR B 43 -33.31 -23.25 24.38
N THR B 44 -32.46 -23.84 25.21
CA THR B 44 -31.13 -24.27 24.81
C THR B 44 -31.05 -25.76 25.03
N GLU B 45 -32.17 -26.45 24.83
CA GLU B 45 -32.26 -27.88 25.05
C GLU B 45 -32.16 -28.66 23.74
N VAL B 46 -31.27 -29.64 23.67
CA VAL B 46 -31.15 -30.41 22.43
C VAL B 46 -32.32 -31.36 22.26
N ILE B 47 -32.78 -31.44 21.02
CA ILE B 47 -33.92 -32.23 20.60
C ILE B 47 -33.46 -32.92 19.33
N PRO B 48 -33.84 -34.19 19.11
CA PRO B 48 -33.41 -34.85 17.88
C PRO B 48 -33.81 -34.06 16.64
N GLY B 49 -32.90 -34.00 15.67
CA GLY B 49 -33.17 -33.28 14.44
C GLY B 49 -33.11 -34.31 13.36
N LEU B 50 -32.15 -34.16 12.44
CA LEU B 50 -32.00 -35.11 11.37
C LEU B 50 -31.58 -36.47 11.95
N ALA B 51 -31.01 -36.44 13.13
CA ALA B 51 -30.59 -37.66 13.80
C ALA B 51 -31.72 -38.02 14.74
N GLU B 52 -32.27 -39.21 14.57
CA GLU B 52 -33.38 -39.70 15.39
C GLU B 52 -32.92 -39.96 16.82
N LYS B 53 -31.73 -40.54 16.97
CA LYS B 53 -31.18 -40.80 18.29
C LYS B 53 -29.67 -40.96 18.18
N TRP B 54 -28.98 -40.89 19.31
CA TRP B 54 -27.54 -40.98 19.31
C TRP B 54 -26.99 -41.58 20.59
N GLU B 55 -25.75 -42.05 20.55
CA GLU B 55 -25.10 -42.64 21.73
C GLU B 55 -23.71 -42.05 21.86
N VAL B 56 -23.23 -41.94 23.09
CA VAL B 56 -21.90 -41.41 23.32
C VAL B 56 -21.11 -42.50 24.05
N SER B 57 -19.89 -42.76 23.57
CA SER B 57 -19.04 -43.79 24.16
C SER B 57 -18.68 -43.47 25.61
N GLU B 58 -18.28 -44.48 26.38
CA GLU B 58 -17.91 -44.26 27.77
C GLU B 58 -16.75 -43.28 27.87
N ASP B 59 -15.79 -43.40 26.96
CA ASP B 59 -14.63 -42.51 26.95
C ASP B 59 -15.02 -41.10 26.50
N GLY B 60 -16.23 -40.98 25.97
CA GLY B 60 -16.72 -39.70 25.52
C GLY B 60 -16.04 -39.19 24.27
N LYS B 61 -15.39 -40.09 23.54
CA LYS B 61 -14.70 -39.70 22.33
C LYS B 61 -15.37 -40.17 21.04
N THR B 62 -16.51 -40.86 21.14
CA THR B 62 -17.21 -41.35 19.96
C THR B 62 -18.70 -41.08 20.01
N TYR B 63 -19.17 -40.24 19.12
CA TYR B 63 -20.60 -39.94 19.06
C TYR B 63 -21.15 -40.71 17.87
N THR B 64 -22.22 -41.45 18.11
CA THR B 64 -22.84 -42.24 17.06
C THR B 64 -24.26 -41.72 16.83
N PHE B 65 -24.54 -41.28 15.61
CA PHE B 65 -25.85 -40.74 15.28
C PHE B 65 -26.60 -41.63 14.31
N HIS B 66 -27.89 -41.83 14.61
CA HIS B 66 -28.76 -42.66 13.79
C HIS B 66 -29.68 -41.72 13.02
N LEU B 67 -29.40 -41.58 11.73
CA LEU B 67 -30.22 -40.71 10.89
C LEU B 67 -31.62 -41.27 10.77
N ARG B 68 -32.61 -40.39 10.75
CA ARG B 68 -33.99 -40.82 10.61
C ARG B 68 -34.25 -41.02 9.11
N LYS B 69 -35.20 -41.88 8.77
CA LYS B 69 -35.51 -42.15 7.37
C LYS B 69 -36.67 -41.34 6.80
N GLY B 70 -36.73 -41.26 5.48
CA GLY B 70 -37.80 -40.55 4.82
C GLY B 70 -37.69 -39.04 4.89
N VAL B 71 -36.46 -38.55 4.91
CA VAL B 71 -36.21 -37.13 4.95
C VAL B 71 -35.98 -36.67 3.52
N LYS B 72 -36.89 -35.86 3.00
CA LYS B 72 -36.77 -35.37 1.63
C LYS B 72 -36.01 -34.05 1.52
N TRP B 73 -35.35 -33.86 0.38
CA TRP B 73 -34.57 -32.66 0.08
C TRP B 73 -35.40 -31.77 -0.84
N HIS B 74 -35.09 -30.47 -0.87
CA HIS B 74 -35.82 -29.54 -1.74
C HIS B 74 -35.50 -29.80 -3.20
N ASP B 75 -36.29 -29.19 -4.10
CA ASP B 75 -36.08 -29.33 -5.54
C ASP B 75 -35.83 -27.93 -6.09
N ASN B 76 -34.88 -27.84 -7.00
CA ASN B 76 -34.47 -26.59 -7.63
C ASN B 76 -34.73 -26.75 -9.13
N LYS B 77 -34.72 -25.63 -9.85
CA LYS B 77 -34.91 -25.63 -11.30
C LYS B 77 -33.83 -26.50 -11.95
N GLU B 78 -32.63 -26.44 -11.39
CA GLU B 78 -31.51 -27.20 -11.92
C GLU B 78 -31.28 -28.53 -11.20
N PHE B 79 -32.14 -28.89 -10.25
CA PHE B 79 -31.91 -30.14 -9.52
C PHE B 79 -33.12 -30.76 -8.85
N LYS B 80 -33.23 -32.08 -8.97
CA LYS B 80 -34.31 -32.81 -8.34
C LYS B 80 -33.69 -34.06 -7.70
N PRO B 81 -33.83 -34.20 -6.38
CA PRO B 81 -33.28 -35.33 -5.61
C PRO B 81 -33.86 -36.68 -6.03
N THR B 82 -33.00 -37.70 -6.08
CA THR B 82 -33.42 -39.05 -6.45
C THR B 82 -33.52 -39.93 -5.21
N ARG B 83 -32.72 -39.60 -4.19
CA ARG B 83 -32.72 -40.37 -2.95
C ARG B 83 -33.01 -39.44 -1.77
N GLU B 84 -33.21 -40.04 -0.61
CA GLU B 84 -33.51 -39.28 0.59
C GLU B 84 -32.21 -39.08 1.39
N LEU B 85 -32.32 -38.52 2.59
CA LEU B 85 -31.14 -38.30 3.40
C LEU B 85 -30.45 -39.62 3.74
N ASN B 86 -29.12 -39.58 3.75
CA ASN B 86 -28.31 -40.75 4.08
C ASN B 86 -26.98 -40.30 4.69
N ALA B 87 -26.26 -41.23 5.29
CA ALA B 87 -24.98 -40.91 5.91
C ALA B 87 -24.01 -40.18 5.02
N ASP B 88 -24.12 -40.40 3.70
CA ASP B 88 -23.22 -39.75 2.76
C ASP B 88 -23.34 -38.24 2.80
N ASP B 89 -24.55 -37.75 3.08
CA ASP B 89 -24.75 -36.31 3.17
C ASP B 89 -23.99 -35.75 4.36
N VAL B 90 -24.27 -36.32 5.53
CA VAL B 90 -23.61 -35.90 6.76
C VAL B 90 -22.11 -35.92 6.65
N VAL B 91 -21.55 -37.01 6.15
CA VAL B 91 -20.11 -37.10 6.03
C VAL B 91 -19.60 -36.01 5.10
N PHE B 92 -20.29 -35.79 3.99
CA PHE B 92 -19.87 -34.76 3.07
C PHE B 92 -19.82 -33.40 3.74
N SER B 93 -20.93 -33.03 4.37
CA SER B 93 -21.06 -31.74 5.05
C SER B 93 -19.88 -31.43 5.94
N PHE B 94 -19.45 -32.40 6.73
CA PHE B 94 -18.33 -32.18 7.62
C PHE B 94 -16.97 -32.35 6.96
N ASP B 95 -16.87 -33.26 6.01
CA ASP B 95 -15.59 -33.46 5.35
C ASP B 95 -15.21 -32.21 4.58
N ARG B 96 -16.19 -31.60 3.91
CA ARG B 96 -15.93 -30.40 3.14
C ARG B 96 -15.17 -29.40 3.97
N GLN B 97 -15.55 -29.29 5.24
CA GLN B 97 -14.92 -28.33 6.12
C GLN B 97 -13.57 -28.77 6.62
N LYS B 98 -13.50 -30.02 7.08
CA LYS B 98 -12.25 -30.54 7.62
C LYS B 98 -11.15 -30.89 6.63
N ASN B 99 -11.51 -31.69 5.62
CA ASN B 99 -10.57 -32.17 4.62
C ASN B 99 -10.23 -31.20 3.49
N ALA B 100 -8.97 -30.79 3.46
CA ALA B 100 -8.48 -29.88 2.43
C ALA B 100 -8.49 -30.53 1.05
N GLN B 101 -8.60 -31.85 0.99
CA GLN B 101 -8.61 -32.58 -0.27
C GLN B 101 -9.98 -32.68 -0.92
N ASN B 102 -11.03 -32.42 -0.15
CA ASN B 102 -12.39 -32.48 -0.69
C ASN B 102 -12.49 -31.43 -1.79
N PRO B 103 -13.05 -31.79 -2.94
CA PRO B 103 -13.21 -30.87 -4.08
C PRO B 103 -13.87 -29.56 -3.71
N TYR B 104 -14.87 -29.64 -2.84
CA TYR B 104 -15.62 -28.48 -2.39
C TYR B 104 -14.95 -27.63 -1.32
N HIS B 105 -13.89 -28.15 -0.74
CA HIS B 105 -13.20 -27.43 0.32
C HIS B 105 -12.83 -25.99 -0.02
N LYS B 106 -12.33 -25.75 -1.21
CA LYS B 106 -11.92 -24.40 -1.58
C LYS B 106 -13.01 -23.61 -2.29
N VAL B 107 -14.13 -24.27 -2.57
CA VAL B 107 -15.25 -23.62 -3.26
C VAL B 107 -15.78 -22.47 -2.41
N SER B 108 -16.07 -21.35 -3.07
CA SER B 108 -16.57 -20.15 -2.40
C SER B 108 -15.60 -19.58 -1.37
N GLY B 109 -14.31 -19.73 -1.62
CA GLY B 109 -13.32 -19.19 -0.71
C GLY B 109 -12.82 -20.13 0.35
N GLY B 110 -13.63 -21.12 0.73
CA GLY B 110 -13.20 -22.07 1.74
C GLY B 110 -12.92 -21.45 3.09
N SER B 111 -13.78 -20.53 3.52
CA SER B 111 -13.64 -19.85 4.80
C SER B 111 -14.58 -20.46 5.82
N TYR B 112 -14.22 -21.62 6.34
CA TYR B 112 -15.04 -22.29 7.34
C TYR B 112 -14.71 -21.68 8.70
N GLU B 113 -15.10 -20.42 8.86
CA GLU B 113 -14.84 -19.65 10.06
C GLU B 113 -15.16 -20.34 11.39
N TYR B 114 -16.40 -20.75 11.61
CA TYR B 114 -16.75 -21.41 12.87
C TYR B 114 -15.98 -22.72 13.06
N PHE B 115 -16.05 -23.61 12.09
CA PHE B 115 -15.36 -24.90 12.16
C PHE B 115 -13.94 -24.71 12.60
N GLU B 116 -13.19 -23.89 11.86
CA GLU B 116 -11.80 -23.63 12.19
C GLU B 116 -11.64 -22.91 13.53
N GLY B 117 -12.42 -21.86 13.74
CA GLY B 117 -12.34 -21.10 14.98
C GLY B 117 -12.60 -21.93 16.21
N MET B 118 -13.48 -22.92 16.09
CA MET B 118 -13.80 -23.78 17.22
C MET B 118 -12.77 -24.89 17.39
N GLY B 119 -11.76 -24.89 16.53
CA GLY B 119 -10.72 -25.89 16.61
C GLY B 119 -11.22 -27.27 16.26
N LEU B 120 -12.25 -27.34 15.44
CA LEU B 120 -12.76 -28.64 15.05
C LEU B 120 -11.82 -29.52 14.26
N PRO B 121 -10.95 -28.95 13.40
CA PRO B 121 -10.03 -29.79 12.64
C PRO B 121 -9.15 -30.67 13.51
N GLU B 122 -8.78 -30.16 14.68
CA GLU B 122 -7.95 -30.94 15.59
C GLU B 122 -8.80 -31.85 16.47
N LEU B 123 -10.01 -31.39 16.79
CA LEU B 123 -10.90 -32.15 17.66
C LEU B 123 -11.48 -33.37 16.97
N ILE B 124 -12.05 -33.18 15.80
CA ILE B 124 -12.64 -34.29 15.07
C ILE B 124 -11.50 -35.07 14.40
N SER B 125 -11.37 -36.35 14.75
CA SER B 125 -10.34 -37.20 14.17
C SER B 125 -10.86 -37.78 12.87
N GLU B 126 -12.12 -38.22 12.88
CA GLU B 126 -12.72 -38.77 11.66
C GLU B 126 -14.23 -38.81 11.75
N VAL B 127 -14.86 -38.69 10.58
CA VAL B 127 -16.31 -38.74 10.47
C VAL B 127 -16.65 -40.02 9.68
N LYS B 128 -16.83 -41.11 10.42
CA LYS B 128 -17.13 -42.42 9.86
C LYS B 128 -18.58 -42.55 9.38
N LYS B 129 -18.77 -43.46 8.44
CA LYS B 129 -20.09 -43.79 7.92
C LYS B 129 -20.23 -45.27 8.30
N VAL B 130 -20.90 -45.55 9.41
CA VAL B 130 -21.07 -46.94 9.83
C VAL B 130 -21.96 -47.66 8.82
N ASP B 131 -23.06 -47.03 8.43
CA ASP B 131 -23.96 -47.58 7.43
C ASP B 131 -24.85 -46.44 6.93
N ASP B 132 -25.55 -46.66 5.84
CA ASP B 132 -26.42 -45.65 5.24
C ASP B 132 -27.25 -44.77 6.18
N ASN B 133 -27.52 -45.23 7.40
CA ASN B 133 -28.32 -44.44 8.32
C ASN B 133 -27.64 -44.26 9.67
N THR B 134 -26.32 -44.42 9.70
CA THR B 134 -25.58 -44.27 10.94
C THR B 134 -24.23 -43.63 10.69
N VAL B 135 -24.01 -42.46 11.28
CA VAL B 135 -22.76 -41.71 11.14
C VAL B 135 -22.03 -41.75 12.47
N GLN B 136 -20.71 -41.68 12.44
CA GLN B 136 -19.94 -41.73 13.66
C GLN B 136 -18.84 -40.68 13.71
N PHE B 137 -18.81 -39.91 14.79
CA PHE B 137 -17.80 -38.88 14.99
C PHE B 137 -16.82 -39.42 16.01
N VAL B 138 -15.55 -39.44 15.64
CA VAL B 138 -14.51 -39.93 16.54
C VAL B 138 -13.62 -38.75 16.87
N LEU B 139 -13.69 -38.27 18.11
CA LEU B 139 -12.90 -37.11 18.54
C LEU B 139 -11.56 -37.52 19.12
N THR B 140 -10.63 -36.58 19.18
CA THR B 140 -9.29 -36.84 19.72
C THR B 140 -9.29 -36.73 21.24
N ARG B 141 -10.35 -36.16 21.79
CA ARG B 141 -10.50 -35.98 23.23
C ARG B 141 -11.96 -35.67 23.47
N PRO B 142 -12.45 -35.82 24.70
CA PRO B 142 -13.85 -35.50 24.94
C PRO B 142 -14.11 -33.99 24.91
N GLU B 143 -15.21 -33.57 24.31
CA GLU B 143 -15.58 -32.16 24.21
C GLU B 143 -16.94 -32.01 24.88
N ALA B 144 -16.96 -31.45 26.08
CA ALA B 144 -18.21 -31.28 26.80
C ALA B 144 -19.38 -30.74 25.97
N PRO B 145 -19.20 -29.57 25.32
CA PRO B 145 -20.31 -29.03 24.53
C PRO B 145 -20.46 -29.56 23.10
N PHE B 146 -19.87 -30.70 22.79
CA PHE B 146 -19.95 -31.21 21.43
C PHE B 146 -21.35 -31.43 20.90
N LEU B 147 -22.20 -32.09 21.70
CA LEU B 147 -23.56 -32.37 21.27
C LEU B 147 -24.19 -31.04 20.89
N ALA B 148 -24.07 -30.06 21.77
CA ALA B 148 -24.63 -28.74 21.52
C ALA B 148 -24.04 -28.19 20.24
N ASP B 149 -22.71 -28.24 20.12
CA ASP B 149 -22.02 -27.72 18.95
C ASP B 149 -22.70 -28.16 17.64
N LEU B 150 -23.10 -29.42 17.58
CA LEU B 150 -23.73 -29.96 16.38
C LEU B 150 -25.09 -29.39 16.04
N ALA B 151 -25.73 -28.75 17.01
CA ALA B 151 -27.04 -28.14 16.79
C ALA B 151 -26.90 -26.73 16.20
N MET B 152 -25.67 -26.23 16.13
CA MET B 152 -25.41 -24.90 15.60
C MET B 152 -25.55 -24.81 14.11
N ASP B 153 -25.73 -23.58 13.62
CA ASP B 153 -25.92 -23.32 12.21
C ASP B 153 -24.85 -23.82 11.25
N PHE B 154 -23.59 -23.78 11.66
CA PHE B 154 -22.54 -24.25 10.77
C PHE B 154 -22.63 -25.77 10.57
N ALA B 155 -23.23 -26.45 11.54
CA ALA B 155 -23.35 -27.90 11.47
C ALA B 155 -24.55 -28.36 10.66
N SER B 156 -25.05 -27.49 9.79
CA SER B 156 -26.18 -27.78 8.92
C SER B 156 -25.74 -28.79 7.87
N ILE B 157 -26.60 -29.75 7.58
CA ILE B 157 -26.30 -30.78 6.60
C ILE B 157 -26.66 -30.33 5.17
N LEU B 158 -25.67 -30.37 4.28
CA LEU B 158 -25.86 -30.01 2.88
C LEU B 158 -26.03 -31.31 2.09
N SER B 159 -26.55 -31.23 0.87
CA SER B 159 -26.75 -32.43 0.04
C SER B 159 -25.56 -32.91 -0.78
N LYS B 160 -25.08 -34.10 -0.48
CA LYS B 160 -23.97 -34.70 -1.23
C LYS B 160 -24.36 -34.90 -2.69
N GLU B 161 -25.61 -35.30 -2.92
CA GLU B 161 -26.08 -35.52 -4.28
C GLU B 161 -26.03 -34.22 -5.07
N TYR B 162 -26.69 -33.18 -4.57
CA TYR B 162 -26.70 -31.88 -5.24
C TYR B 162 -25.27 -31.41 -5.45
N ALA B 163 -24.41 -31.66 -4.47
CA ALA B 163 -23.03 -31.28 -4.55
C ALA B 163 -22.38 -31.95 -5.74
N ASP B 164 -22.64 -33.25 -5.90
CA ASP B 164 -22.08 -34.00 -7.02
C ASP B 164 -22.63 -33.45 -8.34
N ALA B 165 -23.93 -33.19 -8.38
CA ALA B 165 -24.56 -32.66 -9.58
C ALA B 165 -23.84 -31.41 -10.08
N MET B 166 -23.71 -30.41 -9.20
CA MET B 166 -23.04 -29.18 -9.58
C MET B 166 -21.58 -29.41 -9.93
N MET B 167 -20.99 -30.44 -9.34
CA MET B 167 -19.59 -30.77 -9.59
C MET B 167 -19.44 -31.20 -11.06
N LYS B 168 -20.36 -32.06 -11.51
CA LYS B 168 -20.34 -32.55 -12.88
C LYS B 168 -20.67 -31.43 -13.86
N ALA B 169 -21.67 -30.64 -13.51
CA ALA B 169 -22.09 -29.52 -14.36
C ALA B 169 -21.03 -28.42 -14.42
N GLY B 170 -19.96 -28.56 -13.64
CA GLY B 170 -18.90 -27.57 -13.65
C GLY B 170 -19.22 -26.25 -12.98
N THR B 171 -20.25 -26.25 -12.12
CA THR B 171 -20.65 -25.05 -11.41
C THR B 171 -20.92 -25.31 -9.93
N PRO B 172 -19.89 -25.74 -9.18
CA PRO B 172 -19.99 -26.05 -7.75
C PRO B 172 -20.48 -24.89 -6.87
N GLU B 173 -20.20 -23.66 -7.31
CA GLU B 173 -20.60 -22.47 -6.55
C GLU B 173 -22.10 -22.47 -6.28
N LYS B 174 -22.86 -23.00 -7.24
CA LYS B 174 -24.31 -23.04 -7.09
C LYS B 174 -24.79 -23.77 -5.84
N LEU B 175 -23.97 -24.67 -5.32
CA LEU B 175 -24.31 -25.39 -4.11
C LEU B 175 -24.45 -24.40 -2.95
N ASP B 176 -23.57 -23.38 -2.99
CA ASP B 176 -23.54 -22.36 -1.97
C ASP B 176 -24.45 -21.19 -2.27
N LEU B 177 -24.80 -21.02 -3.53
CA LEU B 177 -25.63 -19.89 -3.92
C LEU B 177 -27.10 -20.19 -4.12
N ASN B 178 -27.39 -21.39 -4.60
CA ASN B 178 -28.76 -21.82 -4.83
C ASN B 178 -28.95 -23.01 -3.90
N PRO B 179 -29.39 -22.73 -2.66
CA PRO B 179 -29.62 -23.68 -1.57
C PRO B 179 -30.67 -24.76 -1.73
N ILE B 180 -30.28 -25.97 -1.39
CA ILE B 180 -31.16 -27.13 -1.40
C ILE B 180 -30.92 -27.75 -0.02
N GLY B 181 -31.94 -27.70 0.83
CA GLY B 181 -31.79 -28.25 2.16
C GLY B 181 -32.97 -29.14 2.47
N THR B 182 -33.13 -29.54 3.73
CA THR B 182 -34.22 -30.42 4.14
C THR B 182 -35.19 -29.65 5.03
N GLY B 183 -34.88 -28.38 5.25
CA GLY B 183 -35.68 -27.53 6.10
C GLY B 183 -37.12 -27.30 5.72
N PRO B 184 -37.91 -26.74 6.66
CA PRO B 184 -39.33 -26.43 6.51
C PRO B 184 -39.66 -25.48 5.37
N PHE B 185 -38.74 -24.58 5.01
CA PHE B 185 -39.00 -23.66 3.91
C PHE B 185 -38.02 -23.89 2.77
N GLN B 186 -38.34 -23.38 1.59
CA GLN B 186 -37.43 -23.51 0.46
C GLN B 186 -37.38 -22.21 -0.32
N LEU B 187 -36.17 -21.73 -0.56
CA LEU B 187 -35.96 -20.49 -1.28
C LEU B 187 -36.67 -20.54 -2.61
N GLN B 188 -37.48 -19.53 -2.87
CA GLN B 188 -38.19 -19.46 -4.14
C GLN B 188 -37.55 -18.38 -5.00
N GLN B 189 -37.31 -17.21 -4.41
CA GLN B 189 -36.71 -16.12 -5.16
C GLN B 189 -35.96 -15.17 -4.24
N TYR B 190 -34.82 -14.66 -4.71
CA TYR B 190 -34.02 -13.72 -3.94
C TYR B 190 -33.61 -12.51 -4.76
N GLN B 191 -34.10 -11.34 -4.38
CA GLN B 191 -33.76 -10.10 -5.07
C GLN B 191 -32.79 -9.37 -4.14
N LYS B 192 -31.53 -9.30 -4.58
CA LYS B 192 -30.44 -8.68 -3.83
C LYS B 192 -30.80 -7.41 -3.10
N ASP B 193 -30.51 -7.41 -1.80
CA ASP B 193 -30.76 -6.27 -0.92
C ASP B 193 -32.21 -5.75 -0.98
N SER B 194 -33.17 -6.61 -1.28
CA SER B 194 -34.55 -6.16 -1.37
C SER B 194 -35.56 -7.11 -0.74
N ARG B 195 -35.81 -8.26 -1.38
CA ARG B 195 -36.79 -9.21 -0.85
C ARG B 195 -36.34 -10.64 -1.06
N ILE B 196 -36.73 -11.52 -0.14
CA ILE B 196 -36.42 -12.92 -0.24
C ILE B 196 -37.77 -13.60 -0.04
N ARG B 197 -38.10 -14.53 -0.93
CA ARG B 197 -39.38 -15.23 -0.85
C ARG B 197 -39.12 -16.71 -0.65
N TYR B 198 -39.80 -17.30 0.31
CA TYR B 198 -39.68 -18.73 0.58
C TYR B 198 -41.07 -19.33 0.52
N LYS B 199 -41.13 -20.60 0.11
CA LYS B 199 -42.40 -21.32 0.07
C LYS B 199 -42.26 -22.44 1.10
N ALA B 200 -43.36 -22.81 1.74
CA ALA B 200 -43.31 -23.88 2.72
C ALA B 200 -43.02 -25.17 1.96
N PHE B 201 -42.16 -26.00 2.51
CA PHE B 201 -41.80 -27.27 1.89
C PHE B 201 -42.87 -28.30 2.22
N ASP B 202 -43.48 -28.89 1.19
CA ASP B 202 -44.52 -29.89 1.39
C ASP B 202 -43.97 -31.22 1.87
N GLY B 203 -42.78 -31.59 1.37
CA GLY B 203 -42.18 -32.84 1.77
C GLY B 203 -41.32 -32.78 3.02
N TYR B 204 -41.50 -31.72 3.82
CA TYR B 204 -40.74 -31.55 5.05
C TYR B 204 -40.97 -32.74 5.97
N TRP B 205 -39.89 -33.23 6.56
CA TRP B 205 -39.97 -34.38 7.45
C TRP B 205 -40.74 -34.12 8.75
N GLY B 206 -40.75 -32.87 9.21
CA GLY B 206 -41.44 -32.56 10.44
C GLY B 206 -42.80 -31.91 10.25
N THR B 207 -43.22 -31.12 11.24
CA THR B 207 -44.51 -30.42 11.19
C THR B 207 -44.46 -29.28 10.18
N LYS B 208 -45.24 -29.37 9.11
CA LYS B 208 -45.26 -28.33 8.11
C LYS B 208 -45.68 -26.97 8.71
N PRO B 209 -45.02 -25.88 8.27
CA PRO B 209 -45.34 -24.55 8.77
C PRO B 209 -46.72 -24.11 8.29
N GLN B 210 -47.45 -23.44 9.16
CA GLN B 210 -48.79 -22.97 8.81
C GLN B 210 -48.78 -21.77 7.87
N ILE B 211 -47.59 -21.23 7.62
CA ILE B 211 -47.40 -20.11 6.73
C ILE B 211 -47.11 -20.71 5.36
N ASP B 212 -47.92 -20.37 4.38
CA ASP B 212 -47.70 -20.89 3.03
C ASP B 212 -46.53 -20.16 2.35
N THR B 213 -46.39 -18.87 2.64
CA THR B 213 -45.33 -18.08 2.04
C THR B 213 -44.64 -17.16 3.07
N LEU B 214 -43.32 -17.19 3.07
CA LEU B 214 -42.53 -16.39 3.99
C LEU B 214 -41.74 -15.39 3.17
N VAL B 215 -41.83 -14.12 3.54
CA VAL B 215 -41.14 -13.08 2.81
C VAL B 215 -40.32 -12.20 3.72
N PHE B 216 -39.04 -12.00 3.36
CA PHE B 216 -38.17 -11.14 4.11
C PHE B 216 -38.09 -9.85 3.33
N SER B 217 -38.57 -8.76 3.90
CA SER B 217 -38.49 -7.47 3.23
C SER B 217 -37.30 -6.79 3.91
N ILE B 218 -36.17 -6.74 3.22
CA ILE B 218 -34.96 -6.15 3.77
C ILE B 218 -35.13 -4.66 4.02
N THR B 219 -35.33 -4.32 5.29
CA THR B 219 -35.52 -2.94 5.70
C THR B 219 -34.49 -2.60 6.76
N PRO B 220 -33.33 -2.06 6.35
CA PRO B 220 -32.23 -1.69 7.25
C PRO B 220 -32.46 -0.54 8.23
N ASP B 221 -33.48 0.28 7.99
CA ASP B 221 -33.75 1.39 8.90
C ASP B 221 -34.76 1.01 9.99
N ALA B 222 -34.31 1.01 11.23
CA ALA B 222 -35.15 0.66 12.36
C ALA B 222 -36.46 1.46 12.41
N SER B 223 -36.38 2.76 12.13
CA SER B 223 -37.57 3.61 12.16
C SER B 223 -38.56 3.19 11.08
N VAL B 224 -38.03 2.83 9.92
CA VAL B 224 -38.86 2.39 8.81
C VAL B 224 -39.49 1.04 9.15
N ARG B 225 -38.71 0.15 9.78
CA ARG B 225 -39.25 -1.15 10.14
C ARG B 225 -40.48 -0.92 10.99
N TYR B 226 -40.36 -0.01 11.96
CA TYR B 226 -41.49 0.29 12.84
C TYR B 226 -42.63 0.84 12.01
N ALA B 227 -42.31 1.75 11.09
CA ALA B 227 -43.33 2.33 10.23
C ALA B 227 -44.12 1.21 9.58
N LYS B 228 -43.41 0.32 8.88
CA LYS B 228 -44.05 -0.79 8.21
C LYS B 228 -44.87 -1.69 9.14
N LEU B 229 -44.39 -1.84 10.38
CA LEU B 229 -45.08 -2.67 11.35
C LEU B 229 -46.47 -2.11 11.62
N GLN B 230 -46.54 -0.81 11.83
CA GLN B 230 -47.79 -0.13 12.11
C GLN B 230 -48.77 -0.32 10.97
N LYS B 231 -48.30 -0.06 9.75
CA LYS B 231 -49.13 -0.20 8.57
C LYS B 231 -49.35 -1.67 8.19
N ASN B 232 -48.95 -2.56 9.08
CA ASN B 232 -49.06 -4.01 8.87
C ASN B 232 -48.45 -4.48 7.56
N GLU B 233 -47.49 -3.73 7.05
CA GLU B 233 -46.81 -4.14 5.82
C GLU B 233 -45.78 -5.20 6.18
N CYS B 234 -45.54 -5.33 7.49
CA CYS B 234 -44.61 -6.30 8.09
C CYS B 234 -45.26 -6.76 9.39
N GLN B 235 -45.20 -8.05 9.69
CA GLN B 235 -45.78 -8.51 10.94
C GLN B 235 -44.75 -8.65 12.04
N VAL B 236 -43.49 -8.83 11.67
CA VAL B 236 -42.42 -8.98 12.65
C VAL B 236 -41.19 -8.21 12.19
N MET B 237 -40.46 -7.63 13.14
CA MET B 237 -39.26 -6.88 12.84
C MET B 237 -38.31 -7.05 14.01
N PRO B 238 -36.99 -7.03 13.76
CA PRO B 238 -36.06 -7.19 14.86
C PRO B 238 -35.38 -5.88 15.23
N TYR B 239 -34.69 -5.90 16.37
CA TYR B 239 -33.91 -4.77 16.82
C TYR B 239 -34.59 -3.41 16.71
N PRO B 240 -35.63 -3.20 17.52
CA PRO B 240 -36.37 -1.95 17.52
C PRO B 240 -35.49 -0.84 18.07
N ASN B 241 -35.70 0.37 17.56
CA ASN B 241 -34.95 1.53 18.00
C ASN B 241 -35.31 1.75 19.48
N PRO B 242 -34.33 1.85 20.37
CA PRO B 242 -34.62 2.07 21.80
C PRO B 242 -35.62 3.19 22.11
N ALA B 243 -35.52 4.31 21.40
CA ALA B 243 -36.45 5.41 21.63
C ALA B 243 -37.89 4.92 21.43
N ASP B 244 -38.09 4.16 20.35
CA ASP B 244 -39.41 3.64 20.00
C ASP B 244 -39.99 2.60 20.96
N ILE B 245 -39.22 2.08 21.91
CA ILE B 245 -39.77 1.07 22.82
C ILE B 245 -41.04 1.61 23.48
N ALA B 246 -40.93 2.78 24.08
CA ALA B 246 -42.04 3.43 24.77
C ALA B 246 -43.33 3.30 23.97
N ARG B 247 -43.32 3.88 22.77
CA ARG B 247 -44.48 3.86 21.88
C ARG B 247 -44.99 2.44 21.67
N MET B 248 -44.11 1.53 21.27
CA MET B 248 -44.49 0.14 21.01
C MET B 248 -45.21 -0.52 22.17
N LYS B 249 -44.80 -0.19 23.38
CA LYS B 249 -45.44 -0.76 24.56
C LYS B 249 -46.88 -0.27 24.53
N GLN B 250 -47.03 1.05 24.38
CA GLN B 250 -48.33 1.70 24.33
C GLN B 250 -49.19 1.21 23.17
N ASP B 251 -48.58 0.95 22.02
CA ASP B 251 -49.32 0.50 20.85
C ASP B 251 -50.03 -0.81 21.12
N LYS B 252 -51.36 -0.78 20.98
CA LYS B 252 -52.19 -1.96 21.23
C LYS B 252 -52.18 -2.99 20.11
N SER B 253 -51.82 -2.57 18.90
CA SER B 253 -51.77 -3.50 17.77
C SER B 253 -50.42 -4.23 17.75
N ILE B 254 -49.51 -3.77 18.59
CA ILE B 254 -48.17 -4.35 18.69
C ILE B 254 -47.98 -5.06 20.02
N ASN B 255 -47.50 -6.29 19.91
CA ASN B 255 -47.21 -7.07 21.10
C ASN B 255 -45.69 -7.04 21.22
N LEU B 256 -45.19 -6.11 22.01
CA LEU B 256 -43.77 -5.94 22.23
C LEU B 256 -43.30 -7.05 23.15
N MET B 257 -42.66 -8.06 22.58
CA MET B 257 -42.16 -9.17 23.38
C MET B 257 -40.77 -8.84 23.89
N GLU B 258 -40.54 -9.08 25.18
CA GLU B 258 -39.23 -8.77 25.75
C GLU B 258 -38.67 -9.94 26.55
N MET B 259 -37.36 -10.05 26.59
CA MET B 259 -36.67 -11.13 27.29
C MET B 259 -35.22 -10.71 27.48
N PRO B 260 -34.59 -11.07 28.62
CA PRO B 260 -33.19 -10.67 28.85
C PRO B 260 -32.26 -11.34 27.86
N GLY B 261 -31.29 -10.59 27.37
CA GLY B 261 -30.38 -11.13 26.38
C GLY B 261 -29.23 -12.01 26.83
N LEU B 262 -28.68 -12.73 25.85
CA LEU B 262 -27.55 -13.61 26.02
C LEU B 262 -26.54 -13.07 25.00
N ASN B 263 -26.22 -11.79 25.12
CA ASN B 263 -25.34 -11.12 24.16
C ASN B 263 -24.32 -10.16 24.78
N VAL B 264 -23.39 -9.70 23.96
CA VAL B 264 -22.35 -8.77 24.40
C VAL B 264 -22.06 -7.88 23.23
N GLY B 265 -21.55 -6.69 23.52
CA GLY B 265 -21.19 -5.76 22.48
C GLY B 265 -19.84 -5.25 22.93
N TYR B 266 -18.84 -5.22 22.05
CA TYR B 266 -17.53 -4.75 22.45
C TYR B 266 -16.71 -4.26 21.27
N LEU B 267 -15.61 -3.58 21.57
CA LEU B 267 -14.71 -3.05 20.55
C LEU B 267 -13.46 -3.90 20.61
N SER B 268 -13.08 -4.53 19.51
CA SER B 268 -11.89 -5.36 19.51
C SER B 268 -10.67 -4.55 19.14
N TYR B 269 -9.61 -4.71 19.91
CA TYR B 269 -8.36 -4.02 19.62
C TYR B 269 -7.56 -5.02 18.82
N ASN B 270 -7.16 -4.67 17.60
CA ASN B 270 -6.38 -5.60 16.80
C ASN B 270 -4.99 -5.64 17.41
N VAL B 271 -4.84 -6.56 18.36
CA VAL B 271 -3.63 -6.76 19.13
C VAL B 271 -2.29 -6.93 18.39
N GLN B 272 -2.31 -7.04 17.06
CA GLN B 272 -1.05 -7.17 16.35
C GLN B 272 -0.86 -6.07 15.32
N LYS B 273 -1.43 -4.95 15.66
CA LYS B 273 -1.34 -3.71 14.91
C LYS B 273 -0.90 -2.63 15.88
N LYS B 274 0.40 -2.51 16.01
CA LYS B 274 0.99 -1.57 16.95
C LYS B 274 0.34 -0.20 16.81
N PRO B 275 0.24 0.57 17.91
CA PRO B 275 0.69 0.31 19.27
C PRO B 275 -0.27 -0.54 20.10
N LEU B 276 -1.28 -1.12 19.45
CA LEU B 276 -2.26 -1.93 20.18
C LEU B 276 -1.69 -3.21 20.76
N ASP B 277 -0.44 -3.51 20.46
CA ASP B 277 0.19 -4.70 20.99
C ASP B 277 0.60 -4.52 22.43
N ASP B 278 0.51 -3.29 22.91
CA ASP B 278 0.88 -2.94 24.27
C ASP B 278 -0.31 -2.90 25.23
N VAL B 279 -0.30 -3.78 26.21
CA VAL B 279 -1.38 -3.83 27.19
C VAL B 279 -1.66 -2.44 27.71
N LYS B 280 -0.60 -1.73 28.06
CA LYS B 280 -0.76 -0.38 28.57
C LYS B 280 -1.62 0.48 27.63
N VAL B 281 -1.38 0.38 26.33
CA VAL B 281 -2.14 1.16 25.38
C VAL B 281 -3.60 0.72 25.35
N ARG B 282 -3.83 -0.58 25.35
CA ARG B 282 -5.19 -1.09 25.34
C ARG B 282 -5.94 -0.62 26.56
N GLN B 283 -5.29 -0.68 27.71
CA GLN B 283 -5.91 -0.24 28.95
C GLN B 283 -6.18 1.26 28.89
N ALA B 284 -5.24 2.00 28.34
CA ALA B 284 -5.38 3.43 28.23
C ALA B 284 -6.62 3.77 27.41
N LEU B 285 -6.75 3.13 26.26
CA LEU B 285 -7.90 3.37 25.40
C LEU B 285 -9.19 3.05 26.11
N THR B 286 -9.15 2.04 26.96
CA THR B 286 -10.34 1.65 27.72
C THR B 286 -10.68 2.71 28.75
N TYR B 287 -9.71 3.10 29.58
CA TYR B 287 -9.95 4.11 30.60
C TYR B 287 -10.46 5.42 30.00
N ALA B 288 -9.96 5.77 28.82
CA ALA B 288 -10.35 7.02 28.20
C ALA B 288 -11.81 7.10 27.77
N VAL B 289 -12.47 5.96 27.67
CA VAL B 289 -13.87 5.94 27.22
C VAL B 289 -14.90 6.02 28.35
N ASN B 290 -15.74 7.04 28.27
CA ASN B 290 -16.81 7.17 29.29
C ASN B 290 -17.95 6.23 28.92
N LYS B 291 -17.84 5.01 29.41
CA LYS B 291 -18.81 3.99 29.10
C LYS B 291 -20.24 4.33 29.50
N ASP B 292 -20.42 4.89 30.69
CA ASP B 292 -21.77 5.23 31.14
C ASP B 292 -22.47 6.17 30.19
N ALA B 293 -21.75 7.17 29.69
CA ALA B 293 -22.34 8.11 28.75
C ALA B 293 -22.94 7.37 27.58
N ILE B 294 -22.19 6.38 27.09
CA ILE B 294 -22.61 5.56 25.96
C ILE B 294 -23.90 4.80 26.27
N ILE B 295 -23.88 4.02 27.34
CA ILE B 295 -25.06 3.24 27.75
C ILE B 295 -26.32 4.11 27.81
N LYS B 296 -26.15 5.30 28.37
CA LYS B 296 -27.23 6.27 28.55
C LYS B 296 -27.73 6.83 27.21
N ALA B 297 -26.81 7.27 26.37
CA ALA B 297 -27.14 7.88 25.10
C ALA B 297 -27.59 6.94 23.98
N VAL B 298 -26.89 5.81 23.88
CA VAL B 298 -27.16 4.84 22.84
C VAL B 298 -28.20 3.78 23.18
N TYR B 299 -27.95 3.04 24.25
CA TYR B 299 -28.87 1.98 24.66
C TYR B 299 -30.15 2.52 25.27
N GLN B 300 -30.05 3.62 25.99
CA GLN B 300 -31.21 4.25 26.60
C GLN B 300 -32.04 3.28 27.44
N GLY B 301 -31.40 2.67 28.43
CA GLY B 301 -32.14 1.74 29.28
C GLY B 301 -32.44 0.37 28.71
N ALA B 302 -32.18 0.17 27.42
CA ALA B 302 -32.39 -1.13 26.79
C ALA B 302 -31.22 -2.07 27.05
N GLY B 303 -30.11 -1.53 27.57
CA GLY B 303 -28.94 -2.34 27.83
C GLY B 303 -28.23 -1.82 29.07
N VAL B 304 -27.22 -2.55 29.53
CA VAL B 304 -26.50 -2.15 30.73
C VAL B 304 -25.01 -2.30 30.51
N SER B 305 -24.23 -1.56 31.30
CA SER B 305 -22.78 -1.59 31.23
C SER B 305 -22.33 -3.02 31.44
N ALA B 306 -21.37 -3.46 30.63
CA ALA B 306 -20.84 -4.81 30.71
C ALA B 306 -19.37 -4.80 31.11
N LYS B 307 -18.95 -5.80 31.87
CA LYS B 307 -17.55 -5.86 32.31
C LYS B 307 -16.93 -7.20 31.98
N ASN B 308 -17.77 -8.16 31.62
CA ASN B 308 -17.29 -9.49 31.28
C ASN B 308 -17.82 -9.88 29.91
N LEU B 309 -17.13 -10.80 29.26
CA LEU B 309 -17.54 -11.24 27.93
C LEU B 309 -18.88 -11.97 28.03
N ILE B 310 -19.06 -12.68 29.13
CA ILE B 310 -20.24 -13.45 29.41
C ILE B 310 -21.27 -12.61 30.17
N PRO B 311 -22.55 -12.65 29.75
CA PRO B 311 -23.61 -11.88 30.41
C PRO B 311 -24.03 -12.57 31.71
N PRO B 312 -24.54 -11.80 32.69
CA PRO B 312 -24.97 -12.33 33.99
C PRO B 312 -25.90 -13.53 33.89
N THR B 313 -26.61 -13.63 32.78
CA THR B 313 -27.53 -14.72 32.53
C THR B 313 -26.81 -16.02 32.14
N MET B 314 -25.47 -16.00 32.12
CA MET B 314 -24.68 -17.17 31.76
C MET B 314 -24.13 -17.81 33.06
N TRP B 315 -23.92 -19.12 33.02
CA TRP B 315 -23.52 -19.88 34.24
C TRP B 315 -22.01 -19.92 34.53
N GLY B 316 -21.33 -18.81 34.35
CA GLY B 316 -19.88 -18.77 34.63
C GLY B 316 -19.45 -17.40 35.09
N TYR B 317 -20.37 -16.45 34.99
CA TYR B 317 -20.15 -15.06 35.34
C TYR B 317 -19.38 -14.87 36.63
N ASN B 318 -18.22 -14.22 36.53
CA ASN B 318 -17.38 -13.94 37.67
C ASN B 318 -17.72 -12.52 38.06
N ASP B 319 -18.56 -12.35 39.08
CA ASP B 319 -18.94 -11.01 39.49
C ASP B 319 -17.87 -10.29 40.31
N ASP B 320 -16.82 -11.00 40.71
CA ASP B 320 -15.76 -10.39 41.50
C ASP B 320 -14.93 -9.42 40.68
N VAL B 321 -14.89 -9.65 39.36
CA VAL B 321 -14.14 -8.80 38.44
C VAL B 321 -14.63 -7.35 38.50
N GLN B 322 -13.71 -6.42 38.70
CA GLN B 322 -14.10 -5.01 38.75
C GLN B 322 -13.78 -4.29 37.46
N ASP B 323 -14.79 -3.68 36.86
CA ASP B 323 -14.65 -2.98 35.58
C ASP B 323 -13.69 -1.81 35.64
N TYR B 324 -13.20 -1.39 34.48
CA TYR B 324 -12.30 -0.25 34.42
C TYR B 324 -13.18 0.98 34.62
N THR B 325 -12.59 2.04 35.14
CA THR B 325 -13.37 3.24 35.35
C THR B 325 -13.04 4.28 34.29
N TYR B 326 -13.89 5.27 34.12
CA TYR B 326 -13.65 6.33 33.17
C TYR B 326 -12.63 7.21 33.87
N ASP B 327 -11.38 7.20 33.42
CA ASP B 327 -10.37 8.00 34.09
C ASP B 327 -9.38 8.55 33.07
N PRO B 328 -9.78 9.60 32.35
CA PRO B 328 -8.94 10.24 31.32
C PRO B 328 -7.52 10.41 31.80
N GLU B 329 -7.35 10.92 33.02
CA GLU B 329 -6.02 11.16 33.56
C GLU B 329 -5.17 9.89 33.55
N LYS B 330 -5.72 8.79 34.04
CA LYS B 330 -4.96 7.54 34.06
C LYS B 330 -4.62 7.14 32.63
N ALA B 331 -5.53 7.44 31.71
CA ALA B 331 -5.30 7.12 30.31
C ALA B 331 -4.06 7.86 29.84
N LYS B 332 -4.04 9.15 30.10
CA LYS B 332 -2.92 10.00 29.70
C LYS B 332 -1.62 9.47 30.30
N ALA B 333 -1.68 9.06 31.57
CA ALA B 333 -0.52 8.54 32.28
C ALA B 333 0.07 7.31 31.60
N LEU B 334 -0.78 6.32 31.34
CA LEU B 334 -0.36 5.08 30.70
C LEU B 334 0.21 5.37 29.33
N LEU B 335 -0.42 6.29 28.61
CA LEU B 335 0.05 6.64 27.28
C LEU B 335 1.44 7.22 27.41
N LYS B 336 1.68 7.96 28.49
CA LYS B 336 3.00 8.53 28.73
C LYS B 336 3.98 7.38 28.94
N GLU B 337 3.67 6.52 29.90
CA GLU B 337 4.54 5.39 30.20
C GLU B 337 4.93 4.62 28.93
N ALA B 338 3.98 4.42 28.03
CA ALA B 338 4.25 3.68 26.80
C ALA B 338 5.07 4.46 25.77
N GLY B 339 5.30 5.74 26.06
CA GLY B 339 6.08 6.54 25.14
C GLY B 339 5.26 7.19 24.05
N LEU B 340 3.97 7.35 24.32
CA LEU B 340 3.06 7.94 23.35
C LEU B 340 2.37 9.19 23.89
N GLU B 341 3.13 10.11 24.51
CA GLU B 341 2.57 11.35 25.06
C GLU B 341 1.86 12.16 23.99
N LYS B 342 2.51 12.26 22.83
CA LYS B 342 1.97 13.02 21.71
C LYS B 342 0.75 12.40 21.06
N GLY B 343 0.45 11.15 21.44
CA GLY B 343 -0.70 10.47 20.87
C GLY B 343 -0.39 9.73 19.56
N PHE B 344 -1.44 9.25 18.91
CA PHE B 344 -1.29 8.51 17.66
C PHE B 344 -2.64 8.41 16.98
N SER B 345 -2.70 7.67 15.88
CA SER B 345 -3.93 7.54 15.13
C SER B 345 -4.33 6.09 14.92
N ILE B 346 -5.63 5.84 14.87
CA ILE B 346 -6.16 4.50 14.64
C ILE B 346 -7.51 4.61 13.99
N ASP B 347 -7.94 3.54 13.33
CA ASP B 347 -9.24 3.57 12.73
C ASP B 347 -10.24 2.90 13.68
N LEU B 348 -11.50 3.21 13.50
CA LEU B 348 -12.53 2.66 14.35
C LEU B 348 -13.61 2.19 13.40
N TRP B 349 -13.75 0.89 13.27
CA TRP B 349 -14.75 0.33 12.40
C TRP B 349 -16.06 0.18 13.12
N ALA B 350 -17.14 0.55 12.45
CA ALA B 350 -18.47 0.48 12.99
C ALA B 350 -19.38 -0.06 11.89
N MET B 351 -20.24 -1.02 12.21
CA MET B 351 -21.12 -1.58 11.19
C MET B 351 -22.30 -0.67 10.93
N PRO B 352 -22.82 -0.71 9.70
CA PRO B 352 -23.96 0.11 9.28
C PRO B 352 -25.33 -0.50 9.55
N VAL B 353 -25.39 -1.65 10.22
CA VAL B 353 -26.67 -2.28 10.51
C VAL B 353 -26.90 -2.32 12.01
N GLN B 354 -28.14 -2.43 12.42
CA GLN B 354 -28.41 -2.50 13.86
C GLN B 354 -28.13 -3.94 14.27
N ARG B 355 -27.62 -4.12 15.46
CA ARG B 355 -27.35 -5.46 15.94
C ARG B 355 -27.97 -5.59 17.32
N PRO B 356 -28.35 -6.82 17.69
CA PRO B 356 -28.96 -7.08 18.99
C PRO B 356 -28.15 -6.51 20.15
N TYR B 357 -26.83 -6.45 19.98
CA TYR B 357 -25.96 -5.92 21.03
C TYR B 357 -25.54 -4.48 20.83
N ASN B 358 -25.85 -3.89 19.68
CA ASN B 358 -25.47 -2.50 19.43
C ASN B 358 -26.51 -1.82 18.55
N PRO B 359 -27.43 -1.07 19.18
CA PRO B 359 -28.52 -0.34 18.55
C PRO B 359 -28.09 0.65 17.48
N ASN B 360 -26.93 1.26 17.65
CA ASN B 360 -26.45 2.26 16.71
C ASN B 360 -24.95 2.44 16.84
N ALA B 361 -24.20 1.53 16.22
CA ALA B 361 -22.75 1.57 16.28
C ALA B 361 -22.21 2.87 15.73
N ARG B 362 -22.93 3.42 14.78
CA ARG B 362 -22.53 4.67 14.15
C ARG B 362 -22.37 5.79 15.16
N ARG B 363 -23.41 6.01 15.97
CA ARG B 363 -23.33 7.05 16.97
C ARG B 363 -22.35 6.68 18.07
N MET B 364 -22.30 5.41 18.43
CA MET B 364 -21.38 4.99 19.46
C MET B 364 -19.96 5.30 19.03
N ALA B 365 -19.68 5.15 17.74
CA ALA B 365 -18.35 5.41 17.23
C ALA B 365 -17.95 6.85 17.44
N GLU B 366 -18.87 7.76 17.14
CA GLU B 366 -18.60 9.18 17.29
C GLU B 366 -18.27 9.55 18.73
N MET B 367 -18.96 8.93 19.67
CA MET B 367 -18.71 9.20 21.07
C MET B 367 -17.33 8.70 21.50
N ILE B 368 -16.97 7.50 21.05
CA ILE B 368 -15.66 6.96 21.40
C ILE B 368 -14.58 7.80 20.75
N GLN B 369 -14.84 8.24 19.52
CA GLN B 369 -13.90 9.07 18.81
C GLN B 369 -13.63 10.34 19.63
N ALA B 370 -14.70 11.02 20.02
CA ALA B 370 -14.60 12.24 20.80
C ALA B 370 -13.85 11.99 22.09
N ASP B 371 -14.15 10.90 22.77
CA ASP B 371 -13.49 10.60 24.03
C ASP B 371 -12.01 10.41 23.82
N TRP B 372 -11.65 9.62 22.82
CA TRP B 372 -10.25 9.35 22.53
C TRP B 372 -9.50 10.62 22.14
N ALA B 373 -10.17 11.51 21.46
CA ALA B 373 -9.56 12.76 21.04
C ALA B 373 -9.09 13.54 22.25
N LYS B 374 -9.81 13.41 23.36
CA LYS B 374 -9.46 14.13 24.58
C LYS B 374 -8.14 13.68 25.19
N VAL B 375 -7.63 12.51 24.81
CA VAL B 375 -6.34 12.08 25.33
C VAL B 375 -5.31 12.05 24.21
N GLY B 376 -5.62 12.73 23.11
CA GLY B 376 -4.68 12.80 22.00
C GLY B 376 -4.63 11.65 21.02
N VAL B 377 -5.69 10.85 20.96
CA VAL B 377 -5.70 9.74 20.00
C VAL B 377 -6.68 10.13 18.91
N GLN B 378 -6.18 10.31 17.70
CA GLN B 378 -7.05 10.71 16.60
C GLN B 378 -7.62 9.49 15.92
N ALA B 379 -8.94 9.34 15.98
CA ALA B 379 -9.58 8.16 15.38
C ALA B 379 -10.33 8.43 14.08
N LYS B 380 -10.17 7.54 13.12
CA LYS B 380 -10.87 7.66 11.84
C LYS B 380 -11.94 6.58 11.85
N ILE B 381 -13.20 6.98 11.83
CA ILE B 381 -14.29 6.01 11.84
C ILE B 381 -14.48 5.49 10.43
N VAL B 382 -14.47 4.18 10.27
CA VAL B 382 -14.61 3.56 8.96
C VAL B 382 -15.73 2.53 8.94
N THR B 383 -16.60 2.60 7.95
CA THR B 383 -17.68 1.63 7.85
C THR B 383 -17.89 1.15 6.42
N TYR B 384 -17.99 -0.17 6.28
CA TYR B 384 -18.22 -0.84 5.01
C TYR B 384 -19.60 -1.51 5.11
N GLU B 385 -20.13 -1.98 3.99
CA GLU B 385 -21.41 -2.69 4.00
C GLU B 385 -21.24 -3.86 4.97
N TRP B 386 -22.31 -4.21 5.69
CA TRP B 386 -22.30 -5.31 6.67
C TRP B 386 -21.47 -6.53 6.26
N GLY B 387 -21.74 -7.06 5.08
CA GLY B 387 -21.01 -8.24 4.62
C GLY B 387 -19.52 -8.04 4.46
N GLU B 388 -19.17 -6.99 3.73
CA GLU B 388 -17.78 -6.64 3.45
C GLU B 388 -17.07 -6.38 4.77
N TYR B 389 -17.77 -5.70 5.66
CA TYR B 389 -17.29 -5.33 6.99
C TYR B 389 -16.75 -6.57 7.69
N LEU B 390 -17.55 -7.62 7.73
CA LEU B 390 -17.13 -8.86 8.37
C LEU B 390 -15.98 -9.51 7.63
N LYS B 391 -16.08 -9.60 6.30
CA LYS B 391 -15.03 -10.21 5.50
C LYS B 391 -13.67 -9.61 5.85
N ARG B 392 -13.57 -8.29 5.73
CA ARG B 392 -12.31 -7.62 6.00
C ARG B 392 -11.86 -7.70 7.43
N ALA B 393 -12.81 -7.63 8.37
CA ALA B 393 -12.46 -7.69 9.78
C ALA B 393 -11.71 -8.99 10.03
N LYS B 394 -12.23 -10.09 9.46
CA LYS B 394 -11.63 -11.40 9.60
C LYS B 394 -10.21 -11.40 9.05
N ASP B 395 -10.01 -10.76 7.90
CA ASP B 395 -8.69 -10.68 7.28
C ASP B 395 -7.72 -9.77 8.05
N GLY B 396 -8.23 -9.13 9.09
CA GLY B 396 -7.38 -8.27 9.92
C GLY B 396 -7.01 -6.92 9.36
N GLU B 397 -7.84 -6.36 8.50
CA GLU B 397 -7.57 -5.05 7.92
C GLU B 397 -7.72 -3.88 8.88
N HIS B 398 -8.46 -4.10 9.95
CA HIS B 398 -8.75 -3.07 10.93
C HIS B 398 -7.71 -2.97 12.02
N GLN B 399 -7.83 -1.90 12.80
CA GLN B 399 -6.98 -1.69 13.95
C GLN B 399 -7.93 -1.79 15.15
N THR B 400 -9.19 -1.38 14.94
CA THR B 400 -10.21 -1.40 15.97
C THR B 400 -11.57 -1.66 15.30
N VAL B 401 -12.36 -2.58 15.85
CA VAL B 401 -13.68 -2.91 15.28
C VAL B 401 -14.81 -3.07 16.28
N MET B 402 -15.98 -2.61 15.90
CA MET B 402 -17.15 -2.73 16.74
C MET B 402 -17.62 -4.13 16.47
N MET B 403 -17.86 -4.90 17.51
CA MET B 403 -18.32 -6.27 17.33
C MET B 403 -19.23 -6.68 18.48
N GLY B 404 -19.76 -7.90 18.41
CA GLY B 404 -20.62 -8.38 19.47
C GLY B 404 -20.97 -9.83 19.26
N TRP B 405 -21.78 -10.40 20.13
CA TRP B 405 -22.12 -11.81 20.00
C TRP B 405 -23.42 -12.14 20.70
N THR B 406 -24.02 -13.24 20.29
CA THR B 406 -25.25 -13.74 20.87
C THR B 406 -24.95 -15.23 20.98
N GLY B 407 -25.07 -15.78 22.18
CA GLY B 407 -24.78 -17.20 22.37
C GLY B 407 -25.39 -18.07 21.29
N ASP B 408 -24.70 -19.15 20.95
CA ASP B 408 -25.21 -20.06 19.94
C ASP B 408 -25.71 -21.37 20.51
N ASN B 409 -25.21 -21.74 21.69
CA ASN B 409 -25.57 -23.00 22.31
C ASN B 409 -25.68 -22.92 23.83
N GLY B 410 -25.70 -21.72 24.38
CA GLY B 410 -25.79 -21.59 25.82
C GLY B 410 -24.62 -22.10 26.64
N ASP B 411 -23.44 -22.28 26.04
CA ASP B 411 -22.25 -22.75 26.76
C ASP B 411 -21.15 -21.72 26.72
N PRO B 412 -20.52 -21.42 27.87
CA PRO B 412 -19.45 -20.43 27.94
C PRO B 412 -18.38 -20.61 26.87
N ASP B 413 -18.16 -21.85 26.47
CA ASP B 413 -17.16 -22.13 25.45
C ASP B 413 -17.44 -21.31 24.21
N ASN B 414 -18.70 -21.29 23.79
CA ASN B 414 -19.09 -20.57 22.59
C ASN B 414 -18.76 -19.08 22.65
N PHE B 415 -18.43 -18.60 23.85
CA PHE B 415 -18.08 -17.21 24.03
C PHE B 415 -16.57 -17.03 24.11
N PHE B 416 -15.96 -17.57 25.16
CA PHE B 416 -14.52 -17.44 25.35
C PHE B 416 -13.68 -18.06 24.26
N ALA B 417 -13.90 -19.33 23.97
CA ALA B 417 -13.12 -20.02 22.95
C ALA B 417 -13.39 -19.53 21.54
N THR B 418 -14.62 -19.70 21.08
CA THR B 418 -14.98 -19.28 19.74
C THR B 418 -14.59 -17.85 19.41
N LEU B 419 -14.52 -16.98 20.41
CA LEU B 419 -14.20 -15.58 20.17
C LEU B 419 -12.82 -15.07 20.53
N PHE B 420 -12.14 -15.72 21.48
CA PHE B 420 -10.82 -15.24 21.87
C PHE B 420 -9.73 -16.29 21.98
N SER B 421 -9.86 -17.41 21.28
CA SER B 421 -8.86 -18.46 21.34
C SER B 421 -7.82 -18.23 20.26
N CYS B 422 -6.71 -18.96 20.34
CA CYS B 422 -5.67 -18.81 19.32
C CYS B 422 -6.19 -19.38 18.03
N ALA B 423 -6.86 -20.52 18.11
CA ALA B 423 -7.41 -21.14 16.92
C ALA B 423 -8.31 -20.12 16.23
N ALA B 424 -9.05 -19.38 17.04
CA ALA B 424 -9.95 -18.38 16.51
C ALA B 424 -9.22 -17.14 16.00
N SER B 425 -8.01 -16.89 16.48
CA SER B 425 -7.27 -15.71 16.03
C SER B 425 -6.71 -15.94 14.65
N GLU B 426 -6.50 -17.19 14.28
CA GLU B 426 -5.96 -17.52 12.98
C GLU B 426 -7.01 -17.57 11.87
N GLN B 427 -8.04 -18.40 12.03
CA GLN B 427 -9.06 -18.51 11.00
C GLN B 427 -10.49 -18.29 11.52
N GLY B 428 -10.63 -17.74 12.72
CA GLY B 428 -11.96 -17.57 13.29
C GLY B 428 -12.46 -16.16 13.50
N SER B 429 -13.36 -16.00 14.46
CA SER B 429 -13.97 -14.71 14.75
C SER B 429 -13.24 -13.86 15.79
N ASN B 430 -12.03 -14.28 16.16
CA ASN B 430 -11.24 -13.53 17.13
C ASN B 430 -10.67 -12.35 16.39
N TYR B 431 -11.49 -11.33 16.16
CA TYR B 431 -11.03 -10.15 15.44
C TYR B 431 -10.02 -9.31 16.18
N SER B 432 -9.70 -9.69 17.41
CA SER B 432 -8.70 -8.98 18.18
C SER B 432 -7.34 -9.62 17.90
N LYS B 433 -7.36 -10.75 17.18
CA LYS B 433 -6.15 -11.50 16.84
C LYS B 433 -5.30 -11.69 18.09
N TRP B 434 -5.98 -11.92 19.21
CA TRP B 434 -5.33 -12.11 20.51
C TRP B 434 -5.17 -13.59 20.80
N CYS B 435 -3.96 -14.00 21.11
CA CYS B 435 -3.66 -15.40 21.42
C CYS B 435 -2.71 -15.34 22.60
N TYR B 436 -3.17 -15.80 23.76
CA TYR B 436 -2.40 -15.71 25.00
C TYR B 436 -2.40 -17.02 25.79
N LYS B 437 -1.23 -17.61 25.99
CA LYS B 437 -1.12 -18.89 26.70
C LYS B 437 -1.90 -19.00 28.02
N PRO B 438 -1.67 -18.09 28.98
CA PRO B 438 -2.38 -18.15 30.26
C PRO B 438 -3.88 -18.31 30.10
N PHE B 439 -4.43 -17.74 29.04
CA PHE B 439 -5.85 -17.83 28.76
C PHE B 439 -6.12 -19.23 28.26
N GLU B 440 -5.40 -19.63 27.21
CA GLU B 440 -5.58 -20.96 26.64
C GLU B 440 -5.56 -22.02 27.73
N ASP B 441 -4.64 -21.88 28.69
CA ASP B 441 -4.50 -22.82 29.77
C ASP B 441 -5.73 -23.01 30.64
N LEU B 442 -6.65 -22.05 30.58
CA LEU B 442 -7.88 -22.13 31.34
C LEU B 442 -8.99 -22.62 30.42
N ILE B 443 -9.18 -21.88 29.33
CA ILE B 443 -10.20 -22.18 28.34
C ILE B 443 -10.19 -23.60 27.76
N GLN B 444 -9.02 -24.11 27.42
CA GLN B 444 -8.94 -25.46 26.83
C GLN B 444 -9.35 -26.59 27.76
N PRO B 445 -8.76 -26.67 28.96
CA PRO B 445 -9.15 -27.74 29.89
C PRO B 445 -10.63 -27.66 30.21
N ALA B 446 -11.15 -26.44 30.35
CA ALA B 446 -12.55 -26.25 30.65
C ALA B 446 -13.46 -26.91 29.64
N ARG B 447 -12.95 -27.23 28.46
CA ARG B 447 -13.76 -27.86 27.43
C ARG B 447 -13.79 -29.38 27.54
N ALA B 448 -12.75 -29.96 28.11
CA ALA B 448 -12.66 -31.42 28.22
C ALA B 448 -13.39 -32.09 29.39
N THR B 449 -13.41 -31.46 30.56
CA THR B 449 -14.05 -32.07 31.72
C THR B 449 -15.56 -32.10 31.69
N ASP B 450 -16.12 -33.09 32.36
CA ASP B 450 -17.57 -33.23 32.48
C ASP B 450 -17.97 -32.70 33.85
N ASP B 451 -16.96 -32.36 34.65
CA ASP B 451 -17.15 -31.83 36.00
C ASP B 451 -17.55 -30.35 35.94
N HIS B 452 -18.84 -30.12 35.77
CA HIS B 452 -19.37 -28.78 35.67
C HIS B 452 -18.77 -27.76 36.62
N ASN B 453 -18.35 -28.19 37.80
CA ASN B 453 -17.78 -27.24 38.76
C ASN B 453 -16.38 -26.80 38.38
N LYS B 454 -15.57 -27.69 37.83
CA LYS B 454 -14.23 -27.32 37.42
C LYS B 454 -14.41 -26.33 36.28
N ARG B 455 -15.39 -26.59 35.42
CA ARG B 455 -15.66 -25.69 34.31
C ARG B 455 -15.97 -24.29 34.84
N VAL B 456 -16.82 -24.21 35.85
CA VAL B 456 -17.16 -22.93 36.43
C VAL B 456 -15.93 -22.21 36.97
N GLU B 457 -15.10 -22.91 37.71
CA GLU B 457 -13.91 -22.28 38.27
C GLU B 457 -12.98 -21.76 37.18
N LEU B 458 -12.81 -22.58 36.14
CA LEU B 458 -11.95 -22.22 35.02
C LEU B 458 -12.47 -20.98 34.30
N TYR B 459 -13.70 -21.03 33.82
CA TYR B 459 -14.24 -19.88 33.13
C TYR B 459 -14.22 -18.60 33.98
N LYS B 460 -14.32 -18.73 35.29
CA LYS B 460 -14.29 -17.55 36.14
C LYS B 460 -12.89 -16.95 36.09
N GLN B 461 -11.87 -17.78 36.18
CA GLN B 461 -10.50 -17.30 36.15
C GLN B 461 -10.24 -16.64 34.80
N ALA B 462 -10.78 -17.23 33.75
CA ALA B 462 -10.62 -16.69 32.39
C ALA B 462 -11.05 -15.25 32.32
N GLN B 463 -12.18 -14.93 32.94
CA GLN B 463 -12.68 -13.57 32.92
C GLN B 463 -11.70 -12.60 33.55
N VAL B 464 -10.93 -13.08 34.52
CA VAL B 464 -9.94 -12.22 35.17
C VAL B 464 -8.84 -11.94 34.16
N VAL B 465 -8.24 -13.00 33.66
CA VAL B 465 -7.15 -12.93 32.68
C VAL B 465 -7.53 -11.98 31.56
N MET B 466 -8.72 -12.17 31.02
CA MET B 466 -9.20 -11.35 29.94
C MET B 466 -9.27 -9.91 30.38
N HIS B 467 -9.76 -9.66 31.58
CA HIS B 467 -9.86 -8.30 32.07
C HIS B 467 -8.49 -7.64 32.09
N ASP B 468 -7.53 -8.31 32.72
CA ASP B 468 -6.19 -7.78 32.84
C ASP B 468 -5.53 -7.52 31.50
N GLN B 469 -5.78 -8.39 30.53
CA GLN B 469 -5.15 -8.23 29.23
C GLN B 469 -5.83 -7.25 28.30
N ALA B 470 -7.07 -6.88 28.58
CA ALA B 470 -7.76 -5.91 27.75
C ALA B 470 -7.71 -6.18 26.25
N PRO B 471 -8.02 -7.39 25.81
CA PRO B 471 -7.96 -7.58 24.35
C PRO B 471 -9.10 -6.89 23.64
N ALA B 472 -10.08 -6.43 24.40
CA ALA B 472 -11.24 -5.76 23.81
C ALA B 472 -11.87 -4.87 24.85
N LEU B 473 -12.62 -3.88 24.38
CA LEU B 473 -13.30 -2.96 25.27
C LEU B 473 -14.73 -3.47 25.40
N ILE B 474 -15.02 -4.23 26.45
CA ILE B 474 -16.36 -4.77 26.65
C ILE B 474 -17.31 -3.60 26.94
N ILE B 475 -18.33 -3.43 26.10
CA ILE B 475 -19.24 -2.33 26.26
C ILE B 475 -20.57 -2.60 26.98
N ALA B 476 -21.44 -3.43 26.39
CA ALA B 476 -22.73 -3.67 27.04
C ALA B 476 -23.42 -4.96 26.61
N HIS B 477 -24.30 -5.35 27.52
CA HIS B 477 -25.24 -6.47 27.37
C HIS B 477 -26.60 -5.82 27.11
N SER B 478 -27.30 -6.30 26.12
CA SER B 478 -28.57 -5.67 25.75
C SER B 478 -29.77 -6.55 26.01
N THR B 479 -30.92 -5.93 26.26
CA THR B 479 -32.16 -6.66 26.49
C THR B 479 -32.82 -6.87 25.16
N VAL B 480 -33.44 -8.03 24.98
CA VAL B 480 -34.10 -8.36 23.73
C VAL B 480 -35.55 -7.89 23.65
N PHE B 481 -35.88 -7.14 22.61
CA PHE B 481 -37.25 -6.66 22.41
C PHE B 481 -37.63 -7.04 20.99
N GLU B 482 -38.62 -7.91 20.82
CA GLU B 482 -39.06 -8.29 19.49
C GLU B 482 -40.50 -7.84 19.29
N PRO B 483 -40.71 -6.78 18.50
CA PRO B 483 -42.07 -6.27 18.26
C PRO B 483 -42.77 -7.27 17.36
N VAL B 484 -43.98 -7.68 17.73
CA VAL B 484 -44.72 -8.63 16.91
C VAL B 484 -46.18 -8.20 16.76
N ARG B 485 -46.69 -8.20 15.53
CA ARG B 485 -48.07 -7.83 15.30
C ARG B 485 -48.96 -8.81 16.07
N LYS B 486 -50.04 -8.29 16.64
CA LYS B 486 -50.98 -9.12 17.42
C LYS B 486 -51.61 -10.24 16.60
N GLU B 487 -51.71 -10.03 15.30
CA GLU B 487 -52.28 -11.03 14.41
C GLU B 487 -51.42 -12.30 14.35
N VAL B 488 -50.17 -12.21 14.79
CA VAL B 488 -49.28 -13.34 14.72
C VAL B 488 -49.33 -14.20 15.95
N LYS B 489 -49.69 -15.47 15.76
CA LYS B 489 -49.82 -16.40 16.87
C LYS B 489 -48.67 -17.40 16.95
N GLY B 490 -48.24 -17.66 18.18
CA GLY B 490 -47.19 -18.64 18.41
C GLY B 490 -45.73 -18.26 18.25
N TYR B 491 -45.43 -16.96 18.30
CA TYR B 491 -44.05 -16.54 18.15
C TYR B 491 -43.34 -16.74 19.48
N VAL B 492 -42.10 -17.22 19.41
CA VAL B 492 -41.29 -17.46 20.58
C VAL B 492 -39.97 -16.73 20.42
N VAL B 493 -39.63 -15.89 21.38
CA VAL B 493 -38.37 -15.14 21.33
C VAL B 493 -37.25 -16.11 21.63
N ASP B 494 -36.36 -16.29 20.66
CA ASP B 494 -35.24 -17.21 20.81
C ASP B 494 -34.04 -16.59 21.49
N PRO B 495 -33.64 -17.12 22.66
CA PRO B 495 -32.49 -16.56 23.37
C PRO B 495 -31.24 -16.64 22.53
N LEU B 496 -31.18 -17.62 21.64
CA LEU B 496 -30.03 -17.80 20.77
C LEU B 496 -30.03 -16.81 19.61
N GLY B 497 -30.95 -15.86 19.64
CA GLY B 497 -31.00 -14.83 18.63
C GLY B 497 -31.58 -15.10 17.25
N LYS B 498 -32.19 -16.26 17.03
CA LYS B 498 -32.79 -16.54 15.73
C LYS B 498 -34.23 -16.07 15.68
N HIS B 499 -34.77 -15.97 14.47
CA HIS B 499 -36.15 -15.56 14.29
C HIS B 499 -36.83 -16.71 13.55
N HIS B 500 -37.48 -17.59 14.32
CA HIS B 500 -38.16 -18.77 13.79
C HIS B 500 -39.59 -18.52 13.32
N PHE B 501 -39.90 -18.96 12.11
CA PHE B 501 -41.26 -18.77 11.58
C PHE B 501 -42.01 -20.05 11.22
N GLU B 502 -41.42 -21.21 11.50
CA GLU B 502 -42.09 -22.48 11.19
C GLU B 502 -43.33 -22.62 12.07
N ASN B 503 -43.08 -22.55 13.38
CA ASN B 503 -44.10 -22.68 14.41
C ASN B 503 -45.18 -21.59 14.40
N VAL B 504 -44.88 -20.47 13.75
CA VAL B 504 -45.82 -19.35 13.70
C VAL B 504 -47.01 -19.53 12.78
N SER B 505 -48.09 -18.83 13.11
CA SER B 505 -49.33 -18.85 12.32
C SER B 505 -50.03 -17.51 12.42
N ILE B 506 -50.09 -16.79 11.32
CA ILE B 506 -50.78 -15.52 11.27
C ILE B 506 -52.15 -15.87 10.70
N GLU B 507 -53.19 -15.11 11.04
CA GLU B 507 -54.51 -15.42 10.52
C GLU B 507 -55.39 -14.16 10.40
N LYS C 1 51.78 9.37 10.15
CA LYS C 1 51.56 8.18 9.27
C LYS C 1 50.13 8.04 8.75
N THR C 2 49.96 7.77 7.46
CA THR C 2 48.64 7.64 6.85
C THR C 2 48.23 6.21 6.55
N LEU C 3 46.97 5.87 6.86
CA LEU C 3 46.42 4.53 6.59
C LEU C 3 45.20 4.72 5.68
N VAL C 4 45.08 3.86 4.67
CA VAL C 4 43.96 3.94 3.73
C VAL C 4 43.14 2.66 3.71
N TYR C 5 41.85 2.83 4.02
CA TYR C 5 40.88 1.73 4.06
C TYR C 5 40.01 1.81 2.82
N CYS C 6 39.80 0.68 2.16
CA CYS C 6 38.96 0.60 0.97
C CYS C 6 37.55 0.26 1.42
N SER C 7 36.68 1.25 1.63
CA SER C 7 35.32 0.97 2.09
C SER C 7 34.41 0.43 0.98
N GLU C 8 33.43 -0.37 1.38
CA GLU C 8 32.49 -0.98 0.44
C GLU C 8 31.43 -0.07 -0.18
N GLY C 9 31.22 1.10 0.41
CA GLY C 9 30.20 2.00 -0.11
C GLY C 9 30.27 3.35 0.59
N SER C 10 29.27 4.20 0.34
CA SER C 10 29.28 5.52 0.95
C SER C 10 28.43 5.60 2.20
N PRO C 11 28.88 6.36 3.20
CA PRO C 11 28.12 6.48 4.44
C PRO C 11 26.85 7.26 4.17
N GLU C 12 25.78 6.85 4.83
CA GLU C 12 24.48 7.48 4.68
C GLU C 12 24.45 8.90 5.26
N GLY C 13 25.33 9.15 6.21
CA GLY C 13 25.39 10.46 6.85
C GLY C 13 26.33 10.39 8.03
N PHE C 14 26.42 11.44 8.83
CA PHE C 14 27.33 11.41 9.96
C PHE C 14 26.80 11.41 11.39
N ASN C 15 25.50 11.15 11.56
CA ASN C 15 24.92 11.07 12.89
C ASN C 15 24.40 9.65 13.00
N PRO C 16 25.11 8.78 13.73
CA PRO C 16 24.73 7.38 13.90
C PRO C 16 23.33 7.14 14.43
N GLN C 17 22.73 8.14 15.06
CA GLN C 17 21.38 7.97 15.59
C GLN C 17 20.37 7.70 14.50
N LEU C 18 20.58 8.34 13.37
CA LEU C 18 19.67 8.26 12.23
C LEU C 18 19.78 7.07 11.30
N PHE C 19 20.86 6.29 11.39
CA PHE C 19 21.03 5.17 10.47
C PHE C 19 21.22 3.81 11.09
N THR C 20 21.32 2.80 10.24
CA THR C 20 21.47 1.43 10.71
C THR C 20 22.57 0.61 10.06
N SER C 21 23.07 1.04 8.89
CA SER C 21 24.09 0.26 8.21
C SER C 21 25.48 0.39 8.79
N GLY C 22 26.26 -0.67 8.67
CA GLY C 22 27.62 -0.66 9.16
C GLY C 22 28.42 0.30 8.32
N THR C 23 28.12 0.37 7.03
CA THR C 23 28.81 1.26 6.12
C THR C 23 28.93 2.64 6.74
N THR C 24 27.82 3.18 7.22
CA THR C 24 27.84 4.49 7.82
C THR C 24 28.53 4.49 9.19
N TYR C 25 28.23 3.50 10.02
CA TYR C 25 28.86 3.40 11.34
C TYR C 25 30.40 3.44 11.29
N ASP C 26 30.98 2.70 10.37
CA ASP C 26 32.43 2.66 10.21
C ASP C 26 33.01 4.05 9.92
N ALA C 27 32.20 4.89 9.30
CA ALA C 27 32.64 6.23 8.94
C ALA C 27 32.13 7.30 9.86
N SER C 28 31.18 6.98 10.73
CA SER C 28 30.64 7.99 11.61
C SER C 28 30.92 7.69 13.07
N SER C 29 30.08 6.85 13.65
CA SER C 29 30.20 6.48 15.05
C SER C 29 31.58 5.99 15.45
N VAL C 30 32.06 4.95 14.78
CA VAL C 30 33.36 4.39 15.12
C VAL C 30 34.55 5.36 15.15
N PRO C 31 34.75 6.14 14.09
CA PRO C 31 35.91 7.06 14.16
C PRO C 31 35.69 8.36 14.88
N LEU C 32 34.47 8.89 14.91
CA LEU C 32 34.26 10.26 15.45
C LEU C 32 33.59 10.38 16.83
N TYR C 33 32.87 9.38 17.29
CA TYR C 33 32.13 9.53 18.56
C TYR C 33 32.48 8.53 19.64
N ASN C 34 31.77 8.62 20.76
CA ASN C 34 31.95 7.73 21.90
C ASN C 34 30.62 7.50 22.57
N ARG C 35 30.56 6.48 23.42
CA ARG C 35 29.34 6.16 24.15
C ARG C 35 29.70 6.15 25.61
N LEU C 36 28.69 6.24 26.48
CA LEU C 36 28.94 6.24 27.91
C LEU C 36 29.80 5.03 28.26
N VAL C 37 29.47 3.89 27.69
CA VAL C 37 30.24 2.66 27.93
C VAL C 37 30.67 2.15 26.54
N GLU C 38 31.69 1.31 26.46
CA GLU C 38 32.20 0.80 25.17
C GLU C 38 32.51 -0.69 25.21
N PHE C 39 32.88 -1.26 24.06
CA PHE C 39 33.21 -2.68 23.99
C PHE C 39 34.71 -2.80 23.74
N LYS C 40 35.38 -3.71 24.43
CA LYS C 40 36.82 -3.89 24.22
C LYS C 40 36.92 -4.45 22.81
N ILE C 41 37.71 -3.78 21.96
CA ILE C 41 37.85 -4.20 20.57
C ILE C 41 38.09 -5.69 20.41
N GLY C 42 37.22 -6.34 19.64
CA GLY C 42 37.36 -7.77 19.40
C GLY C 42 36.56 -8.64 20.33
N THR C 43 35.96 -8.03 21.35
CA THR C 43 35.16 -8.76 22.33
C THR C 43 33.81 -8.09 22.45
N THR C 44 32.97 -8.64 23.33
CA THR C 44 31.64 -8.08 23.59
C THR C 44 31.59 -7.71 25.06
N GLU C 45 32.72 -7.27 25.59
CA GLU C 45 32.83 -6.92 27.00
C GLU C 45 32.74 -5.41 27.21
N VAL C 46 31.86 -4.95 28.10
CA VAL C 46 31.75 -3.52 28.33
C VAL C 46 32.94 -2.99 29.12
N ILE C 47 33.40 -1.82 28.71
CA ILE C 47 34.56 -1.14 29.26
C ILE C 47 34.11 0.31 29.41
N PRO C 48 34.51 0.99 30.48
CA PRO C 48 34.08 2.39 30.63
C PRO C 48 34.48 3.23 29.41
N GLY C 49 33.56 4.10 28.99
CA GLY C 49 33.82 4.94 27.85
C GLY C 49 33.76 6.35 28.38
N LEU C 50 32.81 7.14 27.90
CA LEU C 50 32.67 8.50 28.36
C LEU C 50 32.29 8.50 29.84
N ALA C 51 31.71 7.39 30.29
CA ALA C 51 31.31 7.26 31.68
C ALA C 51 32.45 6.52 32.35
N GLU C 52 33.02 7.14 33.37
CA GLU C 52 34.13 6.56 34.13
C GLU C 52 33.67 5.35 34.92
N LYS C 53 32.50 5.43 35.53
CA LYS C 53 31.95 4.34 36.32
C LYS C 53 30.44 4.50 36.43
N TRP C 54 29.75 3.44 36.82
CA TRP C 54 28.31 3.49 36.91
C TRP C 54 27.79 2.53 37.97
N GLU C 55 26.55 2.76 38.42
CA GLU C 55 25.90 1.91 39.42
C GLU C 55 24.50 1.57 38.95
N VAL C 56 24.02 0.39 39.33
CA VAL C 56 22.68 -0.02 38.96
C VAL C 56 21.91 -0.26 40.25
N SER C 57 20.70 0.28 40.32
CA SER C 57 19.87 0.14 41.51
C SER C 57 19.50 -1.32 41.79
N GLU C 58 19.12 -1.62 43.02
CA GLU C 58 18.75 -2.99 43.37
C GLU C 58 17.57 -3.46 42.52
N ASP C 59 16.61 -2.57 42.29
CA ASP C 59 15.45 -2.90 41.48
C ASP C 59 15.80 -3.03 40.01
N GLY C 60 17.01 -2.60 39.67
CA GLY C 60 17.48 -2.69 38.30
C GLY C 60 16.79 -1.73 37.36
N LYS C 61 16.16 -0.70 37.91
CA LYS C 61 15.46 0.27 37.10
C LYS C 61 16.13 1.65 37.02
N THR C 62 17.28 1.80 37.69
CA THR C 62 17.99 3.08 37.67
C THR C 62 19.48 2.93 37.42
N TYR C 63 19.94 3.41 36.28
CA TYR C 63 21.35 3.35 35.97
C TYR C 63 21.92 4.74 36.20
N THR C 64 23.00 4.80 36.97
CA THR C 64 23.65 6.07 37.28
C THR C 64 25.05 6.07 36.69
N PHE C 65 25.31 7.02 35.81
CA PHE C 65 26.62 7.12 35.16
C PHE C 65 27.39 8.35 35.60
N HIS C 66 28.67 8.13 35.88
CA HIS C 66 29.56 9.21 36.30
C HIS C 66 30.46 9.56 35.14
N LEU C 67 30.19 10.69 34.50
CA LEU C 67 30.98 11.12 33.37
C LEU C 67 32.40 11.45 33.81
N ARG C 68 33.38 11.11 32.98
CA ARG C 68 34.76 11.40 33.31
C ARG C 68 35.02 12.85 32.90
N LYS C 69 35.99 13.50 33.55
CA LYS C 69 36.30 14.89 33.25
C LYS C 69 37.44 15.10 32.27
N GLY C 70 37.50 16.28 31.68
CA GLY C 70 38.56 16.61 30.74
C GLY C 70 38.42 15.97 29.39
N VAL C 71 37.19 15.76 28.96
CA VAL C 71 36.92 15.18 27.66
C VAL C 71 36.67 16.32 26.69
N LYS C 72 37.57 16.48 25.73
CA LYS C 72 37.45 17.55 24.76
C LYS C 72 36.66 17.14 23.51
N TRP C 73 35.99 18.13 22.90
CA TRP C 73 35.20 17.95 21.69
C TRP C 73 36.01 18.44 20.49
N HIS C 74 35.68 17.98 19.29
CA HIS C 74 36.40 18.40 18.08
C HIS C 74 36.08 19.85 17.77
N ASP C 75 36.86 20.45 16.85
CA ASP C 75 36.66 21.82 16.42
C ASP C 75 36.38 21.79 14.92
N ASN C 76 35.43 22.61 14.50
CA ASN C 76 35.00 22.71 13.11
C ASN C 76 35.26 24.14 12.66
N LYS C 77 35.22 24.38 11.36
CA LYS C 77 35.41 25.71 10.79
C LYS C 77 34.36 26.65 11.36
N GLU C 78 33.15 26.12 11.54
CA GLU C 78 32.03 26.91 12.06
C GLU C 78 31.84 26.76 13.56
N PHE C 79 32.70 26.02 14.25
CA PHE C 79 32.49 25.83 15.68
C PHE C 79 33.71 25.44 16.50
N LYS C 80 33.85 26.06 17.67
CA LYS C 80 34.94 25.76 18.58
C LYS C 80 34.34 25.66 19.98
N PRO C 81 34.48 24.49 20.62
CA PRO C 81 33.95 24.24 21.97
C PRO C 81 34.55 25.14 23.04
N THR C 82 33.70 25.58 23.97
CA THR C 82 34.15 26.45 25.06
C THR C 82 34.25 25.64 26.36
N ARG C 83 33.46 24.58 26.46
CA ARG C 83 33.47 23.73 27.64
C ARG C 83 33.75 22.29 27.25
N GLU C 84 33.96 21.45 28.25
CA GLU C 84 34.24 20.05 28.00
C GLU C 84 32.95 19.24 28.15
N LEU C 85 33.05 17.92 28.10
CA LEU C 85 31.87 17.08 28.24
C LEU C 85 31.19 17.28 29.58
N ASN C 86 29.86 17.28 29.57
CA ASN C 86 29.08 17.42 30.80
C ASN C 86 27.74 16.70 30.63
N ALA C 87 27.02 16.51 31.73
CA ALA C 87 25.74 15.81 31.70
C ALA C 87 24.76 16.37 30.69
N ASP C 88 24.87 17.65 30.38
CA ASP C 88 23.97 18.28 29.43
C ASP C 88 24.07 17.66 28.06
N ASP C 89 25.26 17.21 27.69
CA ASP C 89 25.44 16.57 26.39
C ASP C 89 24.67 15.25 26.37
N VAL C 90 24.95 14.39 27.34
CA VAL C 90 24.31 13.10 27.43
C VAL C 90 22.79 13.21 27.42
N VAL C 91 22.25 14.10 28.25
CA VAL C 91 20.81 14.26 28.31
C VAL C 91 20.29 14.69 26.95
N PHE C 92 20.97 15.63 26.30
CA PHE C 92 20.53 16.08 25.00
C PHE C 92 20.47 14.94 24.00
N SER C 93 21.58 14.20 23.90
CA SER C 93 21.69 13.08 22.97
C SER C 93 20.49 12.14 23.05
N PHE C 94 20.08 11.80 24.26
CA PHE C 94 18.95 10.90 24.42
C PHE C 94 17.60 11.58 24.33
N ASP C 95 17.51 12.81 24.80
CA ASP C 95 16.24 13.50 24.75
C ASP C 95 15.83 13.73 23.31
N ARG C 96 16.80 14.11 22.48
CA ARG C 96 16.54 14.35 21.08
C ARG C 96 15.76 13.20 20.48
N GLN C 97 16.13 11.99 20.87
CA GLN C 97 15.49 10.81 20.33
C GLN C 97 14.14 10.53 20.96
N LYS C 98 14.09 10.58 22.29
CA LYS C 98 12.85 10.30 23.00
C LYS C 98 11.76 11.36 22.94
N ASN C 99 12.13 12.58 23.28
CA ASN C 99 11.20 13.70 23.35
C ASN C 99 10.83 14.37 22.04
N ALA C 100 9.57 14.24 21.66
CA ALA C 100 9.08 14.85 20.43
C ALA C 100 9.09 16.38 20.49
N GLN C 101 9.23 16.93 21.70
CA GLN C 101 9.24 18.37 21.87
C GLN C 101 10.61 19.01 21.68
N ASN C 102 11.66 18.20 21.73
CA ASN C 102 13.02 18.71 21.56
C ASN C 102 13.10 19.31 20.16
N PRO C 103 13.66 20.51 20.04
CA PRO C 103 13.81 21.21 18.75
C PRO C 103 14.45 20.35 17.67
N TYR C 104 15.45 19.58 18.07
CA TYR C 104 16.18 18.71 17.17
C TYR C 104 15.50 17.41 16.81
N HIS C 105 14.45 17.07 17.52
CA HIS C 105 13.75 15.82 17.28
C HIS C 105 13.36 15.57 15.83
N LYS C 106 12.85 16.59 15.16
CA LYS C 106 12.42 16.39 13.77
C LYS C 106 13.51 16.74 12.75
N VAL C 107 14.63 17.25 13.23
CA VAL C 107 15.72 17.62 12.36
C VAL C 107 16.25 16.40 11.61
N SER C 108 16.51 16.57 10.32
CA SER C 108 16.99 15.48 9.47
C SER C 108 16.02 14.32 9.36
N GLY C 109 14.73 14.61 9.42
CA GLY C 109 13.74 13.56 9.28
C GLY C 109 13.25 12.96 10.58
N GLY C 110 14.08 12.99 11.62
CA GLY C 110 13.67 12.43 12.90
C GLY C 110 13.37 10.94 12.85
N SER C 111 14.23 10.19 12.15
CA SER C 111 14.07 8.75 12.02
C SER C 111 15.02 8.04 12.97
N TYR C 112 14.67 8.01 14.25
CA TYR C 112 15.51 7.35 15.24
C TYR C 112 15.17 5.86 15.22
N GLU C 113 15.54 5.22 14.11
CA GLU C 113 15.27 3.81 13.87
C GLU C 113 15.60 2.86 15.01
N TYR C 114 16.85 2.80 15.46
CA TYR C 114 17.21 1.89 16.55
C TYR C 114 16.45 2.23 17.83
N PHE C 115 16.54 3.47 18.27
CA PHE C 115 15.88 3.90 19.50
C PHE C 115 14.45 3.43 19.52
N GLU C 116 13.69 3.80 18.49
CA GLU C 116 12.30 3.41 18.40
C GLU C 116 12.12 1.89 18.26
N GLY C 117 12.88 1.29 17.36
CA GLY C 117 12.79 -0.14 17.15
C GLY C 117 13.07 -0.96 18.39
N MET C 118 13.96 -0.47 19.24
CA MET C 118 14.30 -1.18 20.46
C MET C 118 13.29 -0.90 21.57
N GLY C 119 12.28 -0.11 21.24
CA GLY C 119 11.26 0.21 22.21
C GLY C 119 11.77 1.07 23.35
N LEU C 120 12.81 1.85 23.08
CA LEU C 120 13.35 2.70 24.12
C LEU C 120 12.40 3.79 24.63
N PRO C 121 11.53 4.35 23.78
CA PRO C 121 10.62 5.40 24.28
C PRO C 121 9.76 4.93 25.44
N GLU C 122 9.39 3.66 25.44
CA GLU C 122 8.57 3.13 26.51
C GLU C 122 9.44 2.66 27.68
N LEU C 123 10.64 2.18 27.37
CA LEU C 123 11.53 1.67 28.39
C LEU C 123 12.13 2.78 29.25
N ILE C 124 12.70 3.78 28.60
CA ILE C 124 13.30 4.88 29.33
C ILE C 124 12.19 5.80 29.81
N SER C 125 12.08 5.98 31.13
CA SER C 125 11.06 6.85 31.70
C SER C 125 11.59 8.28 31.71
N GLU C 126 12.84 8.43 32.11
CA GLU C 126 13.46 9.75 32.14
C GLU C 126 14.97 9.69 32.19
N VAL C 127 15.60 10.71 31.62
CA VAL C 127 17.05 10.83 31.59
C VAL C 127 17.40 12.05 32.46
N LYS C 128 17.60 11.78 33.75
CA LYS C 128 17.93 12.82 34.73
C LYS C 128 19.37 13.28 34.65
N LYS C 129 19.58 14.51 35.12
CA LYS C 129 20.89 15.11 35.21
C LYS C 129 21.06 15.33 36.72
N VAL C 130 21.74 14.41 37.40
CA VAL C 130 21.94 14.57 38.84
C VAL C 130 22.84 15.77 39.09
N ASP C 131 23.93 15.87 38.34
CA ASP C 131 24.84 17.01 38.45
C ASP C 131 25.70 17.01 37.19
N ASP C 132 26.41 18.12 36.96
CA ASP C 132 27.26 18.26 35.79
C ASP C 132 28.08 17.05 35.32
N ASN C 133 28.36 16.11 36.21
CA ASN C 133 29.14 14.94 35.83
C ASN C 133 28.46 13.63 36.20
N THR C 134 27.14 13.68 36.37
CA THR C 134 26.41 12.48 36.74
C THR C 134 25.05 12.48 36.07
N VAL C 135 24.81 11.47 35.22
CA VAL C 135 23.54 11.32 34.50
C VAL C 135 22.81 10.11 35.06
N GLN C 136 21.49 10.12 34.99
CA GLN C 136 20.73 9.02 35.53
C GLN C 136 19.61 8.58 34.61
N PHE C 137 19.57 7.28 34.31
CA PHE C 137 18.54 6.71 33.46
C PHE C 137 17.57 5.98 34.36
N VAL C 138 16.30 6.33 34.26
CA VAL C 138 15.28 5.69 35.08
C VAL C 138 14.36 4.94 34.13
N LEU C 139 14.43 3.62 34.16
CA LEU C 139 13.62 2.77 33.27
C LEU C 139 12.29 2.40 33.89
N THR C 140 11.34 1.99 33.06
CA THR C 140 10.01 1.60 33.53
C THR C 140 10.00 0.15 34.03
N ARG C 141 11.05 -0.58 33.70
CA ARG C 141 11.19 -1.98 34.09
C ARG C 141 12.66 -2.32 33.86
N PRO C 142 13.14 -3.40 34.47
CA PRO C 142 14.55 -3.75 34.26
C PRO C 142 14.78 -4.32 32.85
N GLU C 143 15.88 -3.93 32.21
CA GLU C 143 16.22 -4.39 30.86
C GLU C 143 17.57 -5.07 30.97
N ALA C 144 17.59 -6.39 30.92
CA ALA C 144 18.84 -7.14 31.03
C ALA C 144 20.00 -6.58 30.18
N PRO C 145 19.80 -6.45 28.86
CA PRO C 145 20.90 -5.93 28.04
C PRO C 145 21.06 -4.41 27.97
N PHE C 146 20.49 -3.67 28.91
CA PHE C 146 20.58 -2.21 28.84
C PHE C 146 21.98 -1.66 28.82
N LEU C 147 22.84 -2.13 29.73
CA LEU C 147 24.20 -1.64 29.79
C LEU C 147 24.81 -1.80 28.42
N ALA C 148 24.68 -3.00 27.86
CA ALA C 148 25.21 -3.28 26.54
C ALA C 148 24.61 -2.31 25.54
N ASP C 149 23.29 -2.18 25.56
CA ASP C 149 22.58 -1.30 24.64
C ASP C 149 23.26 0.08 24.53
N LEU C 150 23.69 0.62 25.66
CA LEU C 150 24.33 1.93 25.69
C LEU C 150 25.67 2.02 25.00
N ALA C 151 26.31 0.87 24.78
CA ALA C 151 27.61 0.84 24.11
C ALA C 151 27.45 0.83 22.59
N MET C 152 26.21 0.70 22.12
CA MET C 152 25.93 0.67 20.70
C MET C 152 26.06 2.02 20.03
N ASP C 153 26.22 1.99 18.70
CA ASP C 153 26.41 3.20 17.91
C ASP C 153 25.34 4.28 18.01
N PHE C 154 24.09 3.89 18.16
CA PHE C 154 23.03 4.89 18.26
C PHE C 154 23.16 5.67 19.58
N ALA C 155 23.77 5.03 20.58
CA ALA C 155 23.91 5.66 21.89
C ALA C 155 25.13 6.58 21.98
N SER C 156 25.60 7.05 20.83
CA SER C 156 26.73 7.96 20.75
C SER C 156 26.30 9.31 21.27
N ILE C 157 27.18 9.94 22.03
CA ILE C 157 26.90 11.25 22.60
C ILE C 157 27.26 12.39 21.64
N LEU C 158 26.27 13.23 21.33
CA LEU C 158 26.44 14.38 20.46
C LEU C 158 26.64 15.62 21.35
N SER C 159 27.16 16.71 20.80
CA SER C 159 27.38 17.93 21.59
C SER C 159 26.20 18.89 21.72
N LYS C 160 25.74 19.08 22.95
CA LYS C 160 24.63 20.00 23.22
C LYS C 160 25.02 21.43 22.83
N GLU C 161 26.27 21.78 23.09
CA GLU C 161 26.76 23.12 22.77
C GLU C 161 26.67 23.35 21.26
N TYR C 162 27.32 22.47 20.49
CA TYR C 162 27.32 22.59 19.03
C TYR C 162 25.88 22.61 18.53
N ALA C 163 25.03 21.81 19.16
CA ALA C 163 23.63 21.74 18.79
C ALA C 163 23.00 23.11 18.97
N ASP C 164 23.28 23.74 20.10
CA ASP C 164 22.73 25.08 20.36
C ASP C 164 23.27 26.08 19.34
N ALA C 165 24.56 26.01 19.07
CA ALA C 165 25.19 26.90 18.10
C ALA C 165 24.45 26.88 16.76
N MET C 166 24.30 25.69 16.19
CA MET C 166 23.61 25.57 14.91
C MET C 166 22.15 25.98 15.01
N MET C 167 21.57 25.84 16.20
CA MET C 167 20.19 26.22 16.42
C MET C 167 20.05 27.73 16.26
N LYS C 168 20.97 28.47 16.86
CA LYS C 168 20.96 29.93 16.79
C LYS C 168 21.27 30.40 15.37
N ALA C 169 22.26 29.77 14.75
CA ALA C 169 22.66 30.10 13.39
C ALA C 169 21.58 29.75 12.37
N GLY C 170 20.52 29.09 12.81
CA GLY C 170 19.43 28.72 11.91
C GLY C 170 19.74 27.58 10.96
N THR C 171 20.76 26.80 11.27
CA THR C 171 21.15 25.66 10.44
C THR C 171 21.43 24.40 11.25
N PRO C 172 20.41 23.88 11.96
CA PRO C 172 20.50 22.68 12.78
C PRO C 172 20.97 21.41 12.04
N GLU C 173 20.68 21.35 10.74
CA GLU C 173 21.06 20.18 9.93
C GLU C 173 22.57 19.93 10.02
N LYS C 174 23.34 21.01 10.13
CA LYS C 174 24.78 20.89 10.19
C LYS C 174 25.27 20.02 11.34
N LEU C 175 24.46 19.89 12.39
CA LEU C 175 24.82 19.04 13.52
C LEU C 175 24.94 17.60 13.04
N ASP C 176 24.05 17.24 12.12
CA ASP C 176 24.00 15.90 11.57
C ASP C 176 24.89 15.72 10.37
N LEU C 177 25.24 16.82 9.71
CA LEU C 177 26.05 16.74 8.51
C LEU C 177 27.52 17.02 8.69
N ASN C 178 27.83 17.94 9.60
CA ASN C 178 29.22 18.30 9.88
C ASN C 178 29.43 17.90 11.34
N PRO C 179 29.85 16.65 11.55
CA PRO C 179 30.11 16.02 12.84
C PRO C 179 31.17 16.57 13.75
N ILE C 180 30.79 16.73 15.02
CA ILE C 180 31.70 17.18 16.07
C ILE C 180 31.47 16.15 17.17
N GLY C 181 32.49 15.35 17.46
CA GLY C 181 32.36 14.33 18.47
C GLY C 181 33.54 14.39 19.40
N THR C 182 33.71 13.38 20.26
CA THR C 182 34.82 13.32 21.21
C THR C 182 35.78 12.21 20.82
N GLY C 183 35.44 11.52 19.75
CA GLY C 183 36.23 10.39 19.28
C GLY C 183 37.67 10.65 18.89
N PRO C 184 38.44 9.56 18.73
CA PRO C 184 39.86 9.57 18.36
C PRO C 184 40.18 10.26 17.05
N PHE C 185 39.25 10.25 16.09
CA PHE C 185 39.48 10.90 14.82
C PHE C 185 38.51 12.04 14.60
N GLN C 186 38.82 12.93 13.66
CA GLN C 186 37.92 14.02 13.37
C GLN C 186 37.85 14.24 11.86
N LEU C 187 36.62 14.29 11.35
CA LEU C 187 36.39 14.46 9.92
C LEU C 187 37.09 15.71 9.45
N GLN C 188 37.89 15.56 8.40
CA GLN C 188 38.60 16.69 7.83
C GLN C 188 37.94 17.08 6.52
N GLN C 189 37.69 16.08 5.67
CA GLN C 189 37.07 16.35 4.38
C GLN C 189 36.30 15.13 3.87
N TYR C 190 35.16 15.39 3.23
CA TYR C 190 34.35 14.31 2.69
C TYR C 190 33.91 14.60 1.26
N GLN C 191 34.39 13.80 0.32
CA GLN C 191 34.02 13.95 -1.09
C GLN C 191 33.04 12.82 -1.39
N LYS C 192 31.78 13.20 -1.60
CA LYS C 192 30.68 12.28 -1.87
C LYS C 192 31.02 11.10 -2.76
N ASP C 193 30.74 9.91 -2.26
CA ASP C 193 30.97 8.66 -2.97
C ASP C 193 32.40 8.51 -3.49
N SER C 194 33.38 9.12 -2.82
CA SER C 194 34.75 9.01 -3.30
C SER C 194 35.78 8.80 -2.19
N ARG C 195 36.05 9.82 -1.39
CA ARG C 195 37.03 9.70 -0.31
C ARG C 195 36.61 10.45 0.93
N ILE C 196 37.03 9.94 2.08
CA ILE C 196 36.73 10.58 3.36
C ILE C 196 38.08 10.65 4.03
N ARG C 197 38.44 11.83 4.53
CA ARG C 197 39.72 12.02 5.19
C ARG C 197 39.50 12.41 6.64
N TYR C 198 40.19 11.75 7.55
CA TYR C 198 40.08 12.05 8.96
C TYR C 198 41.48 12.33 9.49
N LYS C 199 41.57 13.20 10.49
CA LYS C 199 42.85 13.52 11.13
C LYS C 199 42.72 12.99 12.54
N ALA C 200 43.83 12.55 13.12
CA ALA C 200 43.80 12.06 14.49
C ALA C 200 43.53 13.25 15.38
N PHE C 201 42.69 13.07 16.38
CA PHE C 201 42.35 14.14 17.31
C PHE C 201 43.43 14.23 18.38
N ASP C 202 44.04 15.40 18.51
CA ASP C 202 45.10 15.62 19.49
C ASP C 202 44.57 15.68 20.91
N GLY C 203 43.40 16.30 21.08
CA GLY C 203 42.81 16.41 22.40
C GLY C 203 41.95 15.23 22.84
N TYR C 204 42.12 14.09 22.17
CA TYR C 204 41.35 12.90 22.50
C TYR C 204 41.60 12.51 23.95
N TRP C 205 40.53 12.16 24.66
CA TRP C 205 40.63 11.78 26.06
C TRP C 205 41.39 10.48 26.30
N GLY C 206 41.39 9.58 25.33
CA GLY C 206 42.08 8.31 25.51
C GLY C 206 43.43 8.23 24.82
N THR C 207 43.83 7.01 24.47
CA THR C 207 45.11 6.79 23.79
C THR C 207 45.04 7.26 22.34
N LYS C 208 45.82 8.28 22.00
CA LYS C 208 45.82 8.80 20.64
C LYS C 208 46.22 7.73 19.62
N PRO C 209 45.54 7.71 18.47
CA PRO C 209 45.84 6.73 17.42
C PRO C 209 47.21 6.98 16.80
N GLN C 210 47.94 5.92 16.52
CA GLN C 210 49.26 6.06 15.93
C GLN C 210 49.24 6.46 14.46
N ILE C 211 48.04 6.49 13.88
CA ILE C 211 47.83 6.87 12.50
C ILE C 211 47.55 8.37 12.53
N ASP C 212 48.35 9.14 11.82
CA ASP C 212 48.13 10.59 11.79
C ASP C 212 46.96 10.94 10.86
N THR C 213 46.79 10.17 9.80
CA THR C 213 45.71 10.41 8.84
C THR C 213 45.02 9.13 8.41
N LEU C 214 43.70 9.15 8.46
CA LEU C 214 42.89 7.99 8.09
C LEU C 214 42.09 8.36 6.86
N VAL C 215 42.17 7.52 5.84
CA VAL C 215 41.46 7.81 4.61
C VAL C 215 40.61 6.63 4.14
N PHE C 216 39.35 6.89 3.86
CA PHE C 216 38.45 5.86 3.36
C PHE C 216 38.35 6.09 1.87
N SER C 217 38.82 5.14 1.07
CA SER C 217 38.72 5.26 -0.37
C SER C 217 37.52 4.36 -0.71
N ILE C 218 36.39 4.99 -1.01
CA ILE C 218 35.17 4.27 -1.31
C ILE C 218 35.31 3.46 -2.59
N THR C 219 35.51 2.16 -2.42
CA THR C 219 35.68 1.23 -3.54
C THR C 219 34.64 0.13 -3.43
N PRO C 220 33.47 0.31 -4.06
CA PRO C 220 32.37 -0.65 -4.04
C PRO C 220 32.58 -2.00 -4.72
N ASP C 221 33.58 -2.10 -5.59
CA ASP C 221 33.85 -3.37 -6.27
C ASP C 221 34.86 -4.24 -5.51
N ALA C 222 34.40 -5.39 -5.01
CA ALA C 222 35.26 -6.30 -4.27
C ALA C 222 36.55 -6.66 -5.01
N SER C 223 36.45 -6.90 -6.31
CA SER C 223 37.62 -7.26 -7.11
C SER C 223 38.62 -6.12 -7.16
N VAL C 224 38.10 -4.90 -7.27
CA VAL C 224 38.94 -3.72 -7.30
C VAL C 224 39.58 -3.50 -5.93
N ARG C 225 38.82 -3.73 -4.86
CA ARG C 225 39.38 -3.56 -3.53
C ARG C 225 40.61 -4.45 -3.43
N TYR C 226 40.47 -5.69 -3.88
CA TYR C 226 41.60 -6.63 -3.84
C TYR C 226 42.72 -6.08 -4.69
N ALA C 227 42.39 -5.59 -5.88
CA ALA C 227 43.40 -5.03 -6.77
C ALA C 227 44.21 -4.00 -5.99
N LYS C 228 43.52 -3.01 -5.43
CA LYS C 228 44.17 -1.95 -4.68
C LYS C 228 44.99 -2.47 -3.51
N LEU C 229 44.53 -3.55 -2.87
CA LEU C 229 45.24 -4.13 -1.74
C LEU C 229 46.61 -4.60 -2.17
N GLN C 230 46.66 -5.30 -3.30
CA GLN C 230 47.91 -5.83 -3.83
C GLN C 230 48.89 -4.70 -4.12
N LYS C 231 48.41 -3.68 -4.81
CA LYS C 231 49.24 -2.54 -5.16
C LYS C 231 49.48 -1.63 -3.96
N ASN C 232 49.10 -2.10 -2.78
CA ASN C 232 49.23 -1.35 -1.54
C ASN C 232 48.64 0.05 -1.60
N GLU C 233 47.66 0.23 -2.46
CA GLU C 233 46.99 1.53 -2.56
C GLU C 233 45.98 1.61 -1.42
N CYS C 234 45.73 0.46 -0.79
CA CYS C 234 44.83 0.28 0.34
C CYS C 234 45.47 -0.73 1.27
N GLN C 235 45.43 -0.51 2.58
CA GLN C 235 46.03 -1.49 3.47
C GLN C 235 44.99 -2.44 4.05
N VAL C 236 43.74 -2.02 4.08
CA VAL C 236 42.67 -2.87 4.61
C VAL C 236 41.43 -2.73 3.75
N MET C 237 40.70 -3.83 3.60
CA MET C 237 39.47 -3.84 2.80
C MET C 237 38.54 -4.85 3.42
N PRO C 238 37.22 -4.61 3.34
CA PRO C 238 36.29 -5.56 3.92
C PRO C 238 35.59 -6.40 2.87
N TYR C 239 34.90 -7.44 3.34
CA TYR C 239 34.09 -8.30 2.48
C TYR C 239 34.75 -8.73 1.18
N PRO C 240 35.80 -9.55 1.28
CA PRO C 240 36.51 -10.04 0.11
C PRO C 240 35.62 -10.98 -0.68
N ASN C 241 35.81 -10.97 -1.99
CA ASN C 241 35.05 -11.83 -2.89
C ASN C 241 35.40 -13.28 -2.53
N PRO C 242 34.42 -14.13 -2.25
CA PRO C 242 34.71 -15.54 -1.90
C PRO C 242 35.68 -16.26 -2.83
N ALA C 243 35.57 -16.04 -4.13
CA ALA C 243 36.48 -16.69 -5.07
C ALA C 243 37.93 -16.31 -4.72
N ASP C 244 38.15 -15.03 -4.44
CA ASP C 244 39.46 -14.52 -4.11
C ASP C 244 40.07 -15.00 -2.81
N ILE C 245 39.31 -15.67 -1.95
CA ILE C 245 39.87 -16.12 -0.66
C ILE C 245 41.13 -16.94 -0.92
N ALA C 246 41.00 -17.95 -1.77
CA ALA C 246 42.11 -18.84 -2.11
C ALA C 246 43.40 -18.06 -2.34
N ARG C 247 43.38 -17.18 -3.33
CA ARG C 247 44.53 -16.36 -3.67
C ARG C 247 45.06 -15.62 -2.45
N MET C 248 44.20 -14.88 -1.76
CA MET C 248 44.60 -14.11 -0.58
C MET C 248 45.33 -14.93 0.47
N LYS C 249 44.91 -16.18 0.65
CA LYS C 249 45.57 -17.04 1.62
C LYS C 249 47.01 -17.22 1.12
N GLN C 250 47.14 -17.60 -0.15
CA GLN C 250 48.43 -17.81 -0.79
C GLN C 250 49.30 -16.56 -0.80
N ASP C 251 48.68 -15.39 -0.99
CA ASP C 251 49.43 -14.14 -1.04
C ASP C 251 50.16 -13.89 0.25
N LYS C 252 51.48 -13.78 0.16
CA LYS C 252 52.33 -13.55 1.32
C LYS C 252 52.34 -12.12 1.84
N SER C 253 51.98 -11.17 0.99
CA SER C 253 51.94 -9.76 1.41
C SER C 253 50.61 -9.45 2.10
N ILE C 254 49.68 -10.40 2.01
CA ILE C 254 48.35 -10.26 2.60
C ILE C 254 48.17 -11.20 3.77
N ASN C 255 47.72 -10.64 4.88
CA ASN C 255 47.44 -11.42 6.06
C ASN C 255 45.92 -11.54 6.10
N LEU C 256 45.41 -12.63 5.55
CA LEU C 256 43.98 -12.87 5.51
C LEU C 256 43.54 -13.29 6.90
N MET C 257 42.91 -12.38 7.61
CA MET C 257 42.44 -12.68 8.96
C MET C 257 41.04 -13.28 8.87
N GLU C 258 40.80 -14.36 9.59
CA GLU C 258 39.49 -15.00 9.55
C GLU C 258 38.96 -15.28 10.95
N MET C 259 37.63 -15.27 11.09
CA MET C 259 36.97 -15.49 12.36
C MET C 259 35.51 -15.83 12.07
N PRO C 260 34.89 -16.73 12.85
CA PRO C 260 33.49 -17.09 12.59
C PRO C 260 32.56 -15.90 12.84
N GLY C 261 31.58 -15.74 11.97
CA GLY C 261 30.68 -14.62 12.11
C GLY C 261 29.55 -14.69 13.10
N LEU C 262 29.02 -13.50 13.39
CA LEU C 262 27.89 -13.31 14.29
C LEU C 262 26.87 -12.58 13.41
N ASN C 263 26.54 -13.18 12.28
CA ASN C 263 25.64 -12.56 11.31
C ASN C 263 24.61 -13.49 10.68
N VAL C 264 23.67 -12.91 9.94
CA VAL C 264 22.62 -13.66 9.28
C VAL C 264 22.30 -12.93 8.01
N GLY C 265 21.78 -13.65 7.03
CA GLY C 265 21.40 -13.05 5.77
C GLY C 265 20.04 -13.66 5.51
N TYR C 266 19.04 -12.86 5.16
CA TYR C 266 17.72 -13.40 4.89
C TYR C 266 16.90 -12.50 3.99
N LEU C 267 15.79 -13.03 3.50
CA LEU C 267 14.89 -12.29 2.64
C LEU C 267 13.64 -12.01 3.46
N SER C 268 13.28 -10.74 3.62
CA SER C 268 12.09 -10.42 4.40
C SER C 268 10.87 -10.39 3.52
N TYR C 269 9.80 -11.03 3.98
CA TYR C 269 8.54 -11.02 3.25
C TYR C 269 7.76 -9.89 3.88
N ASN C 270 7.35 -8.91 3.09
CA ASN C 270 6.58 -7.80 3.66
C ASN C 270 5.20 -8.33 3.95
N VAL C 271 5.06 -8.85 5.16
CA VAL C 271 3.86 -9.48 5.68
C VAL C 271 2.53 -8.72 5.56
N GLN C 272 2.55 -7.46 5.15
CA GLN C 272 1.29 -6.75 5.01
C GLN C 272 1.08 -6.22 3.60
N LYS C 273 1.63 -6.98 2.69
CA LYS C 273 1.52 -6.75 1.26
C LYS C 273 1.06 -8.07 0.64
N LYS C 274 -0.24 -8.23 0.61
CA LYS C 274 -0.85 -9.46 0.10
C LYS C 274 -0.21 -9.86 -1.22
N PRO C 275 -0.14 -11.17 -1.51
CA PRO C 275 -0.57 -12.32 -0.72
C PRO C 275 0.40 -12.76 0.36
N LEU C 276 1.42 -11.95 0.63
CA LEU C 276 2.41 -12.31 1.64
C LEU C 276 1.87 -12.35 3.06
N ASP C 277 0.62 -11.95 3.23
CA ASP C 277 0.00 -11.97 4.54
C ASP C 277 -0.40 -13.37 4.95
N ASP C 278 -0.33 -14.28 3.99
CA ASP C 278 -0.72 -15.68 4.21
C ASP C 278 0.47 -16.58 4.52
N VAL C 279 0.48 -17.14 5.72
CA VAL C 279 1.57 -18.04 6.14
C VAL C 279 1.82 -19.05 5.04
N LYS C 280 0.76 -19.65 4.53
CA LYS C 280 0.89 -20.65 3.49
C LYS C 280 1.74 -20.12 2.32
N VAL C 281 1.50 -18.88 1.90
CA VAL C 281 2.25 -18.30 0.80
C VAL C 281 3.71 -18.11 1.19
N ARG C 282 3.95 -17.61 2.39
CA ARG C 282 5.32 -17.40 2.82
C ARG C 282 6.07 -18.73 2.84
N GLN C 283 5.43 -19.75 3.37
CA GLN C 283 6.03 -21.07 3.43
C GLN C 283 6.29 -21.60 2.02
N ALA C 284 5.33 -21.38 1.14
CA ALA C 284 5.45 -21.83 -0.24
C ALA C 284 6.69 -21.22 -0.87
N LEU C 285 6.83 -19.91 -0.73
CA LEU C 285 7.97 -19.21 -1.31
C LEU C 285 9.27 -19.75 -0.75
N THR C 286 9.25 -20.14 0.52
CA THR C 286 10.43 -20.70 1.14
C THR C 286 10.75 -22.06 0.56
N TYR C 287 9.79 -22.97 0.55
CA TYR C 287 10.02 -24.30 0.00
C TYR C 287 10.49 -24.26 -1.45
N ALA C 288 9.99 -23.30 -2.21
CA ALA C 288 10.36 -23.22 -3.62
C ALA C 288 11.81 -22.87 -3.88
N VAL C 289 12.51 -22.33 -2.88
CA VAL C 289 13.89 -21.92 -3.06
C VAL C 289 14.93 -23.00 -2.71
N ASN C 290 15.75 -23.33 -3.68
CA ASN C 290 16.82 -24.32 -3.44
C ASN C 290 17.97 -23.63 -2.73
N LYS C 291 17.88 -23.60 -1.41
CA LYS C 291 18.88 -22.93 -0.60
C LYS C 291 20.29 -23.43 -0.79
N ASP C 292 20.47 -24.75 -0.85
CA ASP C 292 21.81 -25.30 -1.00
C ASP C 292 22.50 -24.80 -2.25
N ALA C 293 21.76 -24.71 -3.35
CA ALA C 293 22.34 -24.23 -4.60
C ALA C 293 22.94 -22.86 -4.37
N ILE C 294 22.22 -22.01 -3.64
CA ILE C 294 22.66 -20.65 -3.33
C ILE C 294 23.95 -20.65 -2.53
N ILE C 295 23.94 -21.34 -1.40
CA ILE C 295 25.13 -21.42 -0.53
C ILE C 295 26.38 -21.81 -1.33
N LYS C 296 26.19 -22.80 -2.21
CA LYS C 296 27.25 -23.34 -3.05
C LYS C 296 27.75 -22.34 -4.09
N ALA C 297 26.81 -21.72 -4.80
CA ALA C 297 27.14 -20.78 -5.87
C ALA C 297 27.59 -19.40 -5.43
N VAL C 298 26.92 -18.86 -4.43
CA VAL C 298 27.20 -17.52 -3.94
C VAL C 298 28.25 -17.44 -2.85
N TYR C 299 28.02 -18.13 -1.74
CA TYR C 299 28.96 -18.11 -0.63
C TYR C 299 30.24 -18.87 -0.91
N GLN C 300 30.11 -19.98 -1.64
CA GLN C 300 31.26 -20.79 -2.00
C GLN C 300 32.10 -21.20 -0.80
N GLY C 301 31.48 -21.86 0.16
CA GLY C 301 32.23 -22.30 1.33
C GLY C 301 32.55 -21.23 2.37
N ALA C 302 32.30 -19.97 2.06
CA ALA C 302 32.54 -18.88 3.02
C ALA C 302 31.37 -18.75 4.00
N GLY C 303 30.27 -19.43 3.72
CA GLY C 303 29.10 -19.36 4.59
C GLY C 303 28.39 -20.69 4.60
N VAL C 304 27.40 -20.84 5.46
CA VAL C 304 26.66 -22.09 5.57
C VAL C 304 25.17 -21.82 5.64
N SER C 305 24.39 -22.83 5.28
CA SER C 305 22.93 -22.75 5.31
C SER C 305 22.51 -22.38 6.72
N ALA C 306 21.55 -21.46 6.82
CA ALA C 306 21.05 -21.01 8.10
C ALA C 306 19.57 -21.38 8.27
N LYS C 307 19.17 -21.69 9.49
CA LYS C 307 17.78 -22.05 9.74
C LYS C 307 17.17 -21.23 10.86
N ASN C 308 18.03 -20.53 11.59
CA ASN C 308 17.58 -19.69 12.69
C ASN C 308 18.10 -18.28 12.51
N LEU C 309 17.43 -17.32 13.12
CA LEU C 309 17.84 -15.94 13.01
C LEU C 309 19.20 -15.76 13.69
N ILE C 310 19.38 -16.50 14.77
CA ILE C 310 20.59 -16.46 15.57
C ILE C 310 21.60 -17.49 15.06
N PRO C 311 22.88 -17.10 14.93
CA PRO C 311 23.94 -18.01 14.46
C PRO C 311 24.36 -18.94 15.59
N PRO C 312 24.86 -20.14 15.25
CA PRO C 312 25.30 -21.14 16.25
C PRO C 312 26.24 -20.58 17.30
N THR C 313 26.96 -19.52 16.94
CA THR C 313 27.89 -18.87 17.84
C THR C 313 27.19 -18.01 18.89
N MET C 314 25.86 -18.00 18.88
CA MET C 314 25.08 -17.20 19.84
C MET C 314 24.54 -18.15 20.94
N TRP C 315 24.35 -17.61 22.14
CA TRP C 315 23.97 -18.44 23.32
C TRP C 315 22.47 -18.69 23.49
N GLY C 316 21.76 -18.94 22.40
CA GLY C 316 20.31 -19.21 22.50
C GLY C 316 19.86 -20.16 21.43
N TYR C 317 20.77 -20.44 20.49
CA TYR C 317 20.52 -21.30 19.35
C TYR C 317 19.74 -22.55 19.68
N ASN C 318 18.59 -22.71 19.07
CA ASN C 318 17.74 -23.88 19.27
C ASN C 318 18.06 -24.78 18.10
N ASP C 319 18.89 -25.79 18.33
CA ASP C 319 19.25 -26.69 17.24
C ASP C 319 18.17 -27.72 16.91
N ASP C 320 17.13 -27.80 17.74
CA ASP C 320 16.06 -28.76 17.50
C ASP C 320 15.21 -28.37 16.30
N VAL C 321 15.18 -27.08 16.00
CA VAL C 321 14.41 -26.55 14.87
C VAL C 321 14.88 -27.17 13.56
N GLN C 322 13.95 -27.71 12.78
CA GLN C 322 14.32 -28.31 11.51
C GLN C 322 13.97 -27.39 10.35
N ASP C 323 14.98 -27.08 9.53
CA ASP C 323 14.83 -26.17 8.39
C ASP C 323 13.85 -26.68 7.35
N TYR C 324 13.35 -25.77 6.52
CA TYR C 324 12.44 -26.15 5.46
C TYR C 324 13.28 -26.81 4.40
N THR C 325 12.69 -27.70 3.61
CA THR C 325 13.44 -28.37 2.59
C THR C 325 13.10 -27.79 1.22
N TYR C 326 13.94 -28.02 0.24
CA TYR C 326 13.66 -27.55 -1.11
C TYR C 326 12.65 -28.54 -1.63
N ASP C 327 11.40 -28.12 -1.78
CA ASP C 327 10.38 -29.03 -2.25
C ASP C 327 9.38 -28.29 -3.13
N PRO C 328 9.76 -28.04 -4.38
CA PRO C 328 8.91 -27.33 -5.36
C PRO C 328 7.47 -27.84 -5.31
N GLU C 329 7.31 -29.15 -5.31
CA GLU C 329 5.97 -29.74 -5.29
C GLU C 329 5.14 -29.24 -4.12
N LYS C 330 5.70 -29.26 -2.92
CA LYS C 330 4.96 -28.80 -1.75
C LYS C 330 4.63 -27.32 -1.93
N ALA C 331 5.53 -26.59 -2.58
CA ALA C 331 5.32 -25.18 -2.82
C ALA C 331 4.06 -25.02 -3.66
N LYS C 332 4.02 -25.77 -4.76
CA LYS C 332 2.89 -25.71 -5.67
C LYS C 332 1.59 -26.06 -4.93
N ALA C 333 1.66 -27.07 -4.07
CA ALA C 333 0.52 -27.52 -3.29
C ALA C 333 -0.06 -26.41 -2.42
N LEU C 334 0.81 -25.79 -1.61
CA LEU C 334 0.40 -24.72 -0.72
C LEU C 334 -0.17 -23.56 -1.51
N LEU C 335 0.45 -23.25 -2.64
CA LEU C 335 -0.03 -22.17 -3.47
C LEU C 335 -1.44 -22.51 -3.94
N LYS C 336 -1.69 -23.79 -4.19
CA LYS C 336 -3.02 -24.21 -4.61
C LYS C 336 -3.96 -23.97 -3.46
N GLU C 337 -3.65 -24.51 -2.29
CA GLU C 337 -4.50 -24.34 -1.13
C GLU C 337 -4.87 -22.88 -0.89
N ALA C 338 -3.92 -21.97 -1.08
CA ALA C 338 -4.18 -20.55 -0.87
C ALA C 338 -5.01 -19.90 -1.98
N GLY C 339 -5.27 -20.66 -3.03
CA GLY C 339 -6.07 -20.12 -4.12
C GLY C 339 -5.25 -19.38 -5.14
N LEU C 340 -3.96 -19.69 -5.21
CA LEU C 340 -3.07 -19.03 -6.15
C LEU C 340 -2.38 -20.01 -7.11
N GLU C 341 -3.17 -20.93 -7.69
CA GLU C 341 -2.62 -21.93 -8.63
C GLU C 341 -1.93 -21.26 -9.81
N LYS C 342 -2.58 -20.23 -10.35
CA LYS C 342 -2.05 -19.49 -11.49
C LYS C 342 -0.83 -18.66 -11.18
N GLY C 343 -0.50 -18.53 -9.90
CA GLY C 343 0.66 -17.74 -9.50
C GLY C 343 0.36 -16.26 -9.32
N PHE C 344 1.41 -15.46 -9.13
CA PHE C 344 1.27 -14.03 -8.93
C PHE C 344 2.62 -13.38 -9.13
N SER C 345 2.68 -12.07 -8.89
CA SER C 345 3.94 -11.34 -9.07
C SER C 345 4.35 -10.59 -7.82
N ILE C 346 5.65 -10.44 -7.64
CA ILE C 346 6.20 -9.73 -6.49
C ILE C 346 7.55 -9.17 -6.86
N ASP C 347 8.00 -8.16 -6.14
CA ASP C 347 9.30 -7.62 -6.41
C ASP C 347 10.31 -8.24 -5.46
N LEU C 348 11.57 -8.20 -5.83
CA LEU C 348 12.61 -8.78 -5.00
C LEU C 348 13.69 -7.72 -4.96
N TRP C 349 13.85 -7.10 -3.81
CA TRP C 349 14.85 -6.08 -3.65
C TRP C 349 16.17 -6.70 -3.24
N ALA C 350 17.25 -6.23 -3.87
CA ALA C 350 18.59 -6.71 -3.61
C ALA C 350 19.50 -5.49 -3.55
N MET C 351 20.37 -5.42 -2.56
CA MET C 351 21.25 -4.27 -2.46
C MET C 351 22.42 -4.39 -3.40
N PRO C 352 22.95 -3.24 -3.86
CA PRO C 352 24.08 -3.18 -4.79
C PRO C 352 25.46 -3.20 -4.14
N VAL C 353 25.52 -3.37 -2.83
CA VAL C 353 26.82 -3.40 -2.15
C VAL C 353 27.05 -4.77 -1.54
N GLN C 354 28.29 -5.12 -1.29
CA GLN C 354 28.55 -6.41 -0.67
C GLN C 354 28.31 -6.22 0.81
N ARG C 355 27.80 -7.26 1.45
CA ARG C 355 27.55 -7.18 2.87
C ARG C 355 28.17 -8.39 3.52
N PRO C 356 28.57 -8.27 4.79
CA PRO C 356 29.19 -9.37 5.52
C PRO C 356 28.37 -10.65 5.45
N TYR C 357 27.06 -10.52 5.36
CA TYR C 357 26.17 -11.67 5.30
C TYR C 357 25.73 -12.06 3.89
N ASN C 358 26.03 -11.23 2.89
CA ASN C 358 25.62 -11.54 1.53
C ASN C 358 26.66 -10.99 0.55
N PRO C 359 27.56 -11.87 0.08
CA PRO C 359 28.64 -11.58 -0.86
C PRO C 359 28.20 -10.97 -2.16
N ASN C 360 27.02 -11.36 -2.65
CA ASN C 360 26.53 -10.87 -3.93
C ASN C 360 25.02 -11.05 -4.02
N ALA C 361 24.29 -10.12 -3.41
CA ALA C 361 22.84 -10.19 -3.40
C ALA C 361 22.28 -10.18 -4.80
N ARG C 362 23.00 -9.52 -5.70
CA ARG C 362 22.58 -9.42 -7.09
C ARG C 362 22.40 -10.79 -7.71
N ARG C 363 23.42 -11.63 -7.63
CA ARG C 363 23.34 -12.95 -8.20
C ARG C 363 22.36 -13.81 -7.42
N MET C 364 22.34 -13.65 -6.10
CA MET C 364 21.42 -14.43 -5.29
C MET C 364 19.99 -14.15 -5.74
N ALA C 365 19.71 -12.91 -6.09
CA ALA C 365 18.38 -12.53 -6.51
C ALA C 365 17.96 -13.28 -7.75
N GLU C 366 18.86 -13.37 -8.71
CA GLU C 366 18.57 -14.05 -9.97
C GLU C 366 18.24 -15.51 -9.75
N MET C 367 18.93 -16.14 -8.82
CA MET C 367 18.69 -17.54 -8.52
C MET C 367 17.32 -17.73 -7.88
N ILE C 368 16.97 -16.85 -6.94
CA ILE C 368 15.67 -16.95 -6.28
C ILE C 368 14.57 -16.68 -7.29
N GLN C 369 14.83 -15.72 -8.17
CA GLN C 369 13.88 -15.37 -9.21
C GLN C 369 13.59 -16.62 -10.05
N ALA C 370 14.65 -17.26 -10.54
CA ALA C 370 14.52 -18.44 -11.35
C ALA C 370 13.78 -19.54 -10.63
N ASP C 371 14.11 -19.74 -9.35
CA ASP C 371 13.44 -20.78 -8.59
C ASP C 371 11.96 -20.50 -8.47
N TRP C 372 11.62 -19.27 -8.12
CA TRP C 372 10.22 -18.90 -7.96
C TRP C 372 9.44 -19.03 -9.27
N ALA C 373 10.11 -18.74 -10.37
CA ALA C 373 9.48 -18.84 -11.67
C ALA C 373 9.00 -20.26 -11.92
N LYS C 374 9.73 -21.24 -11.38
CA LYS C 374 9.36 -22.63 -11.56
C LYS C 374 8.04 -23.03 -10.89
N VAL C 375 7.56 -22.21 -9.96
CA VAL C 375 6.26 -22.51 -9.33
C VAL C 375 5.24 -21.45 -9.73
N GLY C 376 5.53 -20.72 -10.79
CA GLY C 376 4.61 -19.71 -11.26
C GLY C 376 4.56 -18.36 -10.58
N VAL C 377 5.63 -17.99 -9.89
CA VAL C 377 5.66 -16.70 -9.24
C VAL C 377 6.64 -15.85 -10.03
N GLN C 378 6.13 -14.79 -10.67
CA GLN C 378 7.00 -13.94 -11.47
C GLN C 378 7.59 -12.85 -10.61
N ALA C 379 8.92 -12.84 -10.47
CA ALA C 379 9.57 -11.84 -9.64
C ALA C 379 10.31 -10.76 -10.39
N LYS C 380 10.16 -9.51 -9.94
CA LYS C 380 10.86 -8.39 -10.55
C LYS C 380 11.95 -7.98 -9.57
N ILE C 381 13.21 -8.13 -9.97
CA ILE C 381 14.30 -7.77 -9.09
C ILE C 381 14.51 -6.27 -9.17
N VAL C 382 14.51 -5.62 -8.00
CA VAL C 382 14.66 -4.17 -7.95
C VAL C 382 15.80 -3.76 -7.03
N THR C 383 16.68 -2.87 -7.49
CA THR C 383 17.76 -2.41 -6.64
C THR C 383 17.97 -0.90 -6.77
N TYR C 384 18.11 -0.27 -5.60
CA TYR C 384 18.35 1.16 -5.48
C TYR C 384 19.73 1.31 -4.85
N GLU C 385 20.27 2.53 -4.85
CA GLU C 385 21.57 2.78 -4.21
C GLU C 385 21.41 2.35 -2.76
N TRP C 386 22.49 1.82 -2.17
CA TRP C 386 22.49 1.34 -0.79
C TRP C 386 21.68 2.20 0.20
N GLY C 387 21.95 3.50 0.23
CA GLY C 387 21.25 4.37 1.15
C GLY C 387 19.76 4.45 0.93
N GLU C 388 19.39 4.73 -0.33
CA GLU C 388 18.00 4.85 -0.72
C GLU C 388 17.28 3.54 -0.45
N TYR C 389 17.98 2.45 -0.74
CA TYR C 389 17.48 1.08 -0.56
C TYR C 389 16.97 0.92 0.85
N LEU C 390 17.78 1.29 1.83
CA LEU C 390 17.39 1.18 3.23
C LEU C 390 16.24 2.12 3.56
N LYS C 391 16.34 3.38 3.12
CA LYS C 391 15.30 4.35 3.40
C LYS C 391 13.94 3.81 2.99
N ARG C 392 13.81 3.41 1.73
CA ARG C 392 12.55 2.91 1.24
C ARG C 392 12.10 1.61 1.87
N ALA C 393 13.04 0.72 2.16
CA ALA C 393 12.69 -0.55 2.77
C ALA C 393 11.97 -0.27 4.08
N LYS C 394 12.51 0.67 4.85
CA LYS C 394 11.93 1.06 6.12
C LYS C 394 10.51 1.57 5.94
N ASP C 395 10.31 2.38 4.90
CA ASP C 395 8.97 2.94 4.61
C ASP C 395 8.00 1.87 4.09
N GLY C 396 8.48 0.66 3.90
CA GLY C 396 7.63 -0.42 3.43
C GLY C 396 7.24 -0.43 1.98
N GLU C 397 8.07 0.14 1.11
CA GLU C 397 7.77 0.17 -0.31
C GLU C 397 7.90 -1.17 -1.03
N HIS C 398 8.64 -2.08 -0.42
CA HIS C 398 8.92 -3.39 -1.00
C HIS C 398 7.88 -4.42 -0.66
N GLN C 399 7.98 -5.55 -1.34
CA GLN C 399 7.13 -6.69 -1.06
C GLN C 399 8.07 -7.76 -0.52
N THR C 400 9.32 -7.74 -1.00
CA THR C 400 10.36 -8.68 -0.60
C THR C 400 11.71 -7.98 -0.64
N VAL C 401 12.53 -8.13 0.41
CA VAL C 401 13.84 -7.47 0.49
C VAL C 401 14.98 -8.35 0.99
N MET C 402 16.15 -8.17 0.40
CA MET C 402 17.32 -8.92 0.82
C MET C 402 17.81 -8.13 2.00
N MET C 403 18.05 -8.79 3.11
CA MET C 403 18.53 -8.09 4.30
C MET C 403 19.46 -9.00 5.11
N GLY C 404 20.00 -8.47 6.19
CA GLY C 404 20.88 -9.25 7.03
C GLY C 404 21.25 -8.51 8.29
N TRP C 405 22.07 -9.09 9.15
CA TRP C 405 22.43 -8.43 10.38
C TRP C 405 23.74 -8.96 10.93
N THR C 406 24.36 -8.16 11.78
CA THR C 406 25.60 -8.50 12.46
C THR C 406 25.31 -8.04 13.87
N GLY C 407 25.44 -8.92 14.84
CA GLY C 407 25.17 -8.54 16.22
C GLY C 407 25.79 -7.22 16.61
N ASP C 408 25.13 -6.48 17.47
CA ASP C 408 25.65 -5.19 17.91
C ASP C 408 26.17 -5.22 19.34
N ASN C 409 25.68 -6.15 20.14
CA ASN C 409 26.07 -6.24 21.53
C ASN C 409 26.17 -7.67 22.06
N GLY C 410 26.17 -8.65 21.16
CA GLY C 410 26.26 -10.03 21.59
C GLY C 410 25.10 -10.58 22.39
N ASP C 411 23.92 -9.95 22.34
CA ASP C 411 22.75 -10.41 23.09
C ASP C 411 21.62 -10.79 22.13
N PRO C 412 20.99 -11.95 22.31
CA PRO C 412 19.90 -12.40 21.44
C PRO C 412 18.84 -11.33 21.21
N ASP C 413 18.64 -10.48 22.20
CA ASP C 413 17.65 -9.43 22.08
C ASP C 413 17.89 -8.60 20.84
N ASN C 414 19.16 -8.23 20.64
CA ASN C 414 19.55 -7.40 19.50
C ASN C 414 19.19 -8.03 18.17
N PHE C 415 18.85 -9.32 18.19
CA PHE C 415 18.48 -10.02 16.98
C PHE C 415 16.97 -10.16 16.87
N PHE C 416 16.36 -10.92 17.79
CA PHE C 416 14.93 -11.14 17.76
C PHE C 416 14.09 -9.89 17.92
N ALA C 417 14.33 -9.14 18.98
CA ALA C 417 13.57 -7.92 19.23
C ALA C 417 13.82 -6.81 18.22
N THR C 418 15.05 -6.33 18.17
CA THR C 418 15.41 -5.26 17.28
C THR C 418 15.00 -5.50 15.83
N LEU C 419 14.91 -6.76 15.42
CA LEU C 419 14.57 -7.08 14.04
C LEU C 419 13.18 -7.61 13.73
N PHE C 420 12.51 -8.22 14.71
CA PHE C 420 11.19 -8.75 14.44
C PHE C 420 10.11 -8.45 15.46
N SER C 421 10.26 -7.37 16.23
CA SER C 421 9.28 -7.02 17.22
C SER C 421 8.23 -6.11 16.62
N CYS C 422 7.13 -5.88 17.33
CA CYS C 422 6.09 -5.00 16.82
C CYS C 422 6.62 -3.59 16.83
N ALA C 423 7.30 -3.23 17.91
CA ALA C 423 7.87 -1.89 18.01
C ALA C 423 8.74 -1.66 16.79
N ALA C 424 9.48 -2.70 16.41
CA ALA C 424 10.35 -2.59 15.27
C ALA C 424 9.61 -2.61 13.93
N SER C 425 8.40 -3.15 13.90
CA SER C 425 7.64 -3.18 12.65
C SER C 425 7.08 -1.81 12.33
N GLU C 426 6.89 -0.99 13.36
CA GLU C 426 6.36 0.35 13.17
C GLU C 426 7.41 1.38 12.77
N GLN C 427 8.44 1.54 13.58
CA GLN C 427 9.47 2.54 13.26
C GLN C 427 10.90 1.96 13.24
N GLY C 428 11.04 0.64 13.20
CA GLY C 428 12.35 0.04 13.24
C GLY C 428 12.83 -0.70 12.02
N SER C 429 13.73 -1.65 12.22
CA SER C 429 14.32 -2.42 11.14
C SER C 429 13.57 -3.70 10.78
N ASN C 430 12.38 -3.87 11.32
CA ASN C 430 11.58 -5.06 11.03
C ASN C 430 10.99 -4.83 9.64
N TYR C 431 11.79 -5.02 8.61
CA TYR C 431 11.31 -4.80 7.25
C TYR C 431 10.29 -5.81 6.78
N SER C 432 9.98 -6.79 7.62
CA SER C 432 8.96 -7.78 7.26
C SER C 432 7.62 -7.26 7.78
N LYS C 433 7.65 -6.16 8.54
CA LYS C 433 6.45 -5.56 9.10
C LYS C 433 5.60 -6.62 9.79
N TRP C 434 6.29 -7.56 10.42
CA TRP C 434 5.66 -8.68 11.11
C TRP C 434 5.52 -8.38 12.59
N CYS C 435 4.30 -8.50 13.10
CA CYS C 435 4.03 -8.25 14.52
C CYS C 435 3.08 -9.35 14.94
N TYR C 436 3.55 -10.25 15.80
CA TYR C 436 2.77 -11.43 16.21
C TYR C 436 2.80 -11.64 17.72
N LYS C 437 1.64 -11.58 18.36
CA LYS C 437 1.56 -11.74 19.82
C LYS C 437 2.33 -12.93 20.43
N PRO C 438 2.09 -14.17 19.96
CA PRO C 438 2.79 -15.33 20.50
C PRO C 438 4.31 -15.13 20.57
N PHE C 439 4.83 -14.36 19.61
CA PHE C 439 6.25 -14.09 19.57
C PHE C 439 6.56 -13.08 20.65
N GLU C 440 5.84 -11.96 20.63
CA GLU C 440 6.03 -10.91 21.64
C GLU C 440 6.04 -11.51 23.04
N ASP C 441 5.11 -12.44 23.28
CA ASP C 441 4.98 -13.08 24.59
C ASP C 441 6.23 -13.82 25.07
N LEU C 442 7.13 -14.13 24.15
CA LEU C 442 8.37 -14.80 24.50
C LEU C 442 9.48 -13.77 24.58
N ILE C 443 9.65 -13.05 23.48
CA ILE C 443 10.69 -12.04 23.35
C ILE C 443 10.69 -10.95 24.43
N GLN C 444 9.53 -10.42 24.80
CA GLN C 444 9.47 -9.36 25.80
C GLN C 444 9.90 -9.77 27.20
N PRO C 445 9.32 -10.85 27.75
CA PRO C 445 9.72 -11.30 29.09
C PRO C 445 11.21 -11.63 29.12
N ALA C 446 11.70 -12.24 28.05
CA ALA C 446 13.09 -12.60 27.96
C ALA C 446 14.03 -11.41 28.17
N ARG C 447 13.51 -10.20 28.00
CA ARG C 447 14.33 -9.01 28.18
C ARG C 447 14.39 -8.52 29.62
N ALA C 448 13.35 -8.82 30.40
CA ALA C 448 13.29 -8.36 31.78
C ALA C 448 14.02 -9.18 32.84
N THR C 449 14.03 -10.51 32.71
CA THR C 449 14.69 -11.34 33.72
C THR C 449 16.20 -11.30 33.71
N ASP C 450 16.78 -11.54 34.88
CA ASP C 450 18.24 -11.60 35.02
C ASP C 450 18.63 -13.09 35.07
N ASP C 451 17.61 -13.94 35.07
CA ASP C 451 17.79 -15.39 35.11
C ASP C 451 18.17 -15.91 33.72
N HIS C 452 19.46 -15.86 33.42
CA HIS C 452 19.97 -16.28 32.13
C HIS C 452 19.34 -17.55 31.57
N ASN C 453 18.93 -18.47 32.43
CA ASN C 453 18.35 -19.71 31.94
C ASN C 453 16.94 -19.54 31.40
N LYS C 454 16.15 -18.67 32.03
CA LYS C 454 14.80 -18.43 31.55
C LYS C 454 14.96 -17.77 30.19
N ARG C 455 15.94 -16.88 30.07
CA ARG C 455 16.20 -16.20 28.82
C ARG C 455 16.49 -17.23 27.72
N VAL C 456 17.34 -18.20 28.03
CA VAL C 456 17.66 -19.24 27.07
C VAL C 456 16.42 -20.00 26.63
N GLU C 457 15.59 -20.42 27.58
CA GLU C 457 14.40 -21.17 27.24
C GLU C 457 13.47 -20.35 26.35
N LEU C 458 13.30 -19.09 26.70
CA LEU C 458 12.44 -18.19 25.95
C LEU C 458 12.94 -18.01 24.52
N TYR C 459 14.16 -17.55 24.36
CA TYR C 459 14.69 -17.36 23.02
C TYR C 459 14.66 -18.64 22.17
N LYS C 460 14.75 -19.80 22.80
CA LYS C 460 14.70 -21.03 22.05
C LYS C 460 13.30 -21.23 21.49
N GLN C 461 12.29 -20.98 22.31
CA GLN C 461 10.91 -21.12 21.87
C GLN C 461 10.64 -20.14 20.74
N ALA C 462 11.19 -18.94 20.86
CA ALA C 462 11.01 -17.90 19.86
C ALA C 462 11.43 -18.39 18.49
N GLN C 463 12.55 -19.09 18.42
CA GLN C 463 13.02 -19.61 17.14
C GLN C 463 12.03 -20.56 16.53
N VAL C 464 11.26 -21.26 17.35
CA VAL C 464 10.27 -22.18 16.82
C VAL C 464 9.16 -21.36 16.18
N VAL C 465 8.58 -20.48 16.98
CA VAL C 465 7.49 -19.60 16.55
C VAL C 465 7.85 -18.94 15.23
N MET C 466 9.05 -18.37 15.19
CA MET C 466 9.51 -17.70 14.00
C MET C 466 9.55 -18.66 12.84
N HIS C 467 10.04 -19.87 13.07
CA HIS C 467 10.11 -20.85 12.01
C HIS C 467 8.74 -21.10 11.42
N ASP C 468 7.80 -21.43 12.30
CA ASP C 468 6.45 -21.73 11.87
C ASP C 468 5.78 -20.60 11.13
N GLN C 469 6.04 -19.38 11.55
CA GLN C 469 5.41 -18.23 10.91
C GLN C 469 6.07 -17.76 9.64
N ALA C 470 7.31 -18.17 9.39
CA ALA C 470 7.98 -17.79 8.16
C ALA C 470 7.93 -16.29 7.82
N PRO C 471 8.26 -15.41 8.77
CA PRO C 471 8.20 -14.01 8.38
C PRO C 471 9.34 -13.62 7.46
N ALA C 472 10.31 -14.51 7.30
CA ALA C 472 11.45 -14.23 6.44
C ALA C 472 12.07 -15.53 6.01
N LEU C 473 12.80 -15.49 4.91
CA LEU C 473 13.47 -16.66 4.40
C LEU C 473 14.91 -16.59 4.89
N ILE C 474 15.21 -17.27 5.99
CA ILE C 474 16.57 -17.25 6.55
C ILE C 474 17.49 -17.98 5.58
N ILE C 475 18.50 -17.28 5.08
CA ILE C 475 19.41 -17.86 4.11
C ILE C 475 20.73 -18.42 4.62
N ALA C 476 21.62 -17.57 5.14
CA ALA C 476 22.91 -18.08 5.59
C ALA C 476 23.62 -17.18 6.60
N HIS C 477 24.52 -17.88 7.31
CA HIS C 477 25.47 -17.31 8.26
C HIS C 477 26.81 -17.33 7.55
N SER C 478 27.53 -16.23 7.59
CA SER C 478 28.77 -16.14 6.85
C SER C 478 30.00 -16.05 7.75
N THR C 479 31.14 -16.52 7.25
CA THR C 479 32.40 -16.47 8.00
C THR C 479 33.06 -15.15 7.66
N VAL C 480 33.69 -14.54 8.65
CA VAL C 480 34.35 -13.27 8.47
C VAL C 480 35.80 -13.39 7.99
N PHE C 481 36.12 -12.73 6.89
CA PHE C 481 37.47 -12.74 6.35
C PHE C 481 37.87 -11.27 6.14
N GLU C 482 38.87 -10.80 6.85
CA GLU C 482 39.31 -9.42 6.69
C GLU C 482 40.74 -9.42 6.17
N PRO C 483 40.94 -9.11 4.88
CA PRO C 483 42.28 -9.08 4.31
C PRO C 483 43.01 -7.87 4.87
N VAL C 484 44.22 -8.06 5.37
CA VAL C 484 44.97 -6.93 5.91
C VAL C 484 46.42 -6.97 5.44
N ARG C 485 46.92 -5.85 4.94
CA ARG C 485 48.31 -5.79 4.50
C ARG C 485 49.22 -6.12 5.68
N LYS C 486 50.29 -6.85 5.42
CA LYS C 486 51.24 -7.26 6.46
C LYS C 486 51.88 -6.07 7.17
N GLU C 487 51.99 -4.96 6.48
CA GLU C 487 52.57 -3.75 7.04
C GLU C 487 51.73 -3.20 8.20
N VAL C 488 50.48 -3.63 8.30
CA VAL C 488 49.60 -3.12 9.34
C VAL C 488 49.67 -3.93 10.61
N LYS C 489 50.06 -3.26 11.69
CA LYS C 489 50.19 -3.92 12.98
C LYS C 489 49.06 -3.60 13.95
N GLY C 490 48.63 -4.63 14.68
CA GLY C 490 47.60 -4.46 15.68
C GLY C 490 46.15 -4.45 15.28
N TYR C 491 45.81 -5.00 14.12
CA TYR C 491 44.43 -5.02 13.69
C TYR C 491 43.71 -6.16 14.39
N VAL C 492 42.49 -5.89 14.84
CA VAL C 492 41.69 -6.89 15.53
C VAL C 492 40.36 -7.00 14.81
N VAL C 493 40.00 -8.22 14.40
CA VAL C 493 38.74 -8.45 13.72
C VAL C 493 37.63 -8.36 14.75
N ASP C 494 36.74 -7.39 14.56
CA ASP C 494 35.63 -7.15 15.49
C ASP C 494 34.42 -8.03 15.18
N PRO C 495 34.03 -8.89 16.13
CA PRO C 495 32.88 -9.76 15.91
C PRO C 495 31.61 -8.94 15.67
N LEU C 496 31.58 -7.75 16.23
CA LEU C 496 30.43 -6.87 16.08
C LEU C 496 30.41 -6.18 14.71
N GLY C 497 31.33 -6.58 13.84
CA GLY C 497 31.36 -6.04 12.50
C GLY C 497 31.94 -4.68 12.20
N LYS C 498 32.57 -4.03 13.18
CA LYS C 498 33.17 -2.72 12.93
C LYS C 498 34.60 -2.87 12.45
N HIS C 499 35.14 -1.80 11.88
CA HIS C 499 36.52 -1.79 11.40
C HIS C 499 37.21 -0.67 12.18
N HIS C 500 37.87 -1.05 13.27
CA HIS C 500 38.58 -0.09 14.15
C HIS C 500 40.00 0.22 13.72
N PHE C 501 40.33 1.52 13.65
CA PHE C 501 41.67 1.92 13.23
C PHE C 501 42.44 2.74 14.27
N GLU C 502 41.88 2.94 15.46
CA GLU C 502 42.56 3.71 16.49
C GLU C 502 43.80 2.94 16.96
N ASN C 503 43.56 1.71 17.40
CA ASN C 503 44.57 0.80 17.90
C ASN C 503 45.63 0.39 16.87
N VAL C 504 45.33 0.56 15.59
CA VAL C 504 46.23 0.16 14.52
C VAL C 504 47.43 1.07 14.32
N SER C 505 48.51 0.50 13.79
CA SER C 505 49.74 1.23 13.48
C SER C 505 50.42 0.60 12.27
N ILE C 506 50.47 1.35 11.18
CA ILE C 506 51.14 0.89 9.98
C ILE C 506 52.51 1.54 10.07
N GLU C 507 53.54 0.94 9.48
CA GLU C 507 54.87 1.53 9.55
C GLU C 507 55.72 1.14 8.34
N LYS D 1 23.16 -41.10 -32.25
CA LYS D 1 24.05 -40.31 -31.35
C LYS D 1 23.41 -39.05 -30.78
N THR D 2 23.55 -38.82 -29.48
CA THR D 2 22.97 -37.65 -28.82
C THR D 2 23.96 -36.53 -28.49
N LEU D 3 23.58 -35.29 -28.77
CA LEU D 3 24.40 -34.11 -28.45
C LEU D 3 23.61 -33.21 -27.50
N VAL D 4 24.26 -32.68 -26.49
CA VAL D 4 23.61 -31.82 -25.51
C VAL D 4 24.24 -30.43 -25.45
N TYR D 5 23.42 -29.44 -25.72
CA TYR D 5 23.82 -28.03 -25.71
C TYR D 5 23.30 -27.39 -24.43
N CYS D 6 24.14 -26.62 -23.77
CA CYS D 6 23.78 -25.92 -22.54
C CYS D 6 23.30 -24.51 -22.95
N SER D 7 22.00 -24.31 -23.13
CA SER D 7 21.50 -23.00 -23.54
C SER D 7 21.48 -21.98 -22.40
N GLU D 8 21.62 -20.71 -22.75
CA GLU D 8 21.64 -19.63 -21.78
C GLU D 8 20.31 -19.24 -21.13
N GLY D 9 19.20 -19.66 -21.72
CA GLY D 9 17.91 -19.32 -21.18
C GLY D 9 16.79 -20.07 -21.88
N SER D 10 15.55 -19.70 -21.62
CA SER D 10 14.42 -20.39 -22.23
C SER D 10 13.89 -19.67 -23.45
N PRO D 11 13.48 -20.43 -24.48
CA PRO D 11 12.96 -19.81 -25.69
C PRO D 11 11.62 -19.16 -25.39
N GLU D 12 11.38 -18.01 -26.01
CA GLU D 12 10.15 -17.27 -25.81
C GLU D 12 8.95 -17.98 -26.40
N GLY D 13 9.19 -18.83 -27.39
CA GLY D 13 8.11 -19.56 -28.04
C GLY D 13 8.66 -20.28 -29.25
N PHE D 14 7.81 -20.88 -30.07
CA PHE D 14 8.31 -21.61 -31.23
C PHE D 14 8.00 -21.10 -32.63
N ASN D 15 7.53 -19.87 -32.76
CA ASN D 15 7.29 -19.28 -34.07
C ASN D 15 8.20 -18.07 -34.14
N PRO D 16 9.30 -18.18 -34.89
CA PRO D 16 10.28 -17.10 -35.03
C PRO D 16 9.72 -15.77 -35.52
N GLN D 17 8.54 -15.78 -36.13
CA GLN D 17 7.97 -14.54 -36.61
C GLN D 17 7.67 -13.58 -35.48
N LEU D 18 7.24 -14.14 -34.37
CA LEU D 18 6.84 -13.37 -33.21
C LEU D 18 7.91 -12.85 -32.25
N PHE D 19 9.15 -13.34 -32.38
CA PHE D 19 10.19 -12.93 -31.45
C PHE D 19 11.43 -12.34 -32.06
N THR D 20 12.35 -11.90 -31.22
CA THR D 20 13.58 -11.27 -31.67
C THR D 20 14.86 -11.78 -31.06
N SER D 21 14.79 -12.48 -29.91
CA SER D 21 16.00 -12.94 -29.27
C SER D 21 16.63 -14.17 -29.89
N GLY D 22 17.95 -14.25 -29.79
CA GLY D 22 18.66 -15.39 -30.32
C GLY D 22 18.30 -16.61 -29.52
N THR D 23 18.09 -16.43 -28.22
CA THR D 23 17.72 -17.53 -27.34
C THR D 23 16.61 -18.36 -27.99
N THR D 24 15.55 -17.68 -28.43
CA THR D 24 14.44 -18.38 -29.05
C THR D 24 14.81 -18.93 -30.44
N TYR D 25 15.47 -18.10 -31.25
CA TYR D 25 15.88 -18.54 -32.59
C TYR D 25 16.67 -19.86 -32.59
N ASP D 26 17.63 -19.98 -31.68
CA ASP D 26 18.43 -21.19 -31.57
C ASP D 26 17.58 -22.43 -31.31
N ALA D 27 16.43 -22.23 -30.68
CA ALA D 27 15.55 -23.32 -30.34
C ALA D 27 14.35 -23.44 -31.25
N SER D 28 14.11 -22.45 -32.08
CA SER D 28 12.96 -22.50 -32.96
C SER D 28 13.34 -22.52 -34.43
N SER D 29 13.61 -21.34 -34.97
CA SER D 29 13.96 -21.19 -36.36
C SER D 29 15.11 -22.08 -36.81
N VAL D 30 16.26 -21.95 -36.15
CA VAL D 30 17.42 -22.74 -36.53
C VAL D 30 17.25 -24.26 -36.60
N PRO D 31 16.69 -24.89 -35.56
CA PRO D 31 16.55 -26.33 -35.68
C PRO D 31 15.31 -26.84 -36.41
N LEU D 32 14.23 -26.09 -36.40
CA LEU D 32 12.95 -26.64 -36.94
C LEU D 32 12.47 -26.08 -38.30
N TYR D 33 12.93 -24.92 -38.72
CA TYR D 33 12.38 -24.34 -39.96
C TYR D 33 13.40 -24.06 -41.04
N ASN D 34 12.93 -23.48 -42.15
CA ASN D 34 13.78 -23.11 -43.28
C ASN D 34 13.25 -21.83 -43.90
N ARG D 35 14.07 -21.20 -44.75
CA ARG D 35 13.67 -19.98 -45.42
C ARG D 35 13.86 -20.23 -46.89
N LEU D 36 13.22 -19.41 -47.73
CA LEU D 36 13.35 -19.56 -49.17
C LEU D 36 14.83 -19.63 -49.54
N VAL D 37 15.63 -18.76 -48.94
CA VAL D 37 17.06 -18.74 -49.19
C VAL D 37 17.73 -18.87 -47.82
N GLU D 38 19.00 -19.29 -47.77
CA GLU D 38 19.72 -19.49 -46.50
C GLU D 38 21.14 -18.94 -46.54
N PHE D 39 21.83 -18.99 -45.39
CA PHE D 39 23.20 -18.51 -45.33
C PHE D 39 24.11 -19.72 -45.12
N LYS D 40 25.24 -19.77 -45.84
CA LYS D 40 26.17 -20.89 -45.66
C LYS D 40 26.70 -20.73 -44.25
N ILE D 41 26.57 -21.77 -43.44
CA ILE D 41 27.02 -21.72 -42.05
C ILE D 41 28.40 -21.12 -41.89
N GLY D 42 28.50 -20.08 -41.08
CA GLY D 42 29.78 -19.44 -40.83
C GLY D 42 30.07 -18.25 -41.72
N THR D 43 29.23 -18.05 -42.72
CA THR D 43 29.41 -16.94 -43.66
C THR D 43 28.11 -16.16 -43.75
N THR D 44 28.11 -15.13 -44.60
CA THR D 44 26.92 -14.31 -44.81
C THR D 44 26.57 -14.41 -46.28
N GLU D 45 26.79 -15.58 -46.86
CA GLU D 45 26.54 -15.82 -48.27
C GLU D 45 25.22 -16.54 -48.50
N VAL D 46 24.35 -16.01 -49.36
CA VAL D 46 23.08 -16.68 -49.60
C VAL D 46 23.26 -17.94 -50.44
N ILE D 47 22.53 -18.97 -50.05
CA ILE D 47 22.57 -20.29 -50.66
C ILE D 47 21.11 -20.69 -50.79
N PRO D 48 20.74 -21.35 -51.89
CA PRO D 48 19.33 -21.74 -52.03
C PRO D 48 18.84 -22.56 -50.83
N GLY D 49 17.62 -22.27 -50.39
CA GLY D 49 17.06 -22.99 -49.27
C GLY D 49 15.84 -23.68 -49.81
N LEU D 50 14.67 -23.31 -49.30
CA LEU D 50 13.44 -23.91 -49.78
C LEU D 50 13.21 -23.53 -51.24
N ALA D 51 13.83 -22.43 -51.66
CA ALA D 51 13.72 -21.97 -53.03
C ALA D 51 14.95 -22.51 -53.74
N GLU D 52 14.72 -23.30 -54.78
CA GLU D 52 15.79 -23.90 -55.57
C GLU D 52 16.57 -22.84 -56.34
N LYS D 53 15.85 -21.86 -56.91
CA LYS D 53 16.48 -20.79 -57.66
C LYS D 53 15.52 -19.60 -57.72
N TRP D 54 16.05 -18.43 -58.08
CA TRP D 54 15.24 -17.24 -58.13
C TRP D 54 15.76 -16.25 -59.15
N GLU D 55 14.89 -15.32 -59.56
CA GLU D 55 15.25 -14.28 -60.53
C GLU D 55 14.79 -12.94 -60.00
N VAL D 56 15.52 -11.88 -60.35
CA VAL D 56 15.16 -10.55 -59.94
C VAL D 56 14.92 -9.72 -61.20
N SER D 57 13.82 -8.99 -61.24
CA SER D 57 13.48 -8.17 -62.40
C SER D 57 14.51 -7.07 -62.64
N GLU D 58 14.55 -6.54 -63.86
CA GLU D 58 15.50 -5.48 -64.17
C GLU D 58 15.27 -4.27 -63.29
N ASP D 59 14.00 -3.95 -63.04
CA ASP D 59 13.66 -2.81 -62.19
C ASP D 59 13.99 -3.10 -60.72
N GLY D 60 14.27 -4.36 -60.43
CA GLY D 60 14.61 -4.75 -59.07
C GLY D 60 13.45 -4.72 -58.12
N LYS D 61 12.23 -4.72 -58.66
CA LYS D 61 11.05 -4.68 -57.83
C LYS D 61 10.25 -5.98 -57.79
N THR D 62 10.73 -7.01 -58.50
CA THR D 62 10.03 -8.30 -58.52
C THR D 62 10.96 -9.48 -58.32
N TYR D 63 10.80 -10.18 -57.19
CA TYR D 63 11.63 -11.34 -56.94
C TYR D 63 10.75 -12.55 -57.20
N THR D 64 11.28 -13.47 -58.00
CA THR D 64 10.55 -14.68 -58.35
C THR D 64 11.31 -15.88 -57.81
N PHE D 65 10.66 -16.66 -56.94
CA PHE D 65 11.28 -17.82 -56.34
C PHE D 65 10.66 -19.11 -56.82
N HIS D 66 11.52 -20.08 -57.14
CA HIS D 66 11.08 -21.38 -57.61
C HIS D 66 11.28 -22.38 -56.47
N LEU D 67 10.19 -22.77 -55.85
CA LEU D 67 10.27 -23.71 -54.74
C LEU D 67 10.74 -25.07 -55.23
N ARG D 68 11.56 -25.74 -54.43
CA ARG D 68 12.05 -27.05 -54.82
C ARG D 68 10.97 -28.06 -54.44
N LYS D 69 10.95 -29.21 -55.12
CA LYS D 69 9.94 -30.23 -54.84
C LYS D 69 10.40 -31.34 -53.90
N GLY D 70 9.42 -32.04 -53.33
CA GLY D 70 9.73 -33.14 -52.43
C GLY D 70 10.22 -32.73 -51.06
N VAL D 71 9.72 -31.59 -50.59
CA VAL D 71 10.09 -31.09 -49.28
C VAL D 71 9.01 -31.53 -48.32
N LYS D 72 9.37 -32.41 -47.39
CA LYS D 72 8.41 -32.91 -46.41
C LYS D 72 8.34 -32.07 -45.14
N TRP D 73 7.16 -32.06 -44.53
CA TRP D 73 6.90 -31.33 -43.28
C TRP D 73 6.93 -32.33 -42.12
N HIS D 74 7.16 -31.85 -40.90
CA HIS D 74 7.20 -32.72 -39.72
C HIS D 74 5.80 -33.24 -39.41
N ASP D 75 5.74 -34.24 -38.53
CA ASP D 75 4.47 -34.83 -38.10
C ASP D 75 4.36 -34.63 -36.59
N ASN D 76 3.17 -34.27 -36.15
CA ASN D 76 2.87 -34.01 -34.74
C ASN D 76 1.80 -35.02 -34.32
N LYS D 77 1.60 -35.16 -33.01
CA LYS D 77 0.58 -36.05 -32.47
C LYS D 77 -0.78 -35.65 -33.01
N GLU D 78 -0.98 -34.34 -33.14
CA GLU D 78 -2.24 -33.81 -33.63
C GLU D 78 -2.26 -33.51 -35.13
N PHE D 79 -1.17 -33.82 -35.84
CA PHE D 79 -1.14 -33.49 -37.25
C PHE D 79 -0.18 -34.28 -38.11
N LYS D 80 -0.63 -34.68 -39.29
CA LYS D 80 0.19 -35.42 -40.24
C LYS D 80 -0.05 -34.81 -41.62
N PRO D 81 1.00 -34.27 -42.25
CA PRO D 81 0.92 -33.65 -43.57
C PRO D 81 0.47 -34.60 -44.68
N THR D 82 -0.37 -34.10 -45.58
CA THR D 82 -0.87 -34.90 -46.69
C THR D 82 -0.16 -34.51 -47.99
N ARG D 83 0.32 -33.27 -48.05
CA ARG D 83 1.02 -32.78 -49.23
C ARG D 83 2.39 -32.26 -48.83
N GLU D 84 3.20 -31.94 -49.83
CA GLU D 84 4.55 -31.44 -49.58
C GLU D 84 4.53 -29.91 -49.68
N LEU D 85 5.70 -29.29 -49.61
CA LEU D 85 5.77 -27.84 -49.70
C LEU D 85 5.23 -27.34 -51.03
N ASN D 86 4.52 -26.21 -50.97
CA ASN D 86 3.95 -25.58 -52.17
C ASN D 86 3.85 -24.07 -51.94
N ALA D 87 3.61 -23.33 -53.02
CA ALA D 87 3.51 -21.87 -52.94
C ALA D 87 2.52 -21.38 -51.90
N ASP D 88 1.51 -22.17 -51.60
CA ASP D 88 0.50 -21.78 -50.63
C ASP D 88 1.10 -21.58 -49.25
N ASP D 89 2.11 -22.36 -48.93
CA ASP D 89 2.77 -22.21 -47.63
C ASP D 89 3.47 -20.85 -47.56
N VAL D 90 4.33 -20.60 -48.53
CA VAL D 90 5.08 -19.36 -48.59
C VAL D 90 4.17 -18.14 -48.53
N VAL D 91 3.13 -18.13 -49.35
CA VAL D 91 2.21 -16.99 -49.36
C VAL D 91 1.58 -16.84 -47.99
N PHE D 92 1.16 -17.94 -47.38
CA PHE D 92 0.56 -17.86 -46.07
C PHE D 92 1.51 -17.22 -45.05
N SER D 93 2.71 -17.77 -44.98
CA SER D 93 3.74 -17.29 -44.06
C SER D 93 3.89 -15.78 -44.07
N PHE D 94 3.95 -15.21 -45.27
CA PHE D 94 4.09 -13.76 -45.38
C PHE D 94 2.79 -12.99 -45.26
N ASP D 95 1.70 -13.56 -45.73
CA ASP D 95 0.44 -12.86 -45.65
C ASP D 95 0.04 -12.70 -44.19
N ARG D 96 0.26 -13.74 -43.40
CA ARG D 96 -0.08 -13.69 -41.99
C ARG D 96 0.49 -12.44 -41.36
N GLN D 97 1.70 -12.08 -41.74
CA GLN D 97 2.36 -10.93 -41.17
C GLN D 97 1.86 -9.63 -41.76
N LYS D 98 1.77 -9.56 -43.08
CA LYS D 98 1.35 -8.35 -43.74
C LYS D 98 -0.13 -7.99 -43.66
N ASN D 99 -0.98 -8.95 -44.02
CA ASN D 99 -2.42 -8.76 -44.07
C ASN D 99 -3.17 -8.86 -42.75
N ALA D 100 -3.73 -7.75 -42.33
CA ALA D 100 -4.49 -7.70 -41.09
C ALA D 100 -5.78 -8.53 -41.17
N GLN D 101 -6.19 -8.90 -42.38
CA GLN D 101 -7.40 -9.67 -42.56
C GLN D 101 -7.20 -11.18 -42.43
N ASN D 102 -5.95 -11.62 -42.51
CA ASN D 102 -5.65 -13.05 -42.40
C ASN D 102 -6.10 -13.49 -41.00
N PRO D 103 -6.80 -14.62 -40.91
CA PRO D 103 -7.30 -15.15 -39.64
C PRO D 103 -6.22 -15.27 -38.57
N TYR D 104 -5.04 -15.69 -38.99
CA TYR D 104 -3.90 -15.87 -38.11
C TYR D 104 -3.16 -14.61 -37.72
N HIS D 105 -3.46 -13.51 -38.39
CA HIS D 105 -2.77 -12.26 -38.11
C HIS D 105 -2.76 -11.85 -36.64
N LYS D 106 -3.88 -11.99 -35.97
CA LYS D 106 -3.94 -11.57 -34.56
C LYS D 106 -3.63 -12.70 -33.59
N VAL D 107 -3.47 -13.91 -34.11
CA VAL D 107 -3.18 -15.07 -33.27
C VAL D 107 -1.85 -14.87 -32.53
N SER D 108 -1.84 -15.23 -31.26
CA SER D 108 -0.67 -15.09 -30.42
C SER D 108 -0.21 -13.64 -30.27
N GLY D 109 -1.15 -12.72 -30.27
CA GLY D 109 -0.79 -11.32 -30.10
C GLY D 109 -0.55 -10.54 -31.37
N GLY D 110 -0.15 -11.21 -32.44
CA GLY D 110 0.10 -10.53 -33.69
C GLY D 110 1.19 -9.48 -33.62
N SER D 111 2.28 -9.82 -32.95
CA SER D 111 3.41 -8.92 -32.80
C SER D 111 4.52 -9.31 -33.78
N TYR D 112 4.34 -8.95 -35.04
CA TYR D 112 5.34 -9.27 -36.05
C TYR D 112 6.41 -8.19 -36.00
N GLU D 113 7.17 -8.19 -34.91
CA GLU D 113 8.21 -7.22 -34.64
C GLU D 113 9.18 -6.94 -35.78
N TYR D 114 9.90 -7.95 -36.27
CA TYR D 114 10.84 -7.73 -37.37
C TYR D 114 10.15 -7.22 -38.62
N PHE D 115 9.14 -7.95 -39.09
CA PHE D 115 8.39 -7.59 -40.30
C PHE D 115 8.03 -6.12 -40.26
N GLU D 116 7.32 -5.72 -39.21
CA GLU D 116 6.91 -4.34 -39.06
C GLU D 116 8.09 -3.39 -38.90
N GLY D 117 9.02 -3.73 -38.03
CA GLY D 117 10.18 -2.88 -37.80
C GLY D 117 11.01 -2.65 -39.04
N MET D 118 11.06 -3.63 -39.92
CA MET D 118 11.83 -3.50 -41.15
C MET D 118 11.04 -2.75 -42.22
N GLY D 119 9.83 -2.34 -41.86
CA GLY D 119 9.01 -1.61 -42.81
C GLY D 119 8.54 -2.47 -43.96
N LEU D 120 8.44 -3.77 -43.75
CA LEU D 120 8.00 -4.65 -44.81
C LEU D 120 6.58 -4.42 -45.31
N PRO D 121 5.64 -4.01 -44.43
CA PRO D 121 4.27 -3.79 -44.90
C PRO D 121 4.18 -2.77 -46.03
N GLU D 122 5.06 -1.78 -45.99
CA GLU D 122 5.05 -0.76 -47.03
C GLU D 122 5.90 -1.21 -48.23
N LEU D 123 6.95 -1.97 -47.96
CA LEU D 123 7.86 -2.42 -49.00
C LEU D 123 7.23 -3.49 -49.89
N ILE D 124 6.69 -4.53 -49.28
CA ILE D 124 6.08 -5.60 -50.04
C ILE D 124 4.70 -5.13 -50.48
N SER D 125 4.48 -5.09 -51.80
CA SER D 125 3.20 -4.69 -52.34
C SER D 125 2.27 -5.90 -52.39
N GLU D 126 2.82 -7.02 -52.83
CA GLU D 126 2.04 -8.24 -52.89
C GLU D 126 2.90 -9.48 -52.99
N VAL D 127 2.37 -10.58 -52.46
CA VAL D 127 3.06 -11.87 -52.48
C VAL D 127 2.21 -12.80 -53.37
N LYS D 128 2.52 -12.78 -54.66
CA LYS D 128 1.82 -13.57 -55.67
C LYS D 128 2.19 -15.05 -55.64
N LYS D 129 1.27 -15.86 -56.13
CA LYS D 129 1.46 -17.29 -56.27
C LYS D 129 1.36 -17.50 -57.78
N VAL D 130 2.48 -17.56 -58.48
CA VAL D 130 2.44 -17.75 -59.93
C VAL D 130 1.92 -19.15 -60.23
N ASP D 131 2.41 -20.15 -59.52
CA ASP D 131 1.95 -21.53 -59.66
C ASP D 131 2.42 -22.30 -58.45
N ASP D 132 1.87 -23.49 -58.24
CA ASP D 132 2.21 -24.33 -57.09
C ASP D 132 3.68 -24.38 -56.65
N ASN D 133 4.62 -24.08 -57.54
CA ASN D 133 6.03 -24.13 -57.18
C ASN D 133 6.76 -22.84 -57.51
N THR D 134 6.02 -21.75 -57.64
CA THR D 134 6.63 -20.47 -57.97
C THR D 134 5.91 -19.34 -57.25
N VAL D 135 6.63 -18.63 -56.38
CA VAL D 135 6.09 -17.51 -55.62
C VAL D 135 6.72 -16.23 -56.13
N GLN D 136 6.00 -15.13 -56.03
CA GLN D 136 6.51 -13.87 -56.54
C GLN D 136 6.29 -12.73 -55.56
N PHE D 137 7.37 -12.00 -55.26
CA PHE D 137 7.32 -10.86 -54.36
C PHE D 137 7.40 -9.62 -55.22
N VAL D 138 6.41 -8.73 -55.09
CA VAL D 138 6.40 -7.50 -55.86
C VAL D 138 6.56 -6.36 -54.86
N LEU D 139 7.71 -5.70 -54.89
CA LEU D 139 7.99 -4.60 -53.97
C LEU D 139 7.59 -3.25 -54.54
N THR D 140 7.43 -2.26 -53.67
CA THR D 140 7.04 -0.93 -54.08
C THR D 140 8.25 -0.12 -54.57
N ARG D 141 9.44 -0.63 -54.27
CA ARG D 141 10.69 0.02 -54.66
C ARG D 141 11.77 -1.03 -54.47
N PRO D 142 12.93 -0.85 -55.10
CA PRO D 142 13.99 -1.85 -54.92
C PRO D 142 14.60 -1.79 -53.51
N GLU D 143 14.87 -2.95 -52.92
CA GLU D 143 15.46 -3.03 -51.58
C GLU D 143 16.75 -3.80 -51.73
N ALA D 144 17.89 -3.11 -51.66
CA ALA D 144 19.17 -3.76 -51.81
C ALA D 144 19.34 -5.06 -51.01
N PRO D 145 19.14 -5.02 -49.69
CA PRO D 145 19.30 -6.26 -48.90
C PRO D 145 18.10 -7.20 -48.85
N PHE D 146 17.16 -7.08 -49.78
CA PHE D 146 15.98 -7.94 -49.73
C PHE D 146 16.27 -9.43 -49.78
N LEU D 147 17.12 -9.85 -50.70
CA LEU D 147 17.43 -11.28 -50.82
C LEU D 147 17.92 -11.74 -49.46
N ALA D 148 18.86 -11.00 -48.89
CA ALA D 148 19.39 -11.35 -47.58
C ALA D 148 18.27 -11.40 -46.58
N ASP D 149 17.45 -10.36 -46.55
CA ASP D 149 16.33 -10.28 -45.61
C ASP D 149 15.54 -11.58 -45.53
N LEU D 150 15.30 -12.20 -46.69
CA LEU D 150 14.53 -13.44 -46.74
C LEU D 150 15.19 -14.64 -46.11
N ALA D 151 16.50 -14.57 -45.90
CA ALA D 151 17.23 -15.67 -45.28
C ALA D 151 17.17 -15.58 -43.75
N MET D 152 16.62 -14.49 -43.24
CA MET D 152 16.51 -14.28 -41.80
C MET D 152 15.44 -15.14 -41.15
N ASP D 153 15.57 -15.30 -39.84
CA ASP D 153 14.66 -16.14 -39.07
C ASP D 153 13.19 -15.81 -39.14
N PHE D 154 12.83 -14.54 -39.24
CA PHE D 154 11.41 -14.19 -39.31
C PHE D 154 10.82 -14.66 -40.64
N ALA D 155 11.66 -14.80 -41.66
CA ALA D 155 11.20 -15.23 -42.98
C ALA D 155 11.07 -16.73 -43.12
N SER D 156 10.95 -17.42 -41.99
CA SER D 156 10.79 -18.87 -41.95
C SER D 156 9.42 -19.21 -42.47
N ILE D 157 9.35 -20.27 -43.28
CA ILE D 157 8.08 -20.71 -43.84
C ILE D 157 7.33 -21.66 -42.91
N LEU D 158 6.09 -21.29 -42.57
CA LEU D 158 5.22 -22.08 -41.72
C LEU D 158 4.27 -22.87 -42.62
N SER D 159 3.63 -23.92 -42.10
CA SER D 159 2.71 -24.73 -42.91
C SER D 159 1.27 -24.25 -43.01
N LYS D 160 0.85 -23.92 -44.22
CA LYS D 160 -0.52 -23.48 -44.46
C LYS D 160 -1.51 -24.58 -44.10
N GLU D 161 -1.14 -25.82 -44.42
CA GLU D 161 -2.01 -26.96 -44.11
C GLU D 161 -2.23 -27.07 -42.60
N TYR D 162 -1.13 -27.16 -41.85
CA TYR D 162 -1.22 -27.27 -40.39
C TYR D 162 -2.00 -26.09 -39.84
N ALA D 163 -1.79 -24.92 -40.44
CA ALA D 163 -2.48 -23.71 -40.02
C ALA D 163 -3.97 -23.91 -40.19
N ASP D 164 -4.38 -24.45 -41.33
CA ASP D 164 -5.80 -24.70 -41.59
C ASP D 164 -6.35 -25.72 -40.60
N ALA D 165 -5.59 -26.78 -40.36
CA ALA D 165 -5.99 -27.82 -39.43
C ALA D 165 -6.36 -27.23 -38.06
N MET D 166 -5.43 -26.49 -37.47
CA MET D 166 -5.68 -25.88 -36.17
C MET D 166 -6.82 -24.88 -36.23
N MET D 167 -7.02 -24.27 -37.39
CA MET D 167 -8.08 -23.30 -37.57
C MET D 167 -9.43 -23.99 -37.41
N LYS D 168 -9.56 -25.15 -38.06
CA LYS D 168 -10.81 -25.93 -38.00
C LYS D 168 -11.01 -26.50 -36.60
N ALA D 169 -9.94 -27.01 -36.01
CA ALA D 169 -10.00 -27.57 -34.67
C ALA D 169 -10.27 -26.51 -33.60
N GLY D 170 -10.29 -25.25 -34.01
CA GLY D 170 -10.54 -24.17 -33.07
C GLY D 170 -9.41 -23.84 -32.11
N THR D 171 -8.20 -24.27 -32.45
CA THR D 171 -7.03 -24.02 -31.62
C THR D 171 -5.83 -23.55 -32.43
N PRO D 172 -5.94 -22.38 -33.10
CA PRO D 172 -4.88 -21.80 -33.91
C PRO D 172 -3.56 -21.54 -33.18
N GLU D 173 -3.64 -21.29 -31.87
CA GLU D 173 -2.46 -21.03 -31.06
C GLU D 173 -1.43 -22.15 -31.21
N LYS D 174 -1.93 -23.37 -31.34
CA LYS D 174 -1.05 -24.53 -31.46
C LYS D 174 -0.06 -24.43 -32.62
N LEU D 175 -0.40 -23.64 -33.63
CA LEU D 175 0.49 -23.47 -34.77
C LEU D 175 1.78 -22.79 -34.28
N ASP D 176 1.62 -21.89 -33.32
CA ASP D 176 2.73 -21.14 -32.75
C ASP D 176 3.37 -21.84 -31.58
N LEU D 177 2.63 -22.75 -30.95
CA LEU D 177 3.15 -23.42 -29.77
C LEU D 177 3.70 -24.81 -30.01
N ASN D 178 3.08 -25.54 -30.94
CA ASN D 178 3.51 -26.89 -31.28
C ASN D 178 3.96 -26.80 -32.74
N PRO D 179 5.24 -26.49 -32.95
CA PRO D 179 5.89 -26.31 -34.25
C PRO D 179 5.99 -27.48 -35.20
N ILE D 180 5.63 -27.20 -36.46
CA ILE D 180 5.72 -28.16 -37.54
C ILE D 180 6.46 -27.39 -38.62
N GLY D 181 7.68 -27.80 -38.93
CA GLY D 181 8.46 -27.11 -39.93
C GLY D 181 9.04 -28.11 -40.90
N THR D 182 9.96 -27.68 -41.76
CA THR D 182 10.60 -28.55 -42.74
C THR D 182 12.05 -28.77 -42.39
N GLY D 183 12.48 -28.16 -41.29
CA GLY D 183 13.85 -28.23 -40.84
C GLY D 183 14.41 -29.59 -40.50
N PRO D 184 15.74 -29.68 -40.36
CA PRO D 184 16.49 -30.89 -40.04
C PRO D 184 16.10 -31.56 -38.74
N PHE D 185 15.63 -30.81 -37.75
CA PHE D 185 15.22 -31.41 -36.50
C PHE D 185 13.74 -31.20 -36.26
N GLN D 186 13.16 -31.97 -35.34
CA GLN D 186 11.75 -31.81 -35.02
C GLN D 186 11.54 -31.92 -33.52
N LEU D 187 10.86 -30.93 -32.96
CA LEU D 187 10.60 -30.87 -31.53
C LEU D 187 9.93 -32.15 -31.09
N GLN D 188 10.50 -32.78 -30.07
CA GLN D 188 9.93 -34.01 -29.54
C GLN D 188 9.27 -33.70 -28.21
N GLN D 189 9.98 -32.99 -27.34
CA GLN D 189 9.43 -32.65 -26.04
C GLN D 189 10.06 -31.37 -25.49
N TYR D 190 9.24 -30.56 -24.82
CA TYR D 190 9.71 -29.33 -24.23
C TYR D 190 9.24 -29.16 -22.79
N GLN D 191 10.19 -29.16 -21.86
CA GLN D 191 9.89 -28.98 -20.44
C GLN D 191 10.31 -27.56 -20.10
N LYS D 192 9.32 -26.71 -19.85
CA LYS D 192 9.51 -25.29 -19.54
C LYS D 192 10.70 -24.98 -18.64
N ASP D 193 11.54 -24.08 -19.12
CA ASP D 193 12.74 -23.63 -18.41
C ASP D 193 13.64 -24.78 -17.93
N SER D 194 13.64 -25.90 -18.64
CA SER D 194 14.47 -27.02 -18.21
C SER D 194 15.19 -27.73 -19.35
N ARG D 195 14.45 -28.48 -20.18
CA ARG D 195 15.07 -29.21 -21.29
C ARG D 195 14.20 -29.22 -22.51
N ILE D 196 14.84 -29.26 -23.68
CA ILE D 196 14.14 -29.30 -24.95
C ILE D 196 14.80 -30.46 -25.66
N ARG D 197 13.98 -31.38 -26.18
CA ARG D 197 14.50 -32.54 -26.90
C ARG D 197 14.04 -32.50 -28.34
N TYR D 198 14.96 -32.70 -29.26
CA TYR D 198 14.63 -32.72 -30.69
C TYR D 198 15.13 -34.04 -31.26
N LYS D 199 14.45 -34.54 -32.26
CA LYS D 199 14.86 -35.76 -32.95
C LYS D 199 15.21 -35.33 -34.36
N ALA D 200 16.18 -36.01 -34.96
CA ALA D 200 16.56 -35.68 -36.32
C ALA D 200 15.39 -36.07 -37.23
N PHE D 201 15.08 -35.21 -38.19
CA PHE D 201 13.99 -35.47 -39.12
C PHE D 201 14.48 -36.39 -40.23
N ASP D 202 13.82 -37.54 -40.39
CA ASP D 202 14.20 -38.51 -41.42
C ASP D 202 13.85 -38.04 -42.82
N GLY D 203 12.70 -37.38 -42.94
CA GLY D 203 12.27 -36.90 -44.24
C GLY D 203 12.80 -35.54 -44.64
N TYR D 204 13.86 -35.09 -43.97
CA TYR D 204 14.45 -33.78 -44.26
C TYR D 204 14.90 -33.73 -45.72
N TRP D 205 14.61 -32.62 -46.38
CA TRP D 205 14.97 -32.46 -47.77
C TRP D 205 16.48 -32.38 -48.04
N GLY D 206 17.25 -31.94 -47.06
CA GLY D 206 18.67 -31.84 -47.25
C GLY D 206 19.47 -32.95 -46.60
N THR D 207 20.72 -32.65 -46.26
CA THR D 207 21.61 -33.63 -45.62
C THR D 207 21.19 -33.87 -44.17
N LYS D 208 20.75 -35.09 -43.88
CA LYS D 208 20.33 -35.42 -42.52
C LYS D 208 21.46 -35.21 -41.51
N PRO D 209 21.12 -34.67 -40.33
CA PRO D 209 22.12 -34.43 -39.28
C PRO D 209 22.65 -35.74 -38.72
N GLN D 210 23.93 -35.80 -38.44
CA GLN D 210 24.54 -37.02 -37.91
C GLN D 210 24.20 -37.26 -36.44
N ILE D 211 23.55 -36.28 -35.83
CA ILE D 211 23.12 -36.35 -34.44
C ILE D 211 21.70 -36.92 -34.47
N ASP D 212 21.48 -38.04 -33.79
CA ASP D 212 20.16 -38.63 -33.77
C ASP D 212 19.24 -37.86 -32.82
N THR D 213 19.80 -37.34 -31.73
CA THR D 213 19.03 -36.61 -30.73
C THR D 213 19.76 -35.34 -30.27
N LEU D 214 19.03 -34.23 -30.28
CA LEU D 214 19.58 -32.94 -29.86
C LEU D 214 18.85 -32.51 -28.61
N VAL D 215 19.60 -32.15 -27.58
CA VAL D 215 18.99 -31.75 -26.34
C VAL D 215 19.54 -30.43 -25.83
N PHE D 216 18.65 -29.51 -25.50
CA PHE D 216 19.04 -28.22 -24.97
C PHE D 216 18.81 -28.31 -23.48
N SER D 217 19.87 -28.22 -22.68
CA SER D 217 19.73 -28.24 -21.24
C SER D 217 19.84 -26.77 -20.85
N ILE D 218 18.71 -26.17 -20.52
CA ILE D 218 18.67 -24.75 -20.16
C ILE D 218 19.45 -24.49 -18.88
N THR D 219 20.64 -23.95 -19.05
CA THR D 219 21.52 -23.64 -17.93
C THR D 219 21.90 -22.16 -18.00
N PRO D 220 21.13 -21.29 -17.32
CA PRO D 220 21.34 -19.84 -17.30
C PRO D 220 22.60 -19.33 -16.62
N ASP D 221 23.24 -20.15 -15.78
CA ASP D 221 24.46 -19.70 -15.09
C ASP D 221 25.72 -20.07 -15.89
N ALA D 222 26.44 -19.06 -16.35
CA ALA D 222 27.66 -19.26 -17.11
C ALA D 222 28.67 -20.18 -16.42
N SER D 223 28.83 -20.02 -15.11
CA SER D 223 29.78 -20.83 -14.35
C SER D 223 29.35 -22.30 -14.34
N VAL D 224 28.04 -22.51 -14.24
CA VAL D 224 27.50 -23.85 -14.25
C VAL D 224 27.65 -24.46 -15.64
N ARG D 225 27.41 -23.67 -16.67
CA ARG D 225 27.55 -24.18 -18.03
C ARG D 225 28.97 -24.74 -18.16
N TYR D 226 29.95 -23.98 -17.69
CA TYR D 226 31.34 -24.41 -17.76
C TYR D 226 31.49 -25.69 -16.96
N ALA D 227 30.91 -25.72 -15.77
CA ALA D 227 30.98 -26.90 -14.91
C ALA D 227 30.54 -28.11 -15.74
N LYS D 228 29.34 -28.04 -16.27
CA LYS D 228 28.78 -29.12 -17.06
C LYS D 228 29.65 -29.50 -18.25
N LEU D 229 30.30 -28.51 -18.86
CA LEU D 229 31.16 -28.76 -20.01
C LEU D 229 32.31 -29.68 -19.62
N GLN D 230 32.93 -29.37 -18.49
CA GLN D 230 34.05 -30.17 -18.00
C GLN D 230 33.63 -31.61 -17.76
N LYS D 231 32.52 -31.77 -17.05
CA LYS D 231 32.01 -33.10 -16.74
C LYS D 231 31.36 -33.75 -17.96
N ASN D 232 31.54 -33.13 -19.13
CA ASN D 232 30.96 -33.61 -20.37
C ASN D 232 29.47 -33.85 -20.32
N GLU D 233 28.79 -33.16 -19.42
CA GLU D 233 27.35 -33.30 -19.30
C GLU D 233 26.71 -32.44 -20.41
N CYS D 234 27.55 -31.60 -21.02
CA CYS D 234 27.20 -30.71 -22.12
C CYS D 234 28.39 -30.67 -23.06
N GLN D 235 28.18 -30.71 -24.36
CA GLN D 235 29.30 -30.66 -25.27
C GLN D 235 29.55 -29.26 -25.80
N VAL D 236 28.51 -28.42 -25.80
CA VAL D 236 28.66 -27.05 -26.28
C VAL D 236 27.88 -26.10 -25.38
N MET D 237 28.42 -24.90 -25.19
CA MET D 237 27.77 -23.90 -24.35
C MET D 237 28.12 -22.53 -24.93
N PRO D 238 27.21 -21.57 -24.80
CA PRO D 238 27.51 -20.24 -25.35
C PRO D 238 27.85 -19.24 -24.26
N TYR D 239 28.35 -18.09 -24.70
CA TYR D 239 28.66 -16.97 -23.80
C TYR D 239 29.38 -17.35 -22.52
N PRO D 240 30.64 -17.79 -22.65
CA PRO D 240 31.45 -18.16 -21.50
C PRO D 240 31.78 -16.94 -20.66
N ASN D 241 31.88 -17.14 -19.37
CA ASN D 241 32.20 -16.07 -18.44
C ASN D 241 33.62 -15.58 -18.80
N PRO D 242 33.81 -14.27 -19.03
CA PRO D 242 35.14 -13.76 -19.38
C PRO D 242 36.29 -14.23 -18.47
N ALA D 243 36.05 -14.29 -17.17
CA ALA D 243 37.10 -14.75 -16.26
C ALA D 243 37.55 -16.15 -16.66
N ASP D 244 36.59 -17.01 -16.96
CA ASP D 244 36.85 -18.39 -17.34
C ASP D 244 37.57 -18.60 -18.66
N ILE D 245 37.72 -17.56 -19.49
CA ILE D 245 38.39 -17.76 -20.78
C ILE D 245 39.76 -18.39 -20.57
N ALA D 246 40.56 -17.77 -19.70
CA ALA D 246 41.90 -18.24 -19.38
C ALA D 246 41.94 -19.75 -19.22
N ARG D 247 41.20 -20.23 -18.23
CA ARG D 247 41.12 -21.65 -17.94
C ARG D 247 40.77 -22.47 -19.19
N MET D 248 39.68 -22.11 -19.86
CA MET D 248 39.23 -22.81 -21.05
C MET D 248 40.30 -22.96 -22.12
N LYS D 249 41.13 -21.93 -22.28
CA LYS D 249 42.20 -21.99 -23.26
C LYS D 249 43.13 -23.12 -22.81
N GLN D 250 43.52 -23.07 -21.54
CA GLN D 250 44.40 -24.07 -20.94
C GLN D 250 43.81 -25.48 -20.97
N ASP D 251 42.50 -25.59 -20.78
CA ASP D 251 41.85 -26.89 -20.75
C ASP D 251 42.02 -27.60 -22.09
N LYS D 252 42.64 -28.77 -22.04
CA LYS D 252 42.89 -29.58 -23.22
C LYS D 252 41.68 -30.33 -23.76
N SER D 253 40.69 -30.57 -22.90
CA SER D 253 39.48 -31.27 -23.34
C SER D 253 38.50 -30.30 -23.98
N ILE D 254 38.80 -29.01 -23.85
CA ILE D 254 37.96 -27.94 -24.39
C ILE D 254 38.65 -27.24 -25.55
N ASN D 255 37.91 -27.12 -26.65
CA ASN D 255 38.41 -26.43 -27.81
C ASN D 255 37.69 -25.08 -27.81
N LEU D 256 38.35 -24.09 -27.23
CA LEU D 256 37.78 -22.75 -27.13
C LEU D 256 37.88 -22.11 -28.50
N MET D 257 36.77 -22.04 -29.20
CA MET D 257 36.75 -21.44 -30.52
C MET D 257 36.51 -19.95 -30.38
N GLU D 258 37.29 -19.13 -31.08
CA GLU D 258 37.13 -17.69 -30.99
C GLU D 258 37.06 -17.05 -32.37
N MET D 259 36.35 -15.92 -32.46
CA MET D 259 36.16 -15.20 -33.71
C MET D 259 35.66 -13.80 -33.36
N PRO D 260 36.09 -12.77 -34.11
CA PRO D 260 35.65 -11.40 -33.81
C PRO D 260 34.15 -11.24 -34.03
N GLY D 261 33.48 -10.53 -33.14
CA GLY D 261 32.05 -10.38 -33.24
C GLY D 261 31.48 -9.35 -34.19
N LEU D 262 30.20 -9.53 -34.47
CA LEU D 262 29.42 -8.65 -35.34
C LEU D 262 28.27 -8.22 -34.43
N ASN D 263 28.61 -7.65 -33.27
CA ASN D 263 27.61 -7.26 -32.28
C ASN D 263 27.86 -5.91 -31.62
N VAL D 264 26.87 -5.45 -30.86
CA VAL D 264 26.95 -4.19 -30.15
C VAL D 264 26.18 -4.36 -28.87
N GLY D 265 26.52 -3.55 -27.87
CA GLY D 265 25.81 -3.61 -26.61
C GLY D 265 25.60 -2.15 -26.29
N TYR D 266 24.39 -1.76 -25.91
CA TYR D 266 24.15 -0.35 -25.59
C TYR D 266 22.95 -0.18 -24.68
N LEU D 267 22.81 1.03 -24.14
CA LEU D 267 21.71 1.36 -23.25
C LEU D 267 20.79 2.29 -24.03
N SER D 268 19.54 1.92 -24.19
CA SER D 268 18.62 2.78 -24.94
C SER D 268 17.93 3.76 -24.01
N TYR D 269 17.90 5.02 -24.43
CA TYR D 269 17.24 6.05 -23.67
C TYR D 269 15.85 6.12 -24.27
N ASN D 270 14.81 5.91 -23.48
CA ASN D 270 13.45 5.99 -24.02
C ASN D 270 13.16 7.45 -24.26
N VAL D 271 13.52 7.88 -25.46
CA VAL D 271 13.39 9.26 -25.93
C VAL D 271 12.03 9.97 -25.78
N GLN D 272 10.98 9.26 -25.37
CA GLN D 272 9.71 9.94 -25.21
C GLN D 272 9.17 9.77 -23.80
N LYS D 273 10.11 9.68 -22.90
CA LYS D 273 9.88 9.61 -21.46
C LYS D 273 10.74 10.68 -20.81
N LYS D 274 10.18 11.87 -20.74
CA LYS D 274 10.90 13.02 -20.20
C LYS D 274 11.60 12.66 -18.89
N PRO D 275 12.75 13.28 -18.60
CA PRO D 275 13.48 14.30 -19.36
C PRO D 275 14.36 13.75 -20.47
N LEU D 276 14.21 12.47 -20.79
CA LEU D 276 15.04 11.86 -21.82
C LEU D 276 14.77 12.39 -23.22
N ASP D 277 13.75 13.22 -23.35
CA ASP D 277 13.43 13.81 -24.65
C ASP D 277 14.39 14.91 -25.02
N ASP D 278 15.21 15.31 -24.06
CA ASP D 278 16.18 16.39 -24.25
C ASP D 278 17.57 15.88 -24.59
N VAL D 279 18.05 16.22 -25.79
CA VAL D 279 19.37 15.80 -26.23
C VAL D 279 20.38 16.09 -25.14
N LYS D 280 20.32 17.28 -24.59
CA LYS D 280 21.23 17.68 -23.54
C LYS D 280 21.26 16.64 -22.40
N VAL D 281 20.09 16.16 -21.99
CA VAL D 281 20.02 15.18 -20.92
C VAL D 281 20.64 13.86 -21.36
N ARG D 282 20.34 13.43 -22.57
CA ARG D 282 20.89 12.17 -23.05
C ARG D 282 22.41 12.26 -23.09
N GLN D 283 22.93 13.37 -23.58
CA GLN D 283 24.36 13.57 -23.66
C GLN D 283 24.95 13.59 -22.26
N ALA D 284 24.27 14.25 -21.34
CA ALA D 284 24.73 14.34 -19.96
C ALA D 284 24.88 12.95 -19.38
N LEU D 285 23.85 12.13 -19.53
CA LEU D 285 23.88 10.78 -19.01
C LEU D 285 25.02 9.99 -19.60
N THR D 286 25.33 10.26 -20.87
CA THR D 286 26.43 9.58 -21.53
C THR D 286 27.76 10.02 -20.94
N TYR D 287 28.01 11.31 -20.88
CA TYR D 287 29.26 11.82 -20.33
C TYR D 287 29.49 11.36 -18.90
N ALA D 288 28.43 11.23 -18.13
CA ALA D 288 28.58 10.83 -16.74
C ALA D 288 29.06 9.41 -16.53
N VAL D 289 28.96 8.57 -17.55
CA VAL D 289 29.36 7.17 -17.44
C VAL D 289 30.82 6.89 -17.81
N ASN D 290 31.56 6.34 -16.85
CA ASN D 290 32.96 5.99 -17.13
C ASN D 290 32.99 4.66 -17.89
N LYS D 291 32.90 4.78 -19.20
CA LYS D 291 32.86 3.60 -20.06
C LYS D 291 34.05 2.66 -19.92
N ASP D 292 35.26 3.22 -19.85
CA ASP D 292 36.44 2.39 -19.74
C ASP D 292 36.40 1.49 -18.52
N ALA D 293 35.95 2.03 -17.39
CA ALA D 293 35.86 1.24 -16.17
C ALA D 293 35.02 0.00 -16.43
N ILE D 294 33.92 0.18 -17.14
CA ILE D 294 33.00 -0.89 -17.48
C ILE D 294 33.69 -1.97 -18.33
N ILE D 295 34.25 -1.55 -19.45
CA ILE D 295 34.95 -2.48 -20.35
C ILE D 295 35.96 -3.34 -19.59
N LYS D 296 36.70 -2.69 -18.71
CA LYS D 296 37.73 -3.32 -17.90
C LYS D 296 37.16 -4.31 -16.87
N ALA D 297 36.15 -3.88 -16.14
CA ALA D 297 35.54 -4.70 -15.10
C ALA D 297 34.62 -5.81 -15.56
N VAL D 298 33.79 -5.50 -16.55
CA VAL D 298 32.81 -6.43 -17.05
C VAL D 298 33.30 -7.33 -18.18
N TYR D 299 33.74 -6.72 -19.27
CA TYR D 299 34.21 -7.49 -20.43
C TYR D 299 35.55 -8.16 -20.18
N GLN D 300 36.41 -7.50 -19.44
CA GLN D 300 37.73 -8.04 -19.11
C GLN D 300 38.50 -8.49 -20.33
N GLY D 301 38.72 -7.58 -21.27
CA GLY D 301 39.48 -7.93 -22.45
C GLY D 301 38.74 -8.74 -23.51
N ALA D 302 37.54 -9.21 -23.21
CA ALA D 302 36.74 -9.97 -24.18
C ALA D 302 35.99 -9.02 -25.13
N GLY D 303 35.98 -7.73 -24.81
CA GLY D 303 35.29 -6.77 -25.63
C GLY D 303 36.03 -5.44 -25.60
N VAL D 304 35.61 -4.50 -26.43
CA VAL D 304 36.26 -3.20 -26.50
C VAL D 304 35.24 -2.09 -26.53
N SER D 305 35.68 -0.89 -26.12
CA SER D 305 34.82 0.28 -26.10
C SER D 305 34.26 0.49 -27.50
N ALA D 306 32.98 0.81 -27.58
CA ALA D 306 32.31 1.03 -28.85
C ALA D 306 31.83 2.48 -28.96
N LYS D 307 31.85 3.04 -30.16
CA LYS D 307 31.42 4.41 -30.36
C LYS D 307 30.40 4.51 -31.47
N ASN D 308 30.24 3.45 -32.24
CA ASN D 308 29.29 3.42 -33.32
C ASN D 308 28.39 2.21 -33.17
N LEU D 309 27.21 2.29 -33.77
CA LEU D 309 26.26 1.19 -33.69
C LEU D 309 26.83 -0.03 -34.42
N ILE D 310 27.54 0.25 -35.49
CA ILE D 310 28.15 -0.75 -36.34
C ILE D 310 29.56 -1.07 -35.86
N PRO D 311 29.92 -2.38 -35.77
CA PRO D 311 31.26 -2.79 -35.32
C PRO D 311 32.27 -2.61 -36.46
N PRO D 312 33.55 -2.39 -36.14
CA PRO D 312 34.62 -2.20 -37.13
C PRO D 312 34.65 -3.25 -38.22
N THR D 313 34.14 -4.43 -37.90
CA THR D 313 34.09 -5.54 -38.83
C THR D 313 32.97 -5.37 -39.87
N MET D 314 32.24 -4.26 -39.82
CA MET D 314 31.15 -4.00 -40.76
C MET D 314 31.65 -3.00 -41.82
N TRP D 315 31.07 -3.09 -43.02
CA TRP D 315 31.55 -2.28 -44.17
C TRP D 315 30.96 -0.88 -44.30
N GLY D 316 30.79 -0.18 -43.19
CA GLY D 316 30.24 1.19 -43.23
C GLY D 316 30.83 2.04 -42.13
N TYR D 317 31.55 1.39 -41.23
CA TYR D 317 32.16 2.03 -40.07
C TYR D 317 32.80 3.36 -40.36
N ASN D 318 32.31 4.40 -39.70
CA ASN D 318 32.83 5.75 -39.86
C ASN D 318 33.79 5.93 -38.70
N ASP D 319 35.08 5.77 -38.95
CA ASP D 319 36.05 5.92 -37.86
C ASP D 319 36.33 7.37 -37.49
N ASP D 320 35.84 8.31 -38.28
CA ASP D 320 36.08 9.73 -37.99
C ASP D 320 35.30 10.19 -36.76
N VAL D 321 34.20 9.51 -36.48
CA VAL D 321 33.36 9.84 -35.33
C VAL D 321 34.15 9.74 -34.03
N GLN D 322 34.11 10.78 -33.21
CA GLN D 322 34.83 10.74 -31.94
C GLN D 322 33.88 10.50 -30.79
N ASP D 323 34.17 9.47 -30.01
CA ASP D 323 33.33 9.06 -28.86
C ASP D 323 33.24 10.12 -27.79
N TYR D 324 32.21 10.02 -26.96
CA TYR D 324 32.05 10.97 -25.87
C TYR D 324 33.08 10.56 -24.82
N THR D 325 33.52 11.51 -24.01
CA THR D 325 34.50 11.20 -23.00
C THR D 325 33.83 11.15 -21.64
N TYR D 326 34.50 10.52 -20.68
CA TYR D 326 33.97 10.45 -19.33
C TYR D 326 34.27 11.82 -18.76
N ASP D 327 33.24 12.65 -18.57
CA ASP D 327 33.46 13.98 -18.06
C ASP D 327 32.32 14.40 -17.15
N PRO D 328 32.32 13.91 -15.91
CA PRO D 328 31.28 14.21 -14.92
C PRO D 328 30.93 15.68 -14.91
N GLU D 329 31.95 16.53 -14.89
CA GLU D 329 31.74 17.97 -14.86
C GLU D 329 30.85 18.44 -16.01
N LYS D 330 31.16 18.03 -17.23
CA LYS D 330 30.36 18.44 -18.37
C LYS D 330 28.94 17.93 -18.19
N ALA D 331 28.81 16.74 -17.58
CA ALA D 331 27.50 16.17 -17.35
C ALA D 331 26.70 17.11 -16.46
N LYS D 332 27.32 17.51 -15.36
CA LYS D 332 26.69 18.40 -14.40
C LYS D 332 26.27 19.70 -15.10
N ALA D 333 27.15 20.21 -15.96
CA ALA D 333 26.91 21.45 -16.69
C ALA D 333 25.66 21.36 -17.55
N LEU D 334 25.59 20.33 -18.39
CA LEU D 334 24.46 20.14 -19.28
C LEU D 334 23.18 19.97 -18.49
N LEU D 335 23.26 19.24 -17.37
CA LEU D 335 22.10 19.03 -16.54
C LEU D 335 21.64 20.38 -16.02
N LYS D 336 22.58 21.27 -15.75
CA LYS D 336 22.23 22.60 -15.27
C LYS D 336 21.51 23.32 -16.40
N GLU D 337 22.13 23.38 -17.57
CA GLU D 337 21.51 24.05 -18.71
C GLU D 337 20.08 23.58 -18.94
N ALA D 338 19.83 22.29 -18.80
CA ALA D 338 18.48 21.76 -19.01
C ALA D 338 17.51 22.06 -17.88
N GLY D 339 18.02 22.65 -16.81
CA GLY D 339 17.15 23.00 -15.70
C GLY D 339 16.97 21.87 -14.70
N LEU D 340 17.92 20.96 -14.69
CA LEU D 340 17.86 19.82 -13.78
C LEU D 340 19.07 19.74 -12.84
N GLU D 341 19.43 20.86 -12.22
CA GLU D 341 20.57 20.92 -11.29
C GLU D 341 20.38 19.93 -10.15
N LYS D 342 19.17 19.91 -9.60
CA LYS D 342 18.85 19.03 -8.48
C LYS D 342 18.79 17.55 -8.84
N GLY D 343 18.85 17.26 -10.14
CA GLY D 343 18.80 15.87 -10.58
C GLY D 343 17.39 15.33 -10.76
N PHE D 344 17.29 14.03 -10.99
CA PHE D 344 16.00 13.38 -11.20
C PHE D 344 16.17 11.88 -11.05
N SER D 345 15.10 11.13 -11.32
CA SER D 345 15.15 9.69 -11.18
C SER D 345 14.73 8.97 -12.45
N ILE D 346 15.31 7.80 -12.68
CA ILE D 346 14.98 6.99 -13.86
C ILE D 346 15.24 5.54 -13.54
N ASP D 347 14.61 4.65 -14.29
CA ASP D 347 14.87 3.25 -14.06
C ASP D 347 15.93 2.77 -15.05
N LEU D 348 16.58 1.67 -14.73
CA LEU D 348 17.61 1.14 -15.58
C LEU D 348 17.29 -0.33 -15.66
N TRP D 349 16.85 -0.77 -16.83
CA TRP D 349 16.52 -2.16 -17.03
C TRP D 349 17.75 -2.93 -17.47
N ALA D 350 17.93 -4.10 -16.88
CA ALA D 350 19.06 -4.96 -17.19
C ALA D 350 18.51 -6.38 -17.30
N MET D 351 18.92 -7.12 -18.32
CA MET D 351 18.41 -8.49 -18.47
C MET D 351 19.15 -9.44 -17.55
N PRO D 352 18.47 -10.51 -17.12
CA PRO D 352 19.04 -11.53 -16.24
C PRO D 352 19.79 -12.66 -16.93
N VAL D 353 19.95 -12.58 -18.24
CA VAL D 353 20.67 -13.64 -18.96
C VAL D 353 21.93 -13.07 -19.58
N GLN D 354 22.90 -13.92 -19.86
CA GLN D 354 24.13 -13.42 -20.48
C GLN D 354 23.82 -13.27 -21.95
N ARG D 355 24.41 -12.27 -22.56
CA ARG D 355 24.19 -12.05 -23.98
C ARG D 355 25.55 -11.89 -24.64
N PRO D 356 25.64 -12.26 -25.92
CA PRO D 356 26.89 -12.16 -26.67
C PRO D 356 27.53 -10.79 -26.55
N TYR D 357 26.72 -9.75 -26.41
CA TYR D 357 27.22 -8.39 -26.31
C TYR D 357 27.31 -7.85 -24.88
N ASN D 358 26.80 -8.60 -23.91
CA ASN D 358 26.84 -8.13 -22.52
C ASN D 358 26.95 -9.32 -21.59
N PRO D 359 28.18 -9.64 -21.15
CA PRO D 359 28.54 -10.74 -20.25
C PRO D 359 27.80 -10.73 -18.92
N ASN D 360 27.50 -9.55 -18.40
CA ASN D 360 26.84 -9.44 -17.10
C ASN D 360 26.17 -8.07 -16.97
N ALA D 361 24.99 -7.94 -17.55
CA ALA D 361 24.26 -6.67 -17.52
C ALA D 361 23.98 -6.26 -16.09
N ARG D 362 23.82 -7.24 -15.23
CA ARG D 362 23.52 -6.99 -13.83
C ARG D 362 24.59 -6.13 -13.19
N ARG D 363 25.84 -6.55 -13.30
CA ARG D 363 26.93 -5.78 -12.71
C ARG D 363 27.12 -4.47 -13.45
N MET D 364 26.95 -4.48 -14.76
CA MET D 364 27.11 -3.27 -15.53
C MET D 364 26.11 -2.22 -15.04
N ALA D 365 24.91 -2.67 -14.69
CA ALA D 365 23.88 -1.76 -14.24
C ALA D 365 24.31 -1.05 -12.97
N GLU D 366 24.88 -1.80 -12.04
CA GLU D 366 25.31 -1.23 -10.77
C GLU D 366 26.35 -0.15 -10.96
N MET D 367 27.26 -0.38 -11.91
CA MET D 367 28.30 0.60 -12.18
C MET D 367 27.72 1.87 -12.78
N ILE D 368 26.78 1.73 -13.71
CA ILE D 368 26.16 2.89 -14.32
C ILE D 368 25.35 3.64 -13.27
N GLN D 369 24.69 2.88 -12.41
CA GLN D 369 23.90 3.46 -11.36
C GLN D 369 24.80 4.35 -10.49
N ALA D 370 25.91 3.78 -10.03
CA ALA D 370 26.86 4.49 -9.20
C ALA D 370 27.38 5.74 -9.90
N ASP D 371 27.70 5.61 -11.17
CA ASP D 371 28.22 6.75 -11.91
C ASP D 371 27.19 7.85 -11.97
N TRP D 372 25.96 7.50 -12.32
CA TRP D 372 24.90 8.49 -12.43
C TRP D 372 24.60 9.16 -11.10
N ALA D 373 24.73 8.40 -10.02
CA ALA D 373 24.49 8.95 -8.70
C ALA D 373 25.43 10.11 -8.43
N LYS D 374 26.64 10.03 -8.98
CA LYS D 374 27.63 11.09 -8.78
C LYS D 374 27.23 12.43 -9.40
N VAL D 375 26.28 12.44 -10.31
CA VAL D 375 25.84 13.71 -10.89
C VAL D 375 24.40 13.99 -10.47
N GLY D 376 23.94 13.31 -9.43
CA GLY D 376 22.60 13.54 -8.94
C GLY D 376 21.43 12.87 -9.63
N VAL D 377 21.69 11.80 -10.36
CA VAL D 377 20.61 11.09 -11.02
C VAL D 377 20.42 9.79 -10.27
N GLN D 378 19.26 9.63 -9.63
CA GLN D 378 19.02 8.42 -8.86
C GLN D 378 18.41 7.35 -9.74
N ALA D 379 19.12 6.24 -9.94
CA ALA D 379 18.60 5.18 -10.81
C ALA D 379 18.10 3.95 -10.08
N LYS D 380 16.97 3.42 -10.54
CA LYS D 380 16.40 2.21 -9.96
C LYS D 380 16.64 1.11 -10.99
N ILE D 381 17.43 0.11 -10.63
CA ILE D 381 17.72 -0.97 -11.55
C ILE D 381 16.56 -1.95 -11.51
N VAL D 382 16.00 -2.27 -12.67
CA VAL D 382 14.85 -3.17 -12.74
C VAL D 382 15.11 -4.31 -13.71
N THR D 383 14.83 -5.54 -13.28
CA THR D 383 15.03 -6.68 -14.17
C THR D 383 13.87 -7.68 -14.07
N TYR D 384 13.38 -8.09 -15.24
CA TYR D 384 12.30 -9.05 -15.38
C TYR D 384 12.91 -10.28 -16.06
N GLU D 385 12.18 -11.38 -16.10
CA GLU D 385 12.65 -12.59 -16.78
C GLU D 385 12.92 -12.18 -18.23
N TRP D 386 13.94 -12.78 -18.84
CA TRP D 386 14.33 -12.48 -20.23
C TRP D 386 13.17 -12.23 -21.19
N GLY D 387 12.21 -13.15 -21.25
CA GLY D 387 11.09 -13.00 -22.15
C GLY D 387 10.22 -11.79 -21.86
N GLU D 388 9.80 -11.67 -20.61
CA GLU D 388 8.96 -10.58 -20.16
C GLU D 388 9.68 -9.26 -20.40
N TYR D 389 10.97 -9.26 -20.12
CA TYR D 389 11.86 -8.11 -20.28
C TYR D 389 11.70 -7.54 -21.66
N LEU D 390 11.82 -8.39 -22.67
CA LEU D 390 11.68 -7.96 -24.05
C LEU D 390 10.27 -7.48 -24.36
N LYS D 391 9.27 -8.26 -23.94
CA LYS D 391 7.88 -7.90 -24.19
C LYS D 391 7.61 -6.46 -23.73
N ARG D 392 7.90 -6.19 -22.46
CA ARG D 392 7.64 -4.87 -21.91
C ARG D 392 8.49 -3.77 -22.53
N ALA D 393 9.74 -4.08 -22.84
CA ALA D 393 10.63 -3.09 -23.43
C ALA D 393 9.98 -2.58 -24.70
N LYS D 394 9.48 -3.51 -25.50
CA LYS D 394 8.82 -3.19 -26.76
C LYS D 394 7.63 -2.28 -26.53
N ASP D 395 6.84 -2.57 -25.48
CA ASP D 395 5.68 -1.75 -25.17
C ASP D 395 6.05 -0.38 -24.60
N GLY D 396 7.34 -0.15 -24.40
CA GLY D 396 7.79 1.14 -23.91
C GLY D 396 7.61 1.42 -22.43
N GLU D 397 7.58 0.39 -21.62
CA GLU D 397 7.41 0.57 -20.17
C GLU D 397 8.62 1.15 -19.45
N HIS D 398 9.77 1.04 -20.08
CA HIS D 398 11.03 1.49 -19.49
C HIS D 398 11.35 2.93 -19.79
N GLN D 399 12.36 3.44 -19.11
CA GLN D 399 12.86 4.77 -19.34
C GLN D 399 14.27 4.57 -19.91
N THR D 400 14.92 3.49 -19.47
CA THR D 400 16.27 3.14 -19.89
C THR D 400 16.40 1.61 -19.91
N VAL D 401 16.96 1.04 -20.98
CA VAL D 401 17.12 -0.41 -21.11
C VAL D 401 18.45 -0.88 -21.65
N MET D 402 18.94 -1.98 -21.09
CA MET D 402 20.19 -2.56 -21.56
C MET D 402 19.77 -3.36 -22.76
N MET D 403 20.45 -3.17 -23.87
CA MET D 403 20.11 -3.91 -25.08
C MET D 403 21.36 -4.17 -25.91
N GLY D 404 21.19 -4.87 -27.02
CA GLY D 404 22.32 -5.16 -27.88
C GLY D 404 21.87 -5.84 -29.16
N TRP D 405 22.80 -6.19 -30.04
CA TRP D 405 22.41 -6.80 -31.29
C TRP D 405 23.56 -7.60 -31.88
N THR D 406 23.20 -8.53 -32.76
CA THR D 406 24.16 -9.36 -33.48
C THR D 406 23.59 -9.33 -34.88
N GLY D 407 24.41 -8.93 -35.85
CA GLY D 407 23.92 -8.86 -37.22
C GLY D 407 23.13 -10.07 -37.64
N ASP D 408 22.15 -9.88 -38.49
CA ASP D 408 21.33 -11.00 -38.96
C ASP D 408 21.62 -11.37 -40.40
N ASN D 409 22.14 -10.43 -41.17
CA ASN D 409 22.40 -10.66 -42.59
C ASN D 409 23.66 -9.96 -43.10
N GLY D 410 24.49 -9.46 -42.19
CA GLY D 410 25.71 -8.79 -42.61
C GLY D 410 25.53 -7.48 -43.37
N ASP D 411 24.38 -6.83 -43.28
CA ASP D 411 24.13 -5.56 -43.97
C ASP D 411 23.85 -4.46 -42.98
N PRO D 412 24.49 -3.29 -43.13
CA PRO D 412 24.29 -2.17 -42.22
C PRO D 412 22.82 -1.85 -41.96
N ASP D 413 21.99 -2.10 -42.95
CA ASP D 413 20.57 -1.83 -42.80
C ASP D 413 20.02 -2.54 -41.58
N ASN D 414 20.38 -3.80 -41.43
CA ASN D 414 19.91 -4.61 -40.31
C ASN D 414 20.26 -4.01 -38.96
N PHE D 415 21.17 -3.04 -38.95
CA PHE D 415 21.57 -2.39 -37.74
C PHE D 415 20.88 -1.04 -37.56
N PHE D 416 21.18 -0.10 -38.46
CA PHE D 416 20.60 1.23 -38.38
C PHE D 416 19.09 1.27 -38.52
N ALA D 417 18.57 0.70 -39.59
CA ALA D 417 17.14 0.69 -39.83
C ALA D 417 16.35 -0.14 -38.84
N THR D 418 16.60 -1.44 -38.84
CA THR D 418 15.90 -2.36 -37.97
C THR D 418 15.91 -1.93 -36.50
N LEU D 419 16.92 -1.19 -36.08
CA LEU D 419 17.02 -0.77 -34.69
C LEU D 419 16.73 0.67 -34.33
N PHE D 420 16.87 1.59 -35.27
CA PHE D 420 16.62 2.99 -34.95
C PHE D 420 15.77 3.77 -35.95
N SER D 421 14.93 3.09 -36.71
CA SER D 421 14.09 3.76 -37.69
C SER D 421 12.77 4.13 -37.05
N CYS D 422 11.98 4.97 -37.73
CA CYS D 422 10.68 5.36 -37.19
C CYS D 422 9.78 4.15 -37.24
N ALA D 423 9.84 3.41 -38.33
CA ALA D 423 9.01 2.23 -38.46
C ALA D 423 9.30 1.33 -37.29
N ALA D 424 10.57 1.25 -36.92
CA ALA D 424 10.97 0.41 -35.81
C ALA D 424 10.59 0.99 -34.45
N SER D 425 10.39 2.31 -34.37
CA SER D 425 10.03 2.92 -33.10
C SER D 425 8.58 2.64 -32.78
N GLU D 426 7.77 2.40 -33.80
CA GLU D 426 6.36 2.12 -33.60
C GLU D 426 6.06 0.68 -33.25
N GLN D 427 6.46 -0.26 -34.10
CA GLN D 427 6.19 -1.68 -33.82
C GLN D 427 7.44 -2.57 -33.84
N GLY D 428 8.62 -1.97 -33.79
CA GLY D 428 9.83 -2.76 -33.88
C GLY D 428 10.73 -2.80 -32.66
N SER D 429 12.02 -3.05 -32.89
CA SER D 429 12.99 -3.16 -31.82
C SER D 429 13.68 -1.86 -31.42
N ASN D 430 13.18 -0.74 -31.92
CA ASN D 430 13.74 0.56 -31.59
C ASN D 430 13.24 0.90 -30.19
N TYR D 431 13.84 0.28 -29.18
CA TYR D 431 13.43 0.52 -27.81
C TYR D 431 13.73 1.91 -27.29
N SER D 432 14.38 2.72 -28.10
CA SER D 432 14.67 4.10 -27.72
C SER D 432 13.51 4.96 -28.19
N LYS D 433 12.60 4.37 -28.95
CA LYS D 433 11.43 5.08 -29.48
C LYS D 433 11.86 6.40 -30.13
N TRP D 434 13.03 6.35 -30.77
CA TRP D 434 13.62 7.50 -31.43
C TRP D 434 13.27 7.51 -32.90
N CYS D 435 12.72 8.61 -33.38
CA CYS D 435 12.34 8.76 -34.79
C CYS D 435 12.76 10.16 -35.17
N TYR D 436 13.76 10.27 -36.04
CA TYR D 436 14.33 11.57 -36.41
C TYR D 436 14.52 11.72 -37.91
N LYS D 437 13.84 12.70 -38.51
CA LYS D 437 13.91 12.90 -39.97
C LYS D 437 15.32 12.90 -40.60
N PRO D 438 16.24 13.75 -40.10
CA PRO D 438 17.60 13.80 -40.66
C PRO D 438 18.23 12.43 -40.77
N PHE D 439 17.88 11.53 -39.85
CA PHE D 439 18.41 10.18 -39.85
C PHE D 439 17.70 9.42 -40.97
N GLU D 440 16.38 9.42 -40.93
CA GLU D 440 15.59 8.74 -41.95
C GLU D 440 16.08 9.10 -43.35
N ASP D 441 16.37 10.39 -43.55
CA ASP D 441 16.82 10.89 -44.84
C ASP D 441 18.10 10.25 -45.36
N LEU D 442 18.86 9.63 -44.47
CA LEU D 442 20.09 8.96 -44.85
C LEU D 442 19.82 7.47 -44.98
N ILE D 443 19.32 6.90 -43.89
CA ILE D 443 19.03 5.48 -43.80
C ILE D 443 18.09 4.93 -44.90
N GLN D 444 17.02 5.64 -45.23
CA GLN D 444 16.08 5.15 -46.24
C GLN D 444 16.65 5.06 -47.66
N PRO D 445 17.24 6.15 -48.17
CA PRO D 445 17.81 6.10 -49.52
C PRO D 445 18.90 5.03 -49.60
N ALA D 446 19.68 4.90 -48.54
CA ALA D 446 20.73 3.91 -48.50
C ALA D 446 20.23 2.50 -48.75
N ARG D 447 18.93 2.28 -48.58
CA ARG D 447 18.36 0.95 -48.79
C ARG D 447 17.97 0.69 -50.24
N ALA D 448 17.66 1.75 -50.98
CA ALA D 448 17.23 1.60 -52.36
C ALA D 448 18.30 1.46 -53.44
N THR D 449 19.42 2.16 -53.30
CA THR D 449 20.47 2.09 -54.32
C THR D 449 21.26 0.80 -54.35
N ASP D 450 21.75 0.47 -55.55
CA ASP D 450 22.58 -0.72 -55.74
C ASP D 450 24.04 -0.25 -55.79
N ASP D 451 24.22 1.07 -55.75
CA ASP D 451 25.53 1.70 -55.78
C ASP D 451 26.19 1.60 -54.40
N HIS D 452 26.85 0.48 -54.15
CA HIS D 452 27.49 0.23 -52.87
C HIS D 452 28.23 1.42 -52.28
N ASN D 453 28.78 2.30 -53.11
CA ASN D 453 29.52 3.44 -52.59
C ASN D 453 28.62 4.51 -52.00
N LYS D 454 27.46 4.74 -52.61
CA LYS D 454 26.54 5.73 -52.08
C LYS D 454 26.07 5.19 -50.74
N ARG D 455 25.86 3.88 -50.67
CA ARG D 455 25.43 3.25 -49.43
C ARG D 455 26.47 3.53 -48.33
N VAL D 456 27.74 3.34 -48.67
CA VAL D 456 28.79 3.59 -47.69
C VAL D 456 28.78 5.04 -47.21
N GLU D 457 28.67 5.98 -48.13
CA GLU D 457 28.68 7.39 -47.74
C GLU D 457 27.50 7.71 -46.83
N LEU D 458 26.34 7.17 -47.18
CA LEU D 458 25.13 7.40 -46.41
C LEU D 458 25.25 6.83 -45.00
N TYR D 459 25.53 5.54 -44.88
CA TYR D 459 25.66 4.95 -43.57
C TYR D 459 26.73 5.64 -42.70
N LYS D 460 27.76 6.21 -43.33
CA LYS D 460 28.78 6.88 -42.56
C LYS D 460 28.20 8.15 -41.95
N GLN D 461 27.43 8.89 -42.75
CA GLN D 461 26.82 10.11 -42.25
C GLN D 461 25.86 9.78 -41.12
N ALA D 462 25.15 8.67 -41.28
CA ALA D 462 24.18 8.23 -40.28
C ALA D 462 24.82 8.10 -38.91
N GLN D 463 26.02 7.53 -38.88
CA GLN D 463 26.72 7.36 -37.62
C GLN D 463 27.00 8.69 -36.95
N VAL D 464 27.17 9.73 -37.75
CA VAL D 464 27.42 11.06 -37.17
C VAL D 464 26.15 11.52 -36.50
N VAL D 465 25.07 11.57 -37.29
CA VAL D 465 23.75 12.00 -36.83
C VAL D 465 23.40 11.30 -35.53
N MET D 466 23.57 9.99 -35.54
CA MET D 466 23.26 9.19 -34.38
C MET D 466 24.11 9.63 -33.20
N HIS D 467 25.39 9.87 -33.45
CA HIS D 467 26.27 10.30 -32.37
C HIS D 467 25.76 11.58 -31.74
N ASP D 468 25.50 12.58 -32.58
CA ASP D 468 25.05 13.86 -32.10
C ASP D 468 23.74 13.79 -31.35
N GLN D 469 22.85 12.93 -31.79
CA GLN D 469 21.55 12.83 -31.14
C GLN D 469 21.52 11.97 -29.89
N ALA D 470 22.54 11.14 -29.68
CA ALA D 470 22.58 10.33 -28.48
C ALA D 470 21.30 9.56 -28.16
N PRO D 471 20.72 8.84 -29.12
CA PRO D 471 19.51 8.12 -28.75
C PRO D 471 19.80 6.92 -27.86
N ALA D 472 21.07 6.57 -27.74
CA ALA D 472 21.46 5.44 -26.92
C ALA D 472 22.89 5.60 -26.50
N LEU D 473 23.27 4.91 -25.43
CA LEU D 473 24.63 4.97 -24.92
C LEU D 473 25.32 3.73 -25.47
N ILE D 474 26.05 3.88 -26.58
CA ILE D 474 26.76 2.75 -27.18
C ILE D 474 27.88 2.32 -26.23
N ILE D 475 27.84 1.08 -25.78
CA ILE D 475 28.82 0.59 -24.83
C ILE D 475 29.99 -0.20 -25.39
N ALA D 476 29.75 -1.39 -25.94
CA ALA D 476 30.87 -2.20 -26.43
C ALA D 476 30.48 -3.24 -27.48
N HIS D 477 31.54 -3.60 -28.20
CA HIS D 477 31.56 -4.67 -29.19
C HIS D 477 32.31 -5.82 -28.54
N SER D 478 31.76 -7.00 -28.60
CA SER D 478 32.37 -8.14 -27.92
C SER D 478 32.94 -9.18 -28.86
N THR D 479 33.95 -9.91 -28.39
CA THR D 479 34.57 -10.96 -29.18
C THR D 479 33.83 -12.25 -28.88
N VAL D 480 33.64 -13.07 -29.90
CA VAL D 480 32.92 -14.33 -29.74
C VAL D 480 33.81 -15.50 -29.32
N PHE D 481 33.43 -16.15 -28.24
CA PHE D 481 34.16 -17.31 -27.74
C PHE D 481 33.15 -18.44 -27.56
N GLU D 482 33.27 -19.51 -28.31
CA GLU D 482 32.35 -20.63 -28.18
C GLU D 482 33.14 -21.85 -27.71
N PRO D 483 32.98 -22.22 -26.44
CA PRO D 483 33.69 -23.40 -25.91
C PRO D 483 33.05 -24.63 -26.51
N VAL D 484 33.85 -25.54 -27.04
CA VAL D 484 33.31 -26.76 -27.62
C VAL D 484 34.12 -27.98 -27.19
N ARG D 485 33.45 -29.03 -26.74
CA ARG D 485 34.15 -30.24 -26.34
C ARG D 485 34.90 -30.79 -27.55
N LYS D 486 36.10 -31.31 -27.31
CA LYS D 486 36.93 -31.86 -28.39
C LYS D 486 36.28 -33.00 -29.13
N GLU D 487 35.39 -33.71 -28.45
CA GLU D 487 34.69 -34.84 -29.05
C GLU D 487 33.75 -34.39 -30.18
N VAL D 488 33.45 -33.10 -30.23
CA VAL D 488 32.53 -32.59 -31.24
C VAL D 488 33.23 -32.18 -32.51
N LYS D 489 32.87 -32.82 -33.61
CA LYS D 489 33.48 -32.54 -34.89
C LYS D 489 32.60 -31.73 -35.83
N GLY D 490 33.23 -30.79 -36.52
CA GLY D 490 32.53 -29.97 -37.50
C GLY D 490 31.73 -28.76 -37.06
N TYR D 491 32.04 -28.23 -35.87
CA TYR D 491 31.31 -27.06 -35.39
C TYR D 491 31.88 -25.83 -36.06
N VAL D 492 31.00 -24.92 -36.46
CA VAL D 492 31.40 -23.69 -37.12
C VAL D 492 30.79 -22.52 -36.35
N VAL D 493 31.63 -21.59 -35.93
CA VAL D 493 31.16 -20.43 -35.19
C VAL D 493 30.46 -19.51 -36.18
N ASP D 494 29.17 -19.28 -35.97
CA ASP D 494 28.37 -18.45 -36.85
C ASP D 494 28.47 -16.97 -36.51
N PRO D 495 28.98 -16.14 -37.44
CA PRO D 495 29.09 -14.71 -37.18
C PRO D 495 27.73 -14.09 -36.89
N LEU D 496 26.69 -14.68 -37.46
CA LEU D 496 25.33 -14.19 -37.28
C LEU D 496 24.76 -14.59 -35.92
N GLY D 497 25.60 -15.18 -35.07
CA GLY D 497 25.17 -15.54 -33.74
C GLY D 497 24.34 -16.77 -33.47
N LYS D 498 24.12 -17.61 -34.48
CA LYS D 498 23.34 -18.82 -34.26
C LYS D 498 24.24 -19.98 -33.83
N HIS D 499 23.63 -21.02 -33.29
CA HIS D 499 24.36 -22.20 -32.87
C HIS D 499 23.78 -23.37 -33.67
N HIS D 500 24.44 -23.68 -34.78
CA HIS D 500 24.02 -24.76 -35.69
C HIS D 500 24.51 -26.14 -35.32
N PHE D 501 23.60 -27.11 -35.27
CA PHE D 501 23.98 -28.48 -34.91
C PHE D 501 23.69 -29.54 -35.98
N GLU D 502 23.21 -29.13 -37.15
CA GLU D 502 22.91 -30.09 -38.22
C GLU D 502 24.22 -30.69 -38.71
N ASN D 503 25.13 -29.82 -39.12
CA ASN D 503 26.43 -30.17 -39.65
C ASN D 503 27.36 -30.88 -38.67
N VAL D 504 27.07 -30.75 -37.38
CA VAL D 504 27.90 -31.34 -36.34
C VAL D 504 27.78 -32.85 -36.18
N SER D 505 28.85 -33.46 -35.68
CA SER D 505 28.90 -34.90 -35.43
C SER D 505 29.80 -35.18 -34.24
N ILE D 506 29.20 -35.66 -33.16
CA ILE D 506 29.97 -36.02 -31.98
C ILE D 506 30.16 -37.53 -32.12
N GLU D 507 31.22 -38.08 -31.56
CA GLU D 507 31.44 -39.52 -31.68
C GLU D 507 32.24 -40.07 -30.49
#